data_8VWP
#
_entry.id   8VWP
#
loop_
_entity.id
_entity.type
_entity.pdbx_description
1 polymer 'Langya virus attachment (G) protein'
2 non-polymer 2-acetamido-2-deoxy-beta-D-glucopyranose
#
_entity_poly.entity_id   1
_entity_poly.type   'polypeptide(L)'
_entity_poly.pdbx_seq_one_letter_code
;LKAIQAMLKIIQDEVNSLKEMLVSLDQLVKTEIKPKVSLINTAVSVSIPAQISNLQTKVLQKLVYLEESITKQCT(UNK)
(UNK)(UNK)(UNK)(UNK)(UNK)(UNK)(UNK)(UNK)(UNK)(UNK)(UNK)(UNK)(UNK)(UNK)(UNK)(UNK)
(UNK)(UNK)(UNK)(UNK)(UNK)(UNK)DTTDDDKVDTTIKPVEYYKPDGCNKTNDHFTMQPGVNFYTVPNLGPSSSS
ADECYTNPSFSIGSSIYMFSQEIRKTDCTTGEILSIQIVLGRIVDKGQQGPQASPLLVWSVPNPKIINSCAVAAGDETGW
VLCSVTLTAASGEPIPHMFDGFWLYKFEPDTEVVAYRITGFAYLLDKVYDSVFIGKGGGIQRGNDLYFQMFGLSRNRQSI
KALCEHGSCL(UNK)(UNK)(UNK)(UNK)GGYQVLCDRAVMSFGSEESLISNAYLKVNDVASGKPTIISQTFPPSDSYK
GSNGRIYTIGERYGIYLAPSSWNRYLRFGLTPDISVRSTTWLKEKDPIMKVLTTCTNTDKDMCPEICNTRGYQDIFPLSE
DSSFYTYIGITPSNEGTKSFVAVKDDAGHVASITILPNYYSITSATISCFMYKEEIWCIAVTEGRKQKENPQRIYAHSYR
VQKMCFNI
;
_entity_poly.pdbx_strand_id   A,B,C,D
#
loop_
_chem_comp.id
_chem_comp.type
_chem_comp.name
_chem_comp.formula
NAG D-saccharide, beta linking 2-acetamido-2-deoxy-beta-D-glucopyranose 'C8 H15 N O6'
#
# COMPACT_ATOMS: atom_id res chain seq x y z
N LEU A 8 -38.06 -23.91 22.04
CA LEU A 8 -38.28 -23.17 20.76
C LEU A 8 -37.96 -21.70 20.96
N LYS A 9 -38.21 -21.17 22.16
CA LYS A 9 -37.87 -19.75 22.46
C LYS A 9 -36.34 -19.58 22.35
N ILE A 10 -35.59 -20.54 22.88
CA ILE A 10 -34.10 -20.48 22.81
C ILE A 10 -33.69 -20.47 21.33
N ILE A 11 -34.40 -21.23 20.49
CA ILE A 11 -34.10 -21.23 19.03
C ILE A 11 -34.41 -19.83 18.48
N GLN A 12 -35.65 -19.36 18.66
CA GLN A 12 -36.02 -18.01 18.19
C GLN A 12 -35.09 -17.00 18.87
N ASP A 13 -34.38 -17.43 19.90
CA ASP A 13 -33.41 -16.55 20.55
C ASP A 13 -32.02 -16.71 19.96
N GLU A 14 -31.62 -17.94 19.66
CA GLU A 14 -30.29 -18.16 19.12
C GLU A 14 -30.18 -17.60 17.70
N VAL A 15 -31.26 -17.70 16.93
CA VAL A 15 -31.28 -17.13 15.59
C VAL A 15 -31.17 -15.61 15.67
N ASN A 16 -31.87 -15.00 16.63
CA ASN A 16 -31.79 -13.56 16.78
C ASN A 16 -30.37 -13.11 17.14
N SER A 17 -29.67 -13.93 17.92
CA SER A 17 -28.28 -13.63 18.26
C SER A 17 -27.40 -13.62 17.01
N LEU A 18 -27.62 -14.60 16.13
CA LEU A 18 -26.88 -14.64 14.88
C LEU A 18 -27.15 -13.40 14.05
N LYS A 19 -28.40 -12.94 14.04
CA LYS A 19 -28.72 -11.75 13.27
C LYS A 19 -27.92 -10.55 13.75
N GLU A 20 -27.83 -10.37 15.07
CA GLU A 20 -27.10 -9.22 15.58
C GLU A 20 -25.62 -9.29 15.23
N MET A 21 -25.03 -10.48 15.33
CA MET A 21 -23.58 -10.69 15.04
C MET A 21 -23.32 -10.48 13.55
N LEU A 22 -24.23 -10.94 12.69
CA LEU A 22 -24.04 -10.83 11.26
C LEU A 22 -24.18 -9.37 10.82
N VAL A 23 -25.13 -8.64 11.39
CA VAL A 23 -25.30 -7.25 11.05
C VAL A 23 -24.07 -6.45 11.46
N SER A 24 -23.55 -6.71 12.66
CA SER A 24 -22.39 -6.00 13.15
C SER A 24 -21.19 -6.22 12.22
N LEU A 25 -20.98 -7.46 11.80
CA LEU A 25 -19.88 -7.78 10.90
C LEU A 25 -20.05 -7.11 9.55
N ASP A 26 -21.27 -7.12 9.02
CA ASP A 26 -21.52 -6.51 7.73
C ASP A 26 -21.28 -5.00 7.78
N GLN A 27 -21.67 -4.37 8.89
CA GLN A 27 -21.46 -2.95 9.06
C GLN A 27 -19.97 -2.62 9.14
N LEU A 28 -19.20 -3.47 9.81
CA LEU A 28 -17.76 -3.25 9.93
C LEU A 28 -17.07 -3.26 8.57
N VAL A 29 -17.42 -4.24 7.75
CA VAL A 29 -16.80 -4.36 6.45
C VAL A 29 -17.17 -3.17 5.54
N LYS A 30 -18.44 -2.76 5.56
CA LYS A 30 -18.88 -1.62 4.75
C LYS A 30 -18.42 -0.26 5.28
N THR A 31 -18.32 -0.12 6.61
CA THR A 31 -18.00 1.16 7.22
C THR A 31 -16.50 1.43 7.33
N GLU A 32 -15.72 0.46 7.76
CA GLU A 32 -14.31 0.71 7.99
C GLU A 32 -13.42 0.19 6.88
N ILE A 33 -13.58 -1.07 6.51
CA ILE A 33 -12.63 -1.69 5.60
C ILE A 33 -12.80 -1.25 4.15
N LYS A 34 -14.00 -1.36 3.60
CA LYS A 34 -14.14 -0.98 2.20
C LYS A 34 -13.56 0.42 1.92
N PRO A 35 -13.96 1.51 2.61
CA PRO A 35 -13.41 2.85 2.48
C PRO A 35 -11.89 2.93 2.54
N LYS A 36 -11.28 2.27 3.54
CA LYS A 36 -9.84 2.36 3.63
C LYS A 36 -9.14 1.67 2.47
N VAL A 37 -9.69 0.54 2.02
CA VAL A 37 -9.07 -0.16 0.90
C VAL A 37 -9.10 0.72 -0.34
N SER A 38 -10.22 1.42 -0.57
CA SER A 38 -10.31 2.32 -1.71
C SER A 38 -9.30 3.46 -1.63
N LEU A 39 -9.10 4.02 -0.43
CA LEU A 39 -8.13 5.11 -0.27
C LEU A 39 -6.71 4.63 -0.55
N ILE A 40 -6.40 3.41 -0.12
CA ILE A 40 -5.07 2.85 -0.34
C ILE A 40 -4.85 2.62 -1.83
N ASN A 41 -5.84 2.06 -2.53
CA ASN A 41 -5.69 1.85 -3.96
C ASN A 41 -5.28 3.12 -4.67
N THR A 42 -5.93 4.23 -4.36
CA THR A 42 -5.57 5.49 -4.99
C THR A 42 -4.15 5.91 -4.61
N ALA A 43 -3.81 5.78 -3.33
CA ALA A 43 -2.49 6.22 -2.89
C ALA A 43 -1.37 5.48 -3.61
N VAL A 44 -1.50 4.18 -3.80
CA VAL A 44 -0.42 3.42 -4.42
C VAL A 44 -0.44 3.47 -5.95
N SER A 45 -1.63 3.49 -6.54
CA SER A 45 -1.74 3.45 -7.99
C SER A 45 -1.68 4.80 -8.68
N VAL A 46 -2.04 5.88 -7.98
CA VAL A 46 -2.06 7.20 -8.58
C VAL A 46 -1.14 8.22 -7.90
N SER A 47 -1.33 8.42 -6.60
CA SER A 47 -0.64 9.52 -5.93
C SER A 47 0.85 9.33 -5.76
N ILE A 48 1.30 8.15 -5.32
CA ILE A 48 2.73 7.95 -5.17
C ILE A 48 3.46 8.05 -6.50
N PRO A 49 3.05 7.36 -7.58
CA PRO A 49 3.64 7.48 -8.89
C PRO A 49 3.75 8.93 -9.35
N ALA A 50 2.75 9.76 -9.05
CA ALA A 50 2.80 11.15 -9.42
C ALA A 50 3.90 11.89 -8.69
N GLN A 51 4.09 11.55 -7.41
CA GLN A 51 5.10 12.23 -6.60
C GLN A 51 6.50 11.87 -7.06
N ILE A 52 6.70 10.59 -7.40
CA ILE A 52 8.01 10.14 -7.84
C ILE A 52 8.34 10.75 -9.19
N SER A 53 7.36 10.81 -10.09
CA SER A 53 7.56 11.41 -11.40
C SER A 53 7.98 12.87 -11.31
N ASN A 54 7.32 13.64 -10.42
CA ASN A 54 7.67 15.05 -10.28
C ASN A 54 9.10 15.21 -9.76
N LEU A 55 9.51 14.32 -8.86
CA LEU A 55 10.88 14.34 -8.35
C LEU A 55 11.86 14.12 -9.47
N GLN A 56 11.61 13.12 -10.31
CA GLN A 56 12.50 12.79 -11.39
C GLN A 56 12.71 13.97 -12.32
N THR A 57 11.64 14.65 -12.67
CA THR A 57 11.74 15.76 -13.59
C THR A 57 12.58 16.90 -13.03
N LYS A 58 12.33 17.27 -11.78
CA LYS A 58 13.06 18.39 -11.20
C LYS A 58 14.55 18.11 -11.03
N VAL A 59 14.90 16.89 -10.62
CA VAL A 59 16.30 16.57 -10.41
C VAL A 59 17.04 16.55 -11.73
N LEU A 60 16.46 15.92 -12.75
CA LEU A 60 17.14 15.83 -14.02
C LEU A 60 17.33 17.20 -14.66
N GLN A 61 16.35 18.09 -14.51
CA GLN A 61 16.49 19.42 -15.10
C GLN A 61 17.63 20.20 -14.45
N LYS A 62 17.80 20.08 -13.14
CA LYS A 62 18.93 20.76 -12.46
C LYS A 62 20.25 20.21 -13.02
N LEU A 63 20.33 18.88 -13.20
CA LEU A 63 21.57 18.29 -13.68
C LEU A 63 21.91 18.82 -15.07
N VAL A 64 20.89 19.10 -15.89
CA VAL A 64 21.12 19.68 -17.20
C VAL A 64 21.76 21.05 -17.09
N TYR A 65 21.29 21.86 -16.15
CA TYR A 65 21.89 23.18 -15.98
C TYR A 65 23.34 23.08 -15.53
N LEU A 66 23.67 22.08 -14.71
CA LEU A 66 25.06 21.92 -14.33
C LEU A 66 25.91 21.57 -15.54
N GLU A 67 25.40 20.73 -16.45
CA GLU A 67 26.18 20.40 -17.63
C GLU A 67 26.47 21.66 -18.44
N GLU A 68 25.46 22.53 -18.58
CA GLU A 68 25.65 23.77 -19.32
C GLU A 68 26.65 24.68 -18.63
N SER A 69 26.56 24.77 -17.30
CA SER A 69 27.43 25.66 -16.56
C SER A 69 28.89 25.28 -16.72
N ILE A 70 29.18 23.99 -16.53
CA ILE A 70 30.60 23.52 -16.56
C ILE A 70 31.24 23.97 -17.87
N THR A 71 30.68 23.54 -19.00
CA THR A 71 31.28 23.85 -20.33
C THR A 71 31.46 25.36 -20.50
N LYS A 72 30.42 26.16 -20.20
CA LYS A 72 30.51 27.62 -20.45
C LYS A 72 31.48 28.29 -19.47
N GLN A 73 31.33 28.03 -18.17
CA GLN A 73 32.17 28.71 -17.15
C GLN A 73 33.63 28.30 -17.32
N CYS A 74 33.88 27.01 -17.56
CA CYS A 74 35.28 26.56 -17.81
C CYS A 74 35.73 27.11 -19.16
N THR A 75 34.87 27.00 -20.19
CA THR A 75 35.23 27.48 -21.55
N ASP A 99 -0.04 27.98 -16.34
CA ASP A 99 -0.43 29.05 -15.38
C ASP A 99 -1.73 28.65 -14.70
N THR A 100 -2.71 29.57 -14.67
CA THR A 100 -3.99 29.30 -13.97
C THR A 100 -4.80 28.06 -14.39
N THR A 101 -4.63 27.59 -15.63
CA THR A 101 -5.35 26.39 -16.11
C THR A 101 -5.39 24.98 -15.52
N ASP A 102 -4.32 24.60 -14.82
CA ASP A 102 -4.25 23.29 -14.17
C ASP A 102 -4.57 23.35 -12.69
N ASP A 103 -4.92 24.53 -12.17
CA ASP A 103 -5.12 24.68 -10.74
C ASP A 103 -6.29 23.88 -10.20
N ASP A 104 -7.30 23.65 -11.03
CA ASP A 104 -8.49 22.94 -10.61
C ASP A 104 -8.42 21.45 -10.92
N LYS A 105 -7.23 20.99 -11.30
CA LYS A 105 -7.04 19.57 -11.71
C LYS A 105 -6.49 18.72 -10.57
N VAL A 106 -6.96 17.48 -10.44
CA VAL A 106 -6.50 16.56 -9.42
C VAL A 106 -5.20 15.88 -9.85
N ASP A 107 -5.14 15.54 -11.13
CA ASP A 107 -4.01 14.84 -11.72
C ASP A 107 -3.71 15.44 -13.08
N THR A 108 -2.52 16.01 -13.23
CA THR A 108 -2.14 16.78 -14.40
C THR A 108 -1.25 16.00 -15.38
N THR A 109 -1.22 14.68 -15.26
CA THR A 109 -0.38 13.85 -16.13
C THR A 109 -0.69 14.03 -17.62
N ILE A 110 -1.97 14.12 -18.01
CA ILE A 110 -2.30 14.28 -19.42
C ILE A 110 -3.17 15.51 -19.70
N LYS A 111 -3.16 15.95 -20.95
CA LYS A 111 -3.99 17.06 -21.40
C LYS A 111 -4.72 16.69 -22.70
N PRO A 112 -5.81 17.37 -23.05
CA PRO A 112 -6.46 17.32 -24.36
C PRO A 112 -5.45 17.66 -25.44
N VAL A 113 -5.66 17.12 -26.64
CA VAL A 113 -4.68 17.28 -27.72
C VAL A 113 -4.52 18.70 -28.21
N GLU A 114 -3.25 19.14 -28.25
CA GLU A 114 -2.90 20.48 -28.81
C GLU A 114 -2.16 20.18 -30.11
N TYR A 115 -2.78 20.45 -31.25
CA TYR A 115 -2.28 20.07 -32.57
C TYR A 115 -0.94 20.74 -32.87
N TYR A 116 -0.06 20.02 -33.56
CA TYR A 116 1.25 20.54 -33.91
C TYR A 116 1.10 21.56 -35.02
N LYS A 117 1.95 22.60 -35.01
CA LYS A 117 1.92 23.62 -36.04
C LYS A 117 3.26 23.70 -36.75
N PRO A 118 3.29 24.06 -38.04
CA PRO A 118 4.46 24.17 -38.88
C PRO A 118 5.26 25.43 -38.60
N ASP A 119 5.77 25.53 -37.39
CA ASP A 119 6.48 26.72 -36.99
C ASP A 119 7.88 26.73 -37.59
N GLY A 120 8.08 27.61 -38.56
CA GLY A 120 9.34 27.70 -39.29
C GLY A 120 9.43 26.80 -40.55
N CYS A 121 8.32 26.14 -40.93
CA CYS A 121 8.25 25.23 -42.08
C CYS A 121 7.43 25.89 -43.20
N ASN A 122 7.56 27.20 -43.28
CA ASN A 122 6.90 28.03 -44.29
C ASN A 122 7.87 28.48 -45.40
N LYS A 123 9.05 27.82 -45.49
CA LYS A 123 10.12 28.10 -46.43
C LYS A 123 9.93 27.33 -47.72
N THR A 124 10.59 27.79 -48.77
CA THR A 124 10.56 27.10 -50.05
C THR A 124 11.16 25.70 -49.91
N ASN A 125 10.47 24.70 -50.46
CA ASN A 125 10.91 23.31 -50.44
C ASN A 125 11.17 22.77 -49.03
N ASP A 126 10.32 23.14 -48.08
CA ASP A 126 10.48 22.65 -46.72
C ASP A 126 9.13 22.08 -46.28
N HIS A 127 9.05 20.76 -46.19
CA HIS A 127 7.77 20.07 -45.99
C HIS A 127 7.52 19.62 -44.55
N PHE A 128 6.41 20.09 -43.99
CA PHE A 128 6.00 19.76 -42.63
C PHE A 128 5.18 18.49 -42.62
N THR A 129 5.59 17.52 -41.82
CA THR A 129 4.88 16.25 -41.78
C THR A 129 4.84 15.64 -40.38
N MET A 130 4.07 14.57 -40.24
CA MET A 130 4.02 13.82 -39.00
C MET A 130 4.17 12.33 -39.27
N GLN A 131 4.91 11.65 -38.41
CA GLN A 131 5.12 10.21 -38.57
C GLN A 131 4.98 9.52 -37.22
N PRO A 132 4.56 8.25 -37.17
CA PRO A 132 4.48 7.44 -35.98
C PRO A 132 5.88 7.03 -35.53
N GLY A 133 6.05 6.77 -34.25
CA GLY A 133 7.32 6.27 -33.74
C GLY A 133 7.47 4.79 -34.04
N VAL A 134 8.61 4.22 -33.68
CA VAL A 134 8.89 2.82 -34.02
C VAL A 134 8.44 1.84 -32.96
N ASN A 135 8.04 2.35 -31.82
CA ASN A 135 7.63 1.50 -30.71
C ASN A 135 6.13 1.40 -30.62
N PHE A 136 5.67 0.27 -30.09
CA PHE A 136 4.25 0.04 -29.85
C PHE A 136 4.16 -0.67 -28.51
N TYR A 137 4.00 0.11 -27.44
CA TYR A 137 4.15 -0.38 -26.08
C TYR A 137 2.89 -0.98 -25.51
N THR A 138 3.03 -1.99 -24.67
CA THR A 138 1.87 -2.56 -23.99
C THR A 138 1.34 -1.66 -22.88
N VAL A 139 0.01 -1.59 -22.78
CA VAL A 139 -0.66 -0.90 -21.69
C VAL A 139 -1.54 -1.90 -20.94
N PRO A 140 -0.99 -2.62 -19.95
CA PRO A 140 -1.59 -3.74 -19.27
C PRO A 140 -2.68 -3.28 -18.34
N ASN A 141 -3.60 -4.17 -18.04
CA ASN A 141 -4.64 -3.92 -17.05
C ASN A 141 -5.49 -2.69 -17.34
N LEU A 142 -5.88 -2.48 -18.60
CA LEU A 142 -6.78 -1.39 -18.92
C LEU A 142 -8.12 -1.68 -18.24
N GLY A 143 -8.44 -2.98 -18.18
CA GLY A 143 -9.63 -3.49 -17.53
C GLY A 143 -9.40 -4.98 -17.27
N PRO A 144 -10.33 -5.60 -16.49
CA PRO A 144 -10.19 -6.99 -16.11
C PRO A 144 -10.44 -7.99 -17.25
N SER A 145 -10.02 -9.23 -17.05
CA SER A 145 -10.22 -10.29 -18.03
C SER A 145 -10.45 -11.64 -17.36
N SER A 146 -10.44 -12.70 -18.15
CA SER A 146 -10.65 -14.06 -17.65
C SER A 146 -10.03 -15.13 -18.54
N SER A 147 -9.93 -16.36 -18.02
CA SER A 147 -9.38 -17.49 -18.75
C SER A 147 -10.39 -18.46 -19.36
N SER A 148 -11.65 -18.37 -18.97
CA SER A 148 -12.62 -19.36 -19.45
C SER A 148 -12.75 -19.33 -20.96
N ALA A 149 -12.73 -20.52 -21.57
CA ALA A 149 -12.82 -20.65 -23.02
C ALA A 149 -14.26 -20.51 -23.50
N ASP A 150 -15.19 -20.45 -22.56
CA ASP A 150 -16.59 -20.33 -22.90
C ASP A 150 -17.01 -18.88 -22.96
N GLU A 151 -16.07 -17.97 -22.69
CA GLU A 151 -16.38 -16.56 -22.69
C GLU A 151 -15.63 -15.86 -23.82
N CYS A 152 -16.27 -14.85 -24.42
CA CYS A 152 -15.70 -14.03 -25.49
C CYS A 152 -15.86 -12.55 -25.16
N TYR A 153 -14.78 -11.80 -25.28
CA TYR A 153 -14.81 -10.37 -25.00
C TYR A 153 -14.89 -9.59 -26.30
N THR A 154 -15.94 -8.81 -26.45
CA THR A 154 -16.14 -8.07 -27.68
C THR A 154 -16.75 -6.70 -27.51
N ASN A 155 -16.94 -6.01 -28.62
CA ASN A 155 -17.56 -4.70 -28.68
C ASN A 155 -17.05 -3.71 -27.65
N PRO A 156 -15.74 -3.41 -27.62
CA PRO A 156 -15.13 -2.47 -26.73
C PRO A 156 -15.54 -1.06 -27.08
N SER A 157 -15.67 -0.23 -26.06
CA SER A 157 -15.94 1.19 -26.23
C SER A 157 -15.00 1.93 -25.32
N PHE A 158 -14.15 2.77 -25.90
CA PHE A 158 -13.10 3.44 -25.14
C PHE A 158 -13.03 4.93 -25.42
N SER A 159 -12.95 5.72 -24.36
CA SER A 159 -12.85 7.17 -24.49
C SER A 159 -11.99 7.80 -23.42
N ILE A 160 -11.16 8.75 -23.82
CA ILE A 160 -10.29 9.46 -22.88
C ILE A 160 -10.73 10.89 -22.71
N GLY A 161 -10.94 11.29 -21.46
CA GLY A 161 -11.39 12.63 -21.12
C GLY A 161 -10.21 13.51 -20.76
N SER A 162 -10.43 14.46 -19.85
CA SER A 162 -9.37 15.40 -19.49
C SER A 162 -8.34 14.83 -18.52
N SER A 163 -8.67 13.70 -17.90
CA SER A 163 -7.79 13.07 -16.92
C SER A 163 -8.11 11.59 -16.77
N ILE A 164 -9.38 11.27 -16.91
CA ILE A 164 -9.90 9.93 -16.70
C ILE A 164 -10.25 9.26 -18.00
N TYR A 165 -10.39 7.95 -17.96
CA TYR A 165 -10.83 7.23 -19.13
C TYR A 165 -12.01 6.34 -18.78
N MET A 166 -12.84 6.08 -19.78
CA MET A 166 -13.93 5.14 -19.67
C MET A 166 -13.72 3.99 -20.60
N PHE A 167 -13.94 2.78 -20.10
CA PHE A 167 -13.83 1.55 -20.94
C PHE A 167 -15.03 0.65 -20.63
N SER A 168 -15.52 -0.07 -21.64
CA SER A 168 -16.67 -0.98 -21.46
C SER A 168 -16.49 -2.18 -22.38
N GLN A 169 -16.75 -3.40 -21.89
CA GLN A 169 -16.50 -4.62 -22.71
C GLN A 169 -17.67 -5.56 -22.53
N GLU A 170 -18.21 -6.09 -23.61
CA GLU A 170 -19.27 -7.08 -23.49
C GLU A 170 -18.70 -8.46 -23.38
N ILE A 171 -19.28 -9.28 -22.49
CA ILE A 171 -18.81 -10.69 -22.33
C ILE A 171 -19.94 -11.61 -22.80
N ARG A 172 -19.75 -12.29 -23.93
CA ARG A 172 -20.76 -13.16 -24.50
C ARG A 172 -20.38 -14.62 -24.42
N LYS A 173 -21.39 -15.48 -24.40
CA LYS A 173 -21.18 -16.90 -24.30
C LYS A 173 -20.87 -17.55 -25.65
N THR A 174 -19.75 -18.26 -25.70
CA THR A 174 -19.29 -19.08 -26.83
C THR A 174 -19.09 -18.39 -28.19
N ASP A 175 -20.17 -17.87 -28.78
CA ASP A 175 -20.18 -17.50 -30.21
C ASP A 175 -19.73 -16.07 -30.59
N CYS A 176 -19.36 -15.22 -29.61
CA CYS A 176 -18.85 -13.83 -29.79
C CYS A 176 -19.82 -12.81 -30.42
N THR A 177 -20.49 -13.17 -31.51
CA THR A 177 -21.37 -12.23 -32.21
C THR A 177 -22.85 -12.48 -31.99
N THR A 178 -23.23 -13.75 -31.92
CA THR A 178 -24.64 -14.12 -31.80
C THR A 178 -24.95 -14.80 -30.48
N GLY A 179 -23.98 -14.81 -29.57
CA GLY A 179 -24.13 -15.49 -28.29
C GLY A 179 -24.89 -14.63 -27.29
N GLU A 180 -25.27 -15.25 -26.18
CA GLU A 180 -25.97 -14.55 -25.11
C GLU A 180 -25.03 -13.63 -24.35
N ILE A 181 -25.54 -12.49 -23.89
CA ILE A 181 -24.72 -11.61 -23.10
C ILE A 181 -24.72 -12.10 -21.67
N LEU A 182 -23.53 -12.34 -21.14
CA LEU A 182 -23.40 -12.81 -19.78
C LEU A 182 -23.22 -11.62 -18.87
N SER A 183 -22.54 -10.59 -19.39
CA SER A 183 -22.26 -9.41 -18.54
C SER A 183 -21.65 -8.26 -19.33
N ILE A 184 -21.89 -7.01 -18.91
CA ILE A 184 -21.23 -5.83 -19.52
C ILE A 184 -20.43 -5.19 -18.40
N GLN A 185 -19.15 -4.89 -18.61
CA GLN A 185 -18.32 -4.38 -17.48
C GLN A 185 -17.80 -2.99 -17.82
N ILE A 186 -18.00 -2.03 -16.90
CA ILE A 186 -17.54 -0.62 -17.13
C ILE A 186 -16.37 -0.34 -16.18
N VAL A 187 -15.25 0.16 -16.70
CA VAL A 187 -14.03 0.36 -15.86
C VAL A 187 -13.59 1.82 -15.91
N LEU A 188 -13.94 2.59 -14.89
CA LEU A 188 -13.53 3.99 -14.79
C LEU A 188 -12.13 4.02 -14.19
N GLY A 189 -11.23 4.74 -14.81
CA GLY A 189 -9.87 4.81 -14.29
C GLY A 189 -9.14 6.04 -14.75
N ARG A 190 -7.86 6.11 -14.40
CA ARG A 190 -7.05 7.27 -14.72
C ARG A 190 -5.82 6.91 -15.55
N ILE A 191 -5.33 7.86 -16.35
CA ILE A 191 -4.08 7.63 -17.07
C ILE A 191 -2.92 8.24 -16.29
N VAL A 192 -1.93 7.42 -15.95
CA VAL A 192 -0.83 7.85 -15.10
C VAL A 192 0.56 7.50 -15.66
N ASP A 193 1.58 8.13 -15.06
CA ASP A 193 2.99 7.87 -15.37
C ASP A 193 3.62 6.96 -14.33
N LYS A 194 3.97 5.74 -14.71
CA LYS A 194 4.51 4.76 -13.77
C LYS A 194 6.00 4.46 -13.98
N GLY A 195 6.70 5.33 -14.70
CA GLY A 195 8.14 5.11 -14.90
C GLY A 195 8.46 4.19 -16.06
N GLN A 196 7.48 3.96 -16.92
CA GLN A 196 7.64 3.11 -18.09
C GLN A 196 7.87 3.97 -19.31
N GLN A 197 8.04 3.35 -20.48
CA GLN A 197 8.36 4.12 -21.70
C GLN A 197 7.13 4.89 -22.20
N GLY A 198 5.91 4.44 -21.89
CA GLY A 198 4.69 5.13 -22.29
C GLY A 198 3.75 5.26 -21.10
N PRO A 199 2.56 5.83 -21.30
CA PRO A 199 1.51 6.04 -20.32
C PRO A 199 0.92 4.71 -19.93
N GLN A 200 0.40 4.60 -18.69
CA GLN A 200 -0.19 3.37 -18.20
C GLN A 200 -1.56 3.60 -17.57
N ALA A 201 -2.40 2.58 -17.59
CA ALA A 201 -3.75 2.67 -17.02
C ALA A 201 -3.76 2.38 -15.51
N SER A 202 -4.69 3.02 -14.81
CA SER A 202 -4.90 2.79 -13.38
C SER A 202 -6.39 2.77 -12.99
N PRO A 203 -7.05 1.61 -13.00
CA PRO A 203 -8.46 1.43 -12.67
C PRO A 203 -8.80 1.91 -11.26
N LEU A 204 -9.93 2.62 -11.13
CA LEU A 204 -10.40 3.10 -9.84
C LEU A 204 -11.73 2.47 -9.44
N LEU A 205 -12.60 2.29 -10.42
CA LEU A 205 -13.95 1.77 -10.19
C LEU A 205 -14.39 0.78 -11.27
N VAL A 206 -14.75 -0.44 -10.88
CA VAL A 206 -15.26 -1.43 -11.86
C VAL A 206 -16.73 -1.73 -11.54
N TRP A 207 -17.60 -1.75 -12.56
CA TRP A 207 -19.05 -1.94 -12.30
C TRP A 207 -19.66 -2.89 -13.33
N SER A 208 -20.71 -3.62 -12.96
CA SER A 208 -21.36 -4.60 -13.87
C SER A 208 -22.84 -4.23 -14.06
N VAL A 209 -23.24 -3.84 -15.27
CA VAL A 209 -24.59 -3.41 -15.58
C VAL A 209 -25.58 -4.53 -15.24
N PRO A 210 -26.63 -4.27 -14.45
CA PRO A 210 -27.64 -5.22 -14.06
C PRO A 210 -28.51 -5.59 -15.24
N ASN A 211 -29.04 -6.82 -15.23
CA ASN A 211 -29.94 -7.30 -16.27
C ASN A 211 -29.41 -7.07 -17.69
N PRO A 212 -28.20 -7.53 -18.03
CA PRO A 212 -27.53 -7.33 -19.30
C PRO A 212 -28.28 -7.98 -20.47
N LYS A 213 -29.13 -8.93 -20.15
CA LYS A 213 -29.87 -9.69 -21.14
C LYS A 213 -30.89 -8.86 -21.92
N ILE A 214 -31.26 -7.68 -21.41
CA ILE A 214 -32.25 -6.86 -22.10
C ILE A 214 -31.62 -5.63 -22.73
N ILE A 215 -30.31 -5.66 -22.94
CA ILE A 215 -29.62 -4.53 -23.56
C ILE A 215 -29.22 -4.80 -25.00
N ASN A 216 -29.55 -3.87 -25.89
CA ASN A 216 -29.18 -3.98 -27.29
C ASN A 216 -27.71 -3.58 -27.43
N SER A 217 -27.36 -2.44 -26.85
CA SER A 217 -25.96 -2.00 -26.84
C SER A 217 -25.72 -0.84 -25.86
N CYS A 218 -24.47 -0.67 -25.42
CA CYS A 218 -24.01 0.42 -24.56
C CYS A 218 -22.80 1.12 -25.18
N ALA A 219 -22.64 2.40 -24.86
CA ALA A 219 -21.45 3.15 -25.28
C ALA A 219 -21.06 4.16 -24.22
N VAL A 220 -19.79 4.58 -24.21
CA VAL A 220 -19.32 5.49 -23.17
C VAL A 220 -18.99 6.88 -23.69
N ALA A 221 -18.91 7.82 -22.77
CA ALA A 221 -18.49 9.20 -23.02
C ALA A 221 -17.76 9.71 -21.77
N ALA A 222 -16.88 10.68 -21.91
CA ALA A 222 -16.18 11.20 -20.72
C ALA A 222 -15.87 12.67 -20.83
N GLY A 223 -15.87 13.35 -19.69
CA GLY A 223 -15.53 14.77 -19.59
C GLY A 223 -14.50 15.03 -18.50
N ASP A 224 -14.83 15.96 -17.60
CA ASP A 224 -13.92 16.35 -16.51
C ASP A 224 -14.27 15.63 -15.21
N GLU A 225 -13.55 14.55 -14.95
CA GLU A 225 -13.76 13.70 -13.76
C GLU A 225 -15.15 13.06 -13.68
N THR A 226 -15.91 13.13 -14.77
CA THR A 226 -17.22 12.50 -14.84
C THR A 226 -17.33 11.61 -16.07
N GLY A 227 -17.80 10.39 -15.89
CA GLY A 227 -18.04 9.49 -17.00
C GLY A 227 -19.51 9.24 -17.21
N TRP A 228 -19.90 8.95 -18.45
CA TRP A 228 -21.29 8.64 -18.75
C TRP A 228 -21.42 7.37 -19.57
N VAL A 229 -22.49 6.63 -19.33
CA VAL A 229 -22.82 5.47 -20.15
C VAL A 229 -24.26 5.49 -20.62
N LEU A 230 -24.47 5.33 -21.92
CA LEU A 230 -25.83 5.29 -22.45
C LEU A 230 -26.10 3.92 -23.04
N CYS A 231 -27.17 3.25 -22.57
CA CYS A 231 -27.56 1.90 -23.00
C CYS A 231 -28.96 1.90 -23.58
N SER A 232 -29.11 1.24 -24.72
CA SER A 232 -30.42 1.07 -25.34
C SER A 232 -30.97 -0.27 -24.93
N VAL A 233 -32.22 -0.30 -24.48
CA VAL A 233 -32.83 -1.54 -24.01
C VAL A 233 -34.02 -1.95 -24.82
N THR A 234 -34.39 -3.22 -24.65
CA THR A 234 -35.45 -3.84 -25.43
C THR A 234 -36.65 -4.26 -24.59
N LEU A 235 -37.61 -4.87 -25.26
CA LEU A 235 -38.86 -5.36 -24.67
C LEU A 235 -38.67 -6.74 -24.09
N THR A 236 -39.52 -7.09 -23.14
CA THR A 236 -39.52 -8.43 -22.60
C THR A 236 -40.89 -9.09 -22.81
N ALA A 237 -40.93 -10.43 -22.76
CA ALA A 237 -42.14 -11.23 -22.92
C ALA A 237 -42.86 -11.35 -21.58
N GLU A 241 -37.75 -13.12 -19.97
CA GLU A 241 -37.10 -13.44 -21.24
C GLU A 241 -37.30 -12.26 -22.23
N PRO A 242 -36.21 -11.70 -22.86
CA PRO A 242 -36.21 -10.59 -23.81
C PRO A 242 -36.76 -10.98 -25.17
N ILE A 243 -37.25 -9.99 -25.90
CA ILE A 243 -37.66 -10.15 -27.28
C ILE A 243 -36.61 -9.48 -28.17
N PRO A 244 -35.79 -10.24 -28.91
CA PRO A 244 -34.65 -9.76 -29.67
C PRO A 244 -34.79 -8.51 -30.54
N HIS A 245 -33.85 -7.60 -30.36
CA HIS A 245 -33.77 -6.34 -31.10
C HIS A 245 -35.11 -5.54 -31.37
N MET A 246 -35.68 -5.18 -30.24
CA MET A 246 -36.97 -4.48 -30.19
C MET A 246 -36.49 -3.26 -29.40
N PHE A 247 -37.26 -2.19 -29.39
CA PHE A 247 -36.83 -0.98 -28.68
C PHE A 247 -37.80 -0.53 -27.58
N ASP A 248 -37.24 -0.21 -26.40
CA ASP A 248 -38.03 0.29 -25.27
C ASP A 248 -37.31 1.33 -24.41
N GLY A 249 -36.81 2.38 -25.03
CA GLY A 249 -36.18 3.47 -24.29
C GLY A 249 -34.72 3.21 -23.95
N PHE A 250 -34.17 4.07 -23.09
CA PHE A 250 -32.75 4.05 -22.77
C PHE A 250 -32.47 4.13 -21.27
N TRP A 251 -31.29 3.70 -20.86
CA TRP A 251 -30.77 3.95 -19.52
C TRP A 251 -29.53 4.80 -19.58
N LEU A 252 -29.41 5.74 -18.66
CA LEU A 252 -28.21 6.57 -18.59
C LEU A 252 -27.56 6.40 -17.23
N TYR A 253 -26.25 6.18 -17.20
CA TYR A 253 -25.56 6.02 -15.92
C TYR A 253 -24.47 7.07 -15.75
N LYS A 254 -24.37 7.61 -14.55
CA LYS A 254 -23.35 8.61 -14.24
C LYS A 254 -22.28 8.05 -13.30
N PHE A 255 -21.03 8.12 -13.72
CA PHE A 255 -19.91 7.59 -12.95
C PHE A 255 -18.98 8.68 -12.44
N GLU A 256 -18.70 8.66 -11.14
CA GLU A 256 -17.76 9.61 -10.54
C GLU A 256 -16.78 8.85 -9.64
N PRO A 257 -15.54 9.33 -9.46
CA PRO A 257 -14.54 8.79 -8.55
C PRO A 257 -15.03 8.75 -7.11
N ASP A 258 -14.77 7.64 -6.42
CA ASP A 258 -15.12 7.45 -5.02
C ASP A 258 -16.57 7.81 -4.73
N THR A 259 -17.44 7.47 -5.65
CA THR A 259 -18.85 7.82 -5.57
C THR A 259 -19.71 6.68 -6.10
N GLU A 260 -20.96 6.61 -5.66
CA GLU A 260 -21.88 5.59 -6.17
C GLU A 260 -22.36 5.96 -7.58
N VAL A 261 -22.77 4.94 -8.35
CA VAL A 261 -23.26 5.15 -9.70
C VAL A 261 -24.73 5.52 -9.69
N VAL A 262 -25.08 6.59 -10.41
CA VAL A 262 -26.47 7.04 -10.46
C VAL A 262 -27.13 6.68 -11.77
N ALA A 263 -28.26 5.98 -11.69
CA ALA A 263 -28.94 5.53 -12.90
C ALA A 263 -30.20 6.33 -13.17
N TYR A 264 -30.47 6.58 -14.45
CA TYR A 264 -31.69 7.27 -14.86
C TYR A 264 -32.41 6.46 -15.93
N ARG A 265 -33.73 6.41 -15.85
CA ARG A 265 -34.52 5.77 -16.90
C ARG A 265 -35.08 6.81 -17.84
N ILE A 266 -34.81 6.68 -19.13
CA ILE A 266 -35.34 7.61 -20.11
C ILE A 266 -36.36 6.89 -20.97
N THR A 267 -37.63 7.07 -20.66
CA THR A 267 -38.68 6.40 -21.40
C THR A 267 -39.94 7.24 -21.46
N GLY A 268 -41.02 6.67 -21.96
CA GLY A 268 -42.26 7.42 -22.05
C GLY A 268 -42.10 8.61 -22.97
N PHE A 269 -42.35 9.79 -22.43
CA PHE A 269 -42.27 11.02 -23.21
C PHE A 269 -40.94 11.73 -23.00
N ALA A 270 -40.00 11.05 -22.37
CA ALA A 270 -38.69 11.61 -22.10
C ALA A 270 -37.81 11.56 -23.35
N TYR A 271 -38.27 10.88 -24.39
CA TYR A 271 -37.49 10.88 -25.61
C TYR A 271 -38.39 11.06 -26.81
N LEU A 272 -37.81 11.64 -27.86
CA LEU A 272 -38.49 11.88 -29.11
C LEU A 272 -37.58 11.56 -30.28
N LEU A 273 -37.96 10.60 -31.10
CA LEU A 273 -37.12 10.27 -32.22
C LEU A 273 -37.72 10.88 -33.48
N ASP A 274 -36.84 11.31 -34.38
CA ASP A 274 -37.21 11.92 -35.65
C ASP A 274 -38.09 11.00 -36.48
N LYS A 275 -37.63 9.77 -36.67
CA LYS A 275 -38.37 8.79 -37.44
C LYS A 275 -38.87 7.74 -36.48
N VAL A 276 -39.84 6.94 -36.89
CA VAL A 276 -40.29 5.87 -36.02
C VAL A 276 -39.34 4.71 -36.13
N TYR A 277 -38.75 4.31 -35.00
CA TYR A 277 -37.81 3.21 -34.98
C TYR A 277 -38.38 1.97 -34.34
N ASP A 278 -38.10 0.82 -34.95
CA ASP A 278 -38.49 -0.46 -34.39
C ASP A 278 -37.35 -1.01 -33.56
N SER A 279 -36.13 -0.67 -33.95
CA SER A 279 -34.93 -1.17 -33.26
C SER A 279 -33.82 -0.13 -33.22
N VAL A 280 -33.34 0.19 -32.03
CA VAL A 280 -32.30 1.21 -31.84
C VAL A 280 -31.05 0.71 -31.14
N PHE A 281 -29.91 1.01 -31.73
CA PHE A 281 -28.60 0.68 -31.18
C PHE A 281 -27.77 1.94 -30.98
N ILE A 282 -26.93 1.93 -29.94
CA ILE A 282 -26.01 3.03 -29.70
C ILE A 282 -24.68 2.71 -30.36
N GLY A 283 -24.13 3.67 -31.11
CA GLY A 283 -22.89 3.46 -31.84
C GLY A 283 -21.74 3.10 -30.91
N LYS A 284 -21.06 2.02 -31.27
CA LYS A 284 -19.96 1.45 -30.51
C LYS A 284 -18.84 2.41 -30.14
N GLY A 285 -18.51 3.34 -31.01
CA GLY A 285 -17.35 4.19 -30.78
C GLY A 285 -17.46 5.15 -29.61
N GLY A 286 -18.66 5.45 -29.15
CA GLY A 286 -18.81 6.36 -28.01
C GLY A 286 -19.21 7.77 -28.41
N GLY A 287 -19.42 8.59 -27.39
CA GLY A 287 -19.91 9.96 -27.57
C GLY A 287 -19.06 10.98 -26.82
N ILE A 288 -19.55 12.22 -26.80
CA ILE A 288 -18.84 13.34 -26.18
C ILE A 288 -19.74 14.13 -25.25
N GLN A 289 -19.15 14.93 -24.37
CA GLN A 289 -19.92 15.87 -23.56
C GLN A 289 -19.52 17.30 -23.86
N ARG A 290 -20.52 18.12 -24.17
CA ARG A 290 -20.30 19.54 -24.45
C ARG A 290 -21.22 20.36 -23.58
N GLY A 291 -20.65 21.09 -22.63
CA GLY A 291 -21.49 21.83 -21.71
C GLY A 291 -22.36 20.86 -20.91
N ASN A 292 -23.66 21.05 -20.99
CA ASN A 292 -24.62 20.23 -20.25
C ASN A 292 -25.34 19.19 -21.12
N ASP A 293 -24.83 18.94 -22.33
CA ASP A 293 -25.46 17.95 -23.21
C ASP A 293 -24.49 16.85 -23.63
N LEU A 294 -25.02 15.67 -23.95
CA LEU A 294 -24.19 14.59 -24.46
C LEU A 294 -24.53 14.28 -25.90
N TYR A 295 -23.54 13.94 -26.70
CA TYR A 295 -23.81 13.57 -28.08
C TYR A 295 -23.29 12.18 -28.41
N PHE A 296 -24.19 11.36 -28.92
CA PHE A 296 -23.91 10.00 -29.33
C PHE A 296 -24.36 9.76 -30.75
N GLN A 297 -23.78 8.77 -31.38
CA GLN A 297 -24.25 8.34 -32.69
C GLN A 297 -25.15 7.15 -32.47
N MET A 298 -26.23 7.04 -33.25
CA MET A 298 -27.10 5.88 -33.15
C MET A 298 -27.44 5.38 -34.53
N PHE A 299 -27.91 4.16 -34.60
CA PHE A 299 -28.40 3.63 -35.85
C PHE A 299 -29.51 2.67 -35.56
N GLY A 300 -30.34 2.40 -36.54
CA GLY A 300 -31.42 1.48 -36.29
C GLY A 300 -32.32 1.26 -37.47
N LEU A 301 -33.36 0.48 -37.23
CA LEU A 301 -34.32 0.10 -38.25
C LEU A 301 -35.55 0.99 -38.14
N SER A 302 -35.81 1.76 -39.20
CA SER A 302 -36.90 2.74 -39.18
C SER A 302 -37.93 2.52 -40.28
N ARG A 303 -39.13 3.02 -40.01
CA ARG A 303 -40.23 2.91 -40.96
C ARG A 303 -40.11 3.97 -42.05
N ASN A 304 -40.50 3.60 -43.27
CA ASN A 304 -40.42 4.51 -44.41
C ASN A 304 -41.63 4.48 -45.31
N ARG A 305 -42.15 5.66 -45.66
CA ARG A 305 -43.29 5.75 -46.55
C ARG A 305 -43.00 6.54 -47.84
N GLN A 306 -41.73 6.83 -48.09
CA GLN A 306 -41.34 7.59 -49.27
C GLN A 306 -40.40 6.80 -50.17
N SER A 307 -40.35 7.16 -51.45
CA SER A 307 -39.39 6.53 -52.34
C SER A 307 -38.00 7.04 -52.00
N ILE A 308 -36.97 6.31 -52.39
CA ILE A 308 -35.61 6.78 -52.12
C ILE A 308 -34.73 6.76 -53.34
N LYS A 309 -33.64 7.52 -53.26
CA LYS A 309 -32.57 7.49 -54.24
C LYS A 309 -31.28 7.37 -53.46
N ALA A 310 -30.81 6.16 -53.25
CA ALA A 310 -29.68 5.94 -52.37
C ALA A 310 -28.41 6.54 -52.93
N LEU A 311 -27.56 7.03 -52.04
CA LEU A 311 -26.25 7.50 -52.43
C LEU A 311 -25.51 6.35 -53.08
N CYS A 312 -24.94 6.57 -54.28
CA CYS A 312 -24.33 5.50 -55.06
C CYS A 312 -23.08 6.01 -55.78
N GLU A 313 -21.97 6.09 -55.03
CA GLU A 313 -20.71 6.58 -55.56
C GLU A 313 -19.71 5.46 -55.77
N HIS A 314 -19.27 5.27 -57.00
CA HIS A 314 -18.33 4.21 -57.37
C HIS A 314 -17.50 4.62 -58.58
N GLY A 315 -16.53 3.79 -58.94
CA GLY A 315 -15.62 4.08 -60.05
C GLY A 315 -16.12 3.56 -61.39
N SER A 316 -15.18 3.36 -62.31
CA SER A 316 -15.49 2.98 -63.69
C SER A 316 -15.77 1.47 -63.83
N CYS A 317 -16.88 1.04 -63.25
CA CYS A 317 -17.33 -0.36 -63.20
C CYS A 317 -17.65 -0.89 -64.60
N LEU A 318 -18.23 -0.04 -65.43
CA LEU A 318 -18.60 -0.44 -66.79
C LEU A 318 -18.24 0.65 -67.78
N GLY A 323 -27.61 1.81 -64.80
CA GLY A 323 -28.97 1.62 -64.32
C GLY A 323 -29.04 0.55 -63.22
N GLY A 324 -28.44 -0.63 -63.49
CA GLY A 324 -28.43 -1.77 -62.58
C GLY A 324 -27.76 -1.44 -61.25
N TYR A 325 -26.75 -0.58 -61.28
CA TYR A 325 -26.06 -0.25 -60.05
C TYR A 325 -26.92 0.61 -59.15
N GLN A 326 -27.76 1.48 -59.70
CA GLN A 326 -28.59 2.30 -58.84
C GLN A 326 -29.60 1.42 -58.13
N VAL A 327 -30.09 0.40 -58.83
CA VAL A 327 -31.06 -0.50 -58.22
C VAL A 327 -30.41 -1.24 -57.07
N LEU A 328 -29.18 -1.71 -57.27
CA LEU A 328 -28.47 -2.39 -56.19
C LEU A 328 -28.20 -1.45 -55.00
N CYS A 329 -27.85 -0.17 -55.25
CA CYS A 329 -27.60 0.82 -54.21
C CYS A 329 -28.86 1.11 -53.40
N ASP A 330 -30.03 1.03 -54.03
CA ASP A 330 -31.28 1.25 -53.31
C ASP A 330 -31.61 0.04 -52.45
N ARG A 331 -31.42 -1.17 -52.98
CA ARG A 331 -31.77 -2.40 -52.24
C ARG A 331 -30.74 -2.68 -51.13
N ALA A 332 -29.55 -2.08 -51.22
CA ALA A 332 -28.52 -2.23 -50.22
C ALA A 332 -28.85 -1.55 -48.90
N VAL A 333 -29.82 -0.63 -48.88
CA VAL A 333 -30.15 0.05 -47.63
C VAL A 333 -31.50 -0.40 -47.06
N MET A 334 -32.16 -1.33 -47.74
CA MET A 334 -33.46 -1.83 -47.34
C MET A 334 -33.33 -3.09 -46.48
N SER A 335 -34.22 -3.23 -45.50
CA SER A 335 -34.22 -4.42 -44.67
C SER A 335 -35.03 -5.53 -45.33
N PHE A 336 -34.37 -6.64 -45.67
CA PHE A 336 -35.07 -7.76 -46.37
C PHE A 336 -35.65 -7.26 -47.70
N GLY A 337 -35.04 -6.23 -48.30
CA GLY A 337 -35.46 -5.76 -49.61
C GLY A 337 -36.76 -4.95 -49.59
N SER A 338 -37.30 -4.68 -48.40
CA SER A 338 -38.55 -3.94 -48.31
C SER A 338 -38.53 -2.43 -48.54
N GLU A 339 -39.37 -1.92 -49.43
CA GLU A 339 -39.26 -0.45 -49.65
C GLU A 339 -39.57 0.29 -48.34
N GLU A 340 -40.55 -0.19 -47.57
CA GLU A 340 -40.91 0.42 -46.30
C GLU A 340 -40.14 0.31 -44.98
N SER A 341 -38.97 -0.32 -45.00
CA SER A 341 -38.20 -0.45 -43.77
C SER A 341 -36.72 -0.32 -44.04
N LEU A 342 -36.12 0.78 -43.60
CA LEU A 342 -34.74 1.09 -43.94
C LEU A 342 -33.82 1.02 -42.73
N ILE A 343 -32.54 0.76 -42.97
CA ILE A 343 -31.57 0.82 -41.89
C ILE A 343 -30.73 2.06 -42.06
N SER A 344 -30.78 2.96 -41.06
CA SER A 344 -30.16 4.29 -41.19
C SER A 344 -29.47 4.79 -39.94
N ASN A 345 -28.66 5.83 -40.14
CA ASN A 345 -27.92 6.51 -39.08
C ASN A 345 -28.64 7.76 -38.60
N ALA A 346 -28.36 8.16 -37.36
CA ALA A 346 -28.91 9.39 -36.81
C ALA A 346 -28.03 9.96 -35.69
N TYR A 347 -28.16 11.25 -35.42
CA TYR A 347 -27.50 11.85 -34.27
C TYR A 347 -28.42 11.71 -33.07
N LEU A 348 -27.86 11.41 -31.90
CA LEU A 348 -28.65 11.33 -30.68
C LEU A 348 -28.14 12.34 -29.63
N LYS A 349 -29.00 13.26 -29.22
CA LYS A 349 -28.61 14.25 -28.22
C LYS A 349 -29.31 14.01 -26.89
N VAL A 350 -28.53 13.99 -25.81
CA VAL A 350 -29.09 13.86 -24.47
C VAL A 350 -29.08 15.24 -23.84
N ASN A 351 -30.25 15.80 -23.62
CA ASN A 351 -30.41 17.17 -23.15
C ASN A 351 -30.44 17.32 -21.65
N ASP A 352 -29.76 18.35 -21.15
CA ASP A 352 -29.83 18.78 -19.76
C ASP A 352 -29.51 17.70 -18.72
N VAL A 353 -28.33 17.13 -18.78
CA VAL A 353 -28.03 16.02 -17.86
C VAL A 353 -27.94 16.44 -16.39
N ALA A 354 -27.54 17.68 -16.12
CA ALA A 354 -27.37 18.17 -14.76
C ALA A 354 -28.68 18.26 -13.97
N SER A 355 -29.82 18.29 -14.66
CA SER A 355 -31.09 18.46 -13.96
C SER A 355 -31.54 17.20 -13.23
N GLY A 356 -30.98 16.06 -13.61
CA GLY A 356 -31.39 14.80 -13.01
C GLY A 356 -32.56 14.18 -13.77
N LYS A 357 -33.09 14.91 -14.75
CA LYS A 357 -34.20 14.44 -15.56
C LYS A 357 -33.93 14.67 -17.05
N PRO A 358 -32.98 13.95 -17.63
CA PRO A 358 -32.49 14.11 -19.00
C PRO A 358 -33.53 13.66 -20.00
N THR A 359 -33.46 14.23 -21.19
CA THR A 359 -34.32 13.80 -22.29
C THR A 359 -33.51 13.53 -23.56
N ILE A 360 -34.07 12.74 -24.47
CA ILE A 360 -33.35 12.45 -25.71
C ILE A 360 -34.07 12.85 -26.99
N ILE A 361 -33.37 13.58 -27.85
CA ILE A 361 -33.89 14.00 -29.16
C ILE A 361 -32.95 13.58 -30.29
N SER A 362 -33.48 12.92 -31.33
CA SER A 362 -32.63 12.51 -32.45
C SER A 362 -32.87 13.28 -33.75
N GLN A 363 -31.90 13.20 -34.67
CA GLN A 363 -32.03 13.76 -36.02
C GLN A 363 -31.43 12.80 -37.06
N THR A 364 -32.26 12.32 -37.97
CA THR A 364 -31.88 11.24 -38.90
C THR A 364 -31.31 11.70 -40.24
N PHE A 365 -30.30 10.96 -40.72
CA PHE A 365 -29.70 11.22 -42.03
C PHE A 365 -30.57 10.61 -43.12
N PRO A 366 -30.78 11.27 -44.25
CA PRO A 366 -31.54 10.77 -45.37
C PRO A 366 -30.73 9.68 -46.07
N PRO A 367 -31.38 8.74 -46.76
CA PRO A 367 -30.78 7.66 -47.53
C PRO A 367 -30.00 8.18 -48.73
N SER A 368 -30.28 9.43 -49.11
CA SER A 368 -29.62 10.06 -50.26
C SER A 368 -28.24 10.61 -49.90
N ASP A 369 -27.90 10.65 -48.62
CA ASP A 369 -26.60 11.17 -48.22
C ASP A 369 -25.87 10.20 -47.29
N SER A 370 -26.20 8.93 -47.40
CA SER A 370 -25.56 7.94 -46.56
C SER A 370 -25.66 6.56 -47.14
N TYR A 371 -25.18 5.60 -46.37
CA TYR A 371 -25.19 4.21 -46.73
C TYR A 371 -25.88 3.45 -45.62
N LYS A 372 -26.00 2.14 -45.77
CA LYS A 372 -26.66 1.34 -44.77
C LYS A 372 -26.14 1.73 -43.39
N GLY A 373 -27.06 1.94 -42.44
CA GLY A 373 -26.71 2.36 -41.10
C GLY A 373 -25.69 1.44 -40.41
N SER A 374 -24.85 2.03 -39.58
CA SER A 374 -23.75 1.30 -38.95
C SER A 374 -23.22 1.94 -37.67
N ASN A 375 -22.33 1.21 -36.99
CA ASN A 375 -21.64 1.74 -35.81
C ASN A 375 -20.75 2.91 -36.18
N GLY A 376 -20.84 3.97 -35.40
CA GLY A 376 -20.01 5.15 -35.64
C GLY A 376 -19.49 5.74 -34.35
N ARG A 377 -18.91 6.94 -34.46
CA ARG A 377 -18.32 7.66 -33.34
C ARG A 377 -18.44 9.18 -33.47
N ILE A 378 -18.66 9.87 -32.35
CA ILE A 378 -18.67 11.34 -32.35
C ILE A 378 -17.35 11.89 -31.82
N TYR A 379 -16.78 12.83 -32.55
CA TYR A 379 -15.51 13.45 -32.23
C TYR A 379 -15.67 14.92 -31.88
N THR A 380 -14.79 15.42 -31.04
CA THR A 380 -14.69 16.85 -30.81
C THR A 380 -13.39 17.31 -31.43
N ILE A 381 -13.46 18.26 -32.35
CA ILE A 381 -12.27 18.72 -33.04
C ILE A 381 -12.16 20.23 -32.85
N GLY A 382 -11.56 20.65 -31.74
CA GLY A 382 -11.55 22.06 -31.39
C GLY A 382 -12.98 22.53 -31.18
N GLU A 383 -13.35 23.61 -31.86
CA GLU A 383 -14.69 24.18 -31.76
C GLU A 383 -15.71 23.44 -32.65
N ARG A 384 -15.20 22.56 -33.50
CA ARG A 384 -16.01 21.84 -34.48
C ARG A 384 -16.20 20.40 -34.07
N TYR A 385 -17.04 19.68 -34.79
CA TYR A 385 -17.31 18.29 -34.49
C TYR A 385 -17.05 17.40 -35.69
N GLY A 386 -16.82 16.12 -35.45
CA GLY A 386 -16.68 15.18 -36.55
C GLY A 386 -17.47 13.91 -36.30
N ILE A 387 -17.77 13.19 -37.36
CA ILE A 387 -18.46 11.91 -37.25
C ILE A 387 -17.82 10.82 -38.09
N TYR A 388 -17.64 9.65 -37.50
CA TYR A 388 -17.12 8.50 -38.22
C TYR A 388 -18.20 7.45 -38.37
N LEU A 389 -18.35 6.95 -39.60
CA LEU A 389 -19.32 5.88 -39.85
C LEU A 389 -18.59 4.68 -40.43
N ALA A 390 -18.67 3.53 -39.76
CA ALA A 390 -17.98 2.35 -40.23
C ALA A 390 -18.67 1.83 -41.50
N PRO A 391 -17.93 1.19 -42.42
CA PRO A 391 -18.46 0.43 -43.53
C PRO A 391 -19.32 -0.70 -43.00
N SER A 392 -20.39 -1.02 -43.72
CA SER A 392 -21.25 -2.13 -43.32
C SER A 392 -21.83 -2.78 -44.55
N SER A 393 -21.64 -2.11 -45.68
CA SER A 393 -22.18 -2.55 -46.96
C SER A 393 -21.09 -2.60 -48.02
N TRP A 394 -21.50 -2.45 -49.28
CA TRP A 394 -20.59 -2.56 -50.43
C TRP A 394 -19.48 -1.50 -50.50
N ASN A 395 -19.71 -0.31 -49.92
CA ASN A 395 -18.70 0.73 -49.97
C ASN A 395 -17.78 0.63 -48.75
N ARG A 396 -16.52 0.30 -48.99
CA ARG A 396 -15.57 0.03 -47.93
C ARG A 396 -14.54 1.14 -47.69
N TYR A 397 -14.77 2.30 -48.29
CA TYR A 397 -13.87 3.46 -48.14
C TYR A 397 -14.17 4.21 -46.85
N LEU A 398 -13.20 4.96 -46.35
CA LEU A 398 -13.44 5.79 -45.17
C LEU A 398 -14.58 6.78 -45.36
N ARG A 399 -15.52 6.79 -44.41
CA ARG A 399 -16.63 7.74 -44.41
C ARG A 399 -16.57 8.56 -43.14
N PHE A 400 -16.11 9.79 -43.26
CA PHE A 400 -15.89 10.65 -42.11
C PHE A 400 -16.26 12.07 -42.48
N GLY A 401 -17.00 12.75 -41.62
CA GLY A 401 -17.40 14.12 -41.93
C GLY A 401 -17.10 15.12 -40.84
N LEU A 402 -17.10 16.38 -41.22
CA LEU A 402 -16.87 17.51 -40.32
C LEU A 402 -18.08 18.43 -40.30
N THR A 403 -18.31 19.07 -39.16
CA THR A 403 -19.42 20.01 -39.07
C THR A 403 -19.20 21.07 -37.99
N PRO A 404 -19.68 22.32 -38.19
CA PRO A 404 -19.66 23.39 -37.21
C PRO A 404 -20.62 23.16 -36.04
N ASP A 405 -21.60 22.30 -36.25
CA ASP A 405 -22.59 21.99 -35.20
C ASP A 405 -23.15 20.61 -35.42
N ILE A 406 -23.69 20.00 -34.39
CA ILE A 406 -24.17 18.66 -34.63
C ILE A 406 -25.57 18.64 -35.19
N SER A 407 -25.62 18.57 -36.51
CA SER A 407 -26.83 18.53 -37.32
C SER A 407 -26.52 17.81 -38.63
N VAL A 408 -27.55 17.31 -39.29
CA VAL A 408 -27.39 16.62 -40.55
C VAL A 408 -27.04 17.53 -41.72
N ARG A 409 -27.73 18.66 -41.81
CA ARG A 409 -27.59 19.55 -42.96
C ARG A 409 -26.28 20.32 -43.02
N SER A 410 -25.54 20.33 -41.94
CA SER A 410 -24.27 21.06 -41.89
C SER A 410 -23.06 20.17 -42.07
N THR A 411 -23.26 18.87 -42.28
CA THR A 411 -22.13 17.95 -42.39
C THR A 411 -21.52 17.93 -43.78
N THR A 412 -20.19 18.08 -43.82
CA THR A 412 -19.40 18.01 -45.04
C THR A 412 -18.50 16.80 -45.00
N TRP A 413 -18.55 15.96 -46.03
CA TRP A 413 -17.79 14.72 -46.00
C TRP A 413 -16.40 14.86 -46.60
N LEU A 414 -15.43 14.13 -46.03
CA LEU A 414 -14.05 14.12 -46.52
C LEU A 414 -13.94 13.29 -47.78
N LYS A 415 -12.91 13.57 -48.58
CA LYS A 415 -12.68 12.86 -49.84
C LYS A 415 -11.51 11.88 -49.80
N GLU A 416 -11.02 11.58 -48.60
CA GLU A 416 -9.91 10.62 -48.46
C GLU A 416 -10.46 9.20 -48.49
N LYS A 417 -9.63 8.24 -48.89
CA LYS A 417 -10.06 6.85 -48.96
C LYS A 417 -9.49 5.97 -47.86
N ASP A 418 -8.26 6.25 -47.45
CA ASP A 418 -7.55 5.43 -46.47
C ASP A 418 -8.09 5.62 -45.06
N PRO A 419 -8.25 4.56 -44.29
CA PRO A 419 -8.10 3.14 -44.58
C PRO A 419 -9.27 2.56 -45.36
N ILE A 420 -9.02 1.47 -46.07
CA ILE A 420 -10.08 0.69 -46.71
C ILE A 420 -10.27 -0.57 -45.90
N MET A 421 -11.50 -0.88 -45.52
CA MET A 421 -11.71 -2.05 -44.69
C MET A 421 -11.70 -3.31 -45.52
N LYS A 422 -10.78 -4.22 -45.20
CA LYS A 422 -10.57 -5.45 -45.96
C LYS A 422 -10.86 -6.73 -45.17
N VAL A 423 -11.35 -6.60 -43.95
CA VAL A 423 -11.58 -7.77 -43.11
C VAL A 423 -13.01 -7.90 -42.68
N LEU A 424 -13.40 -9.09 -42.24
CA LEU A 424 -14.74 -9.35 -41.77
C LEU A 424 -15.79 -8.92 -42.78
N THR A 425 -15.55 -9.24 -44.04
CA THR A 425 -16.45 -8.85 -45.11
C THR A 425 -16.79 -10.01 -46.01
N THR A 426 -18.01 -9.97 -46.54
CA THR A 426 -18.48 -10.94 -47.53
C THR A 426 -18.59 -10.36 -48.96
N CYS A 427 -18.03 -9.16 -49.18
CA CYS A 427 -18.04 -8.46 -50.46
C CYS A 427 -16.94 -9.00 -51.37
N THR A 428 -17.21 -9.02 -52.67
CA THR A 428 -16.24 -9.51 -53.64
C THR A 428 -15.80 -8.45 -54.63
N ASN A 429 -16.04 -7.20 -54.29
CA ASN A 429 -15.65 -6.11 -55.19
C ASN A 429 -14.18 -5.74 -54.97
N THR A 430 -13.69 -4.79 -55.74
CA THR A 430 -12.28 -4.42 -55.67
C THR A 430 -12.07 -3.07 -55.02
N ASP A 431 -10.85 -2.82 -54.56
CA ASP A 431 -10.50 -1.58 -53.85
C ASP A 431 -10.37 -0.40 -54.79
N LYS A 432 -10.38 -0.65 -56.09
CA LYS A 432 -10.26 0.42 -57.07
C LYS A 432 -11.62 0.98 -57.47
N ASP A 433 -12.52 0.10 -57.93
CA ASP A 433 -13.80 0.57 -58.44
C ASP A 433 -14.90 0.56 -57.40
N MET A 434 -14.80 -0.36 -56.44
CA MET A 434 -15.77 -0.50 -55.36
C MET A 434 -17.22 -0.58 -55.87
N CYS A 435 -17.49 -1.48 -56.83
CA CYS A 435 -18.79 -1.64 -57.48
C CYS A 435 -19.89 -2.15 -56.52
N PRO A 436 -21.10 -1.58 -56.56
CA PRO A 436 -22.26 -1.97 -55.79
C PRO A 436 -22.67 -3.42 -55.98
N GLU A 437 -23.09 -4.03 -54.88
CA GLU A 437 -23.58 -5.38 -54.82
C GLU A 437 -24.30 -5.56 -53.50
N ILE A 438 -24.95 -6.69 -53.28
CA ILE A 438 -25.55 -6.94 -51.98
C ILE A 438 -24.63 -7.84 -51.15
N CYS A 439 -24.04 -7.27 -50.08
CA CYS A 439 -23.05 -7.92 -49.23
C CYS A 439 -23.04 -7.23 -47.87
N ASN A 440 -22.22 -7.72 -46.95
CA ASN A 440 -22.14 -7.07 -45.64
C ASN A 440 -20.74 -7.08 -45.06
N THR A 441 -20.48 -6.09 -44.21
CA THR A 441 -19.21 -5.96 -43.51
C THR A 441 -19.46 -5.73 -42.02
N ARG A 442 -18.70 -6.38 -41.15
CA ARG A 442 -18.94 -6.22 -39.72
C ARG A 442 -17.72 -5.85 -38.89
N GLY A 443 -16.83 -5.04 -39.47
CA GLY A 443 -15.64 -4.59 -38.74
C GLY A 443 -15.79 -3.18 -38.21
N TYR A 444 -14.69 -2.64 -37.67
CA TYR A 444 -14.64 -1.29 -37.13
C TYR A 444 -13.20 -0.83 -36.98
N GLN A 445 -12.83 0.21 -37.72
CA GLN A 445 -11.47 0.75 -37.72
C GLN A 445 -11.52 2.26 -37.80
N ASP A 446 -11.51 2.95 -36.67
CA ASP A 446 -11.72 4.39 -36.73
C ASP A 446 -10.42 5.16 -36.86
N ILE A 447 -10.51 6.49 -36.90
CA ILE A 447 -9.33 7.31 -37.09
C ILE A 447 -9.29 8.37 -36.00
N PHE A 448 -8.16 9.01 -35.82
CA PHE A 448 -8.11 10.13 -34.89
C PHE A 448 -7.45 11.35 -35.55
N PRO A 449 -8.19 12.44 -35.80
CA PRO A 449 -7.72 13.68 -36.40
C PRO A 449 -6.58 14.32 -35.63
N LEU A 450 -5.56 14.75 -36.36
CA LEU A 450 -4.43 15.44 -35.74
C LEU A 450 -4.36 16.91 -36.15
N SER A 451 -5.42 17.40 -36.76
CA SER A 451 -5.51 18.80 -37.17
C SER A 451 -6.97 19.25 -37.23
N GLU A 452 -7.22 20.55 -37.19
CA GLU A 452 -8.59 21.09 -37.15
C GLU A 452 -9.45 20.71 -38.35
N ASP A 453 -8.84 20.58 -39.52
CA ASP A 453 -9.57 20.24 -40.73
C ASP A 453 -9.44 18.77 -41.10
N SER A 454 -8.89 17.99 -40.18
CA SER A 454 -8.62 16.57 -40.41
C SER A 454 -7.84 16.32 -41.69
N SER A 455 -6.91 17.21 -42.02
CA SER A 455 -6.06 16.99 -43.17
C SER A 455 -4.95 16.01 -42.82
N PHE A 456 -4.63 15.93 -41.53
CA PHE A 456 -3.70 14.94 -40.99
C PHE A 456 -4.45 14.03 -40.05
N TYR A 457 -4.18 12.73 -40.10
CA TYR A 457 -4.80 11.82 -39.14
C TYR A 457 -4.04 10.52 -38.96
N THR A 458 -4.29 9.86 -37.84
CA THR A 458 -3.69 8.56 -37.56
C THR A 458 -4.70 7.43 -37.57
N TYR A 459 -4.28 6.27 -38.08
CA TYR A 459 -5.15 5.10 -38.18
C TYR A 459 -4.37 3.80 -38.14
N ILE A 460 -5.07 2.68 -37.90
CA ILE A 460 -4.45 1.36 -37.97
C ILE A 460 -5.08 0.54 -39.09
N GLY A 461 -4.23 0.05 -39.98
CA GLY A 461 -4.67 -0.74 -41.12
C GLY A 461 -4.56 -2.22 -40.83
N ILE A 462 -5.50 -3.01 -41.35
CA ILE A 462 -5.48 -4.46 -41.19
C ILE A 462 -5.67 -5.13 -42.53
N THR A 463 -4.76 -6.04 -42.87
CA THR A 463 -4.82 -6.77 -44.13
C THR A 463 -4.89 -8.27 -43.82
N PRO A 464 -5.85 -9.01 -44.37
CA PRO A 464 -6.03 -10.42 -44.15
C PRO A 464 -4.95 -11.20 -44.87
N SER A 465 -4.62 -12.38 -44.35
CA SER A 465 -3.66 -13.27 -44.98
C SER A 465 -4.09 -14.71 -44.76
N ASN A 466 -3.25 -15.65 -45.19
CA ASN A 466 -3.57 -17.07 -45.01
C ASN A 466 -3.21 -17.55 -43.61
N GLU A 467 -2.64 -16.66 -42.80
CA GLU A 467 -2.25 -16.95 -41.43
C GLU A 467 -2.71 -15.82 -40.53
N GLY A 468 -4.01 -15.78 -40.24
CA GLY A 468 -4.59 -14.69 -39.49
C GLY A 468 -4.53 -13.37 -40.27
N THR A 469 -3.98 -12.33 -39.63
CA THR A 469 -3.91 -11.00 -40.26
C THR A 469 -2.55 -10.33 -40.07
N LYS A 470 -2.31 -9.28 -40.86
CA LYS A 470 -1.14 -8.42 -40.72
C LYS A 470 -1.63 -6.98 -40.48
N SER A 471 -0.89 -6.17 -39.74
CA SER A 471 -1.36 -4.81 -39.50
C SER A 471 -0.24 -3.80 -39.31
N PHE A 472 -0.59 -2.51 -39.42
CA PHE A 472 0.37 -1.42 -39.24
C PHE A 472 -0.27 -0.14 -38.71
N VAL A 473 0.57 0.70 -38.12
CA VAL A 473 0.18 2.03 -37.67
C VAL A 473 0.61 3.05 -38.68
N ALA A 474 -0.27 3.98 -39.03
CA ALA A 474 0.12 4.97 -40.02
C ALA A 474 -0.42 6.35 -39.75
N VAL A 475 0.31 7.35 -40.26
CA VAL A 475 -0.12 8.74 -40.22
C VAL A 475 -0.14 9.29 -41.64
N LYS A 476 -1.30 9.80 -42.05
CA LYS A 476 -1.46 10.35 -43.38
C LYS A 476 -1.32 11.86 -43.32
N ASP A 477 -0.47 12.43 -44.18
CA ASP A 477 -0.29 13.88 -44.14
C ASP A 477 -1.22 14.59 -45.13
N ASP A 478 -1.11 15.90 -45.23
CA ASP A 478 -2.02 16.66 -46.05
C ASP A 478 -1.63 16.72 -47.52
N ALA A 479 -0.57 15.99 -47.89
CA ALA A 479 -0.14 15.90 -49.27
C ALA A 479 -0.55 14.54 -49.81
N GLY A 480 -1.18 13.73 -48.96
CA GLY A 480 -1.62 12.41 -49.34
C GLY A 480 -0.56 11.31 -49.13
N HIS A 481 0.53 11.62 -48.43
CA HIS A 481 1.57 10.60 -48.23
C HIS A 481 1.29 9.85 -46.94
N VAL A 482 1.64 8.57 -46.91
CA VAL A 482 1.41 7.79 -45.70
C VAL A 482 2.68 7.17 -45.14
N ALA A 483 2.97 7.49 -43.88
CA ALA A 483 4.08 6.89 -43.17
C ALA A 483 3.55 5.73 -42.37
N SER A 484 4.17 4.55 -42.48
CA SER A 484 3.63 3.40 -41.78
C SER A 484 4.69 2.47 -41.19
N ILE A 485 4.36 1.91 -40.03
CA ILE A 485 5.20 0.96 -39.32
C ILE A 485 4.43 -0.29 -38.88
N THR A 486 4.97 -1.48 -39.18
CA THR A 486 4.34 -2.76 -38.86
C THR A 486 4.25 -3.01 -37.35
N ILE A 487 3.12 -3.53 -36.89
CA ILE A 487 2.94 -3.82 -35.46
C ILE A 487 2.47 -5.23 -35.15
N LEU A 488 2.63 -5.60 -33.88
CA LEU A 488 2.12 -6.84 -33.32
C LEU A 488 2.42 -8.07 -34.17
N PRO A 489 3.69 -8.34 -34.48
CA PRO A 489 4.14 -9.44 -35.32
C PRO A 489 3.87 -10.81 -34.71
N ASN A 490 3.64 -10.85 -33.40
CA ASN A 490 3.42 -12.10 -32.70
C ASN A 490 1.95 -12.38 -32.38
N TYR A 491 1.04 -11.63 -32.97
CA TYR A 491 -0.39 -11.90 -32.76
C TYR A 491 -0.97 -12.57 -33.98
N TYR A 492 -1.62 -13.71 -33.77
CA TYR A 492 -2.24 -14.40 -34.88
C TYR A 492 -3.18 -13.50 -35.66
N SER A 493 -4.10 -12.83 -34.98
CA SER A 493 -5.00 -11.94 -35.70
C SER A 493 -5.54 -10.78 -34.89
N ILE A 494 -5.74 -9.66 -35.59
CA ILE A 494 -6.39 -8.48 -35.05
C ILE A 494 -7.56 -8.14 -35.98
N THR A 495 -8.74 -7.91 -35.42
CA THR A 495 -9.89 -7.68 -36.27
C THR A 495 -10.46 -6.25 -36.24
N SER A 496 -10.05 -5.45 -35.27
CA SER A 496 -10.60 -4.10 -35.13
C SER A 496 -9.66 -3.17 -34.39
N ALA A 497 -9.91 -1.87 -34.47
CA ALA A 497 -9.10 -0.90 -33.72
C ALA A 497 -9.80 0.42 -33.49
N THR A 498 -9.66 0.96 -32.27
CA THR A 498 -10.15 2.30 -31.95
C THR A 498 -9.04 3.15 -31.32
N ILE A 499 -8.91 4.39 -31.79
CA ILE A 499 -7.80 5.25 -31.32
C ILE A 499 -8.22 6.52 -30.56
N SER A 500 -7.62 6.73 -29.40
CA SER A 500 -7.81 7.97 -28.63
C SER A 500 -6.45 8.59 -28.30
N CYS A 501 -6.26 9.89 -28.57
CA CYS A 501 -4.97 10.59 -28.40
C CYS A 501 -5.07 11.70 -27.36
N PHE A 502 -3.93 12.02 -26.76
CA PHE A 502 -3.78 13.02 -25.71
C PHE A 502 -2.34 13.53 -25.63
N MET A 503 -2.12 14.61 -24.88
CA MET A 503 -0.75 15.08 -24.67
C MET A 503 -0.16 14.39 -23.44
N TYR A 504 1.09 13.96 -23.57
CA TYR A 504 1.81 13.32 -22.48
C TYR A 504 3.27 13.68 -22.61
N LYS A 505 3.87 14.19 -21.54
CA LYS A 505 5.25 14.66 -21.58
C LYS A 505 5.49 15.62 -22.76
N GLU A 506 4.53 16.51 -22.97
CA GLU A 506 4.54 17.54 -24.01
C GLU A 506 4.74 17.12 -25.48
N GLU A 507 4.13 16.01 -25.86
CA GLU A 507 4.09 15.53 -27.22
C GLU A 507 2.87 14.66 -27.39
N ILE A 508 2.36 14.47 -28.60
CA ILE A 508 1.17 13.62 -28.73
C ILE A 508 1.40 12.12 -28.66
N TRP A 509 0.65 11.49 -27.76
CA TRP A 509 0.64 10.05 -27.55
C TRP A 509 -0.75 9.53 -27.82
N CYS A 510 -0.85 8.29 -28.35
CA CYS A 510 -2.12 7.66 -28.68
C CYS A 510 -2.22 6.25 -28.12
N ILE A 511 -3.41 5.90 -27.65
CA ILE A 511 -3.69 4.54 -27.20
C ILE A 511 -4.68 3.88 -28.12
N ALA A 512 -4.31 2.71 -28.61
CA ALA A 512 -5.15 1.93 -29.49
C ALA A 512 -5.68 0.71 -28.78
N VAL A 513 -6.99 0.51 -28.86
CA VAL A 513 -7.63 -0.65 -28.25
C VAL A 513 -8.14 -1.56 -29.35
N THR A 514 -7.71 -2.82 -29.32
CA THR A 514 -8.04 -3.76 -30.38
C THR A 514 -8.61 -5.08 -29.87
N GLU A 515 -9.35 -5.76 -30.73
CA GLU A 515 -9.84 -7.12 -30.44
C GLU A 515 -9.05 -8.12 -31.24
N GLY A 516 -8.68 -9.25 -30.63
CA GLY A 516 -7.94 -10.25 -31.38
C GLY A 516 -7.54 -11.47 -30.58
N ARG A 517 -6.65 -12.26 -31.17
CA ARG A 517 -6.15 -13.51 -30.59
C ARG A 517 -4.64 -13.61 -30.70
N LYS A 518 -3.98 -14.08 -29.64
CA LYS A 518 -2.56 -14.32 -29.74
C LYS A 518 -2.20 -15.56 -30.56
N GLN A 519 -2.84 -16.68 -30.19
CA GLN A 519 -2.61 -17.95 -30.91
C GLN A 519 -3.92 -18.41 -31.56
N LYS A 520 -3.85 -19.08 -32.71
CA LYS A 520 -5.02 -19.49 -33.45
C LYS A 520 -6.19 -20.08 -32.64
N GLU A 521 -5.86 -20.86 -31.61
CA GLU A 521 -6.88 -21.55 -30.83
C GLU A 521 -7.38 -20.76 -29.63
N ASN A 522 -6.93 -19.54 -29.46
CA ASN A 522 -7.37 -18.76 -28.30
C ASN A 522 -8.75 -18.18 -28.54
N PRO A 523 -9.51 -17.89 -27.47
CA PRO A 523 -10.74 -17.13 -27.49
C PRO A 523 -10.38 -15.67 -27.73
N GLN A 524 -11.35 -14.90 -28.21
CA GLN A 524 -11.11 -13.48 -28.45
C GLN A 524 -11.03 -12.65 -27.17
N ARG A 525 -10.00 -11.80 -27.12
CA ARG A 525 -9.78 -10.91 -25.99
C ARG A 525 -9.42 -9.49 -26.43
N ILE A 526 -9.57 -8.54 -25.52
CA ILE A 526 -9.30 -7.13 -25.80
C ILE A 526 -7.93 -6.72 -25.28
N TYR A 527 -7.14 -6.09 -26.16
CA TYR A 527 -5.77 -5.68 -25.84
C TYR A 527 -5.58 -4.19 -26.06
N ALA A 528 -4.59 -3.58 -25.38
CA ALA A 528 -4.31 -2.16 -25.59
C ALA A 528 -2.84 -1.86 -25.64
N HIS A 529 -2.47 -0.96 -26.55
CA HIS A 529 -1.08 -0.55 -26.77
C HIS A 529 -0.97 0.95 -27.03
N SER A 530 0.22 1.52 -26.82
CA SER A 530 0.42 2.94 -27.06
C SER A 530 1.61 3.27 -27.96
N TYR A 531 1.52 4.43 -28.60
CA TYR A 531 2.58 4.91 -29.47
C TYR A 531 2.63 6.42 -29.51
N ARG A 532 3.71 6.98 -30.05
CA ARG A 532 3.88 8.42 -30.12
C ARG A 532 3.88 8.94 -31.55
N VAL A 533 3.44 10.19 -31.71
CA VAL A 533 3.44 10.87 -33.00
C VAL A 533 4.53 11.92 -33.03
N GLN A 534 5.46 11.77 -33.95
CA GLN A 534 6.61 12.63 -34.06
C GLN A 534 6.37 13.81 -34.99
N LYS A 535 6.92 14.96 -34.64
CA LYS A 535 6.88 16.12 -35.51
C LYS A 535 8.14 16.16 -36.34
N MET A 536 8.01 16.28 -37.65
CA MET A 536 9.18 16.31 -38.52
C MET A 536 9.01 17.41 -39.57
N CYS A 537 10.14 17.92 -40.10
CA CYS A 537 10.12 18.94 -41.15
C CYS A 537 11.33 18.67 -42.03
N PHE A 538 11.06 18.39 -43.30
CA PHE A 538 12.09 17.95 -44.24
C PHE A 538 12.47 18.99 -45.29
N ASN A 539 13.75 19.33 -45.31
CA ASN A 539 14.28 20.26 -46.29
C ASN A 539 14.61 19.50 -47.58
N ILE A 540 13.81 19.72 -48.64
CA ILE A 540 13.89 19.01 -49.92
C ILE A 540 14.98 19.65 -50.79
N LEU B 8 -43.35 -20.80 13.92
CA LEU B 8 -42.42 -21.55 13.04
C LEU B 8 -42.21 -20.77 11.75
N LYS B 9 -43.24 -20.06 11.28
CA LYS B 9 -43.10 -19.22 10.06
C LYS B 9 -42.05 -18.13 10.33
N ILE B 10 -42.10 -17.52 11.51
CA ILE B 10 -41.11 -16.46 11.87
C ILE B 10 -39.71 -17.08 11.84
N ILE B 11 -39.59 -18.34 12.28
CA ILE B 11 -38.27 -19.03 12.22
C ILE B 11 -37.87 -19.20 10.75
N GLN B 12 -38.73 -19.85 9.96
CA GLN B 12 -38.45 -20.04 8.52
C GLN B 12 -38.29 -18.65 7.89
N ASP B 13 -38.70 -17.61 8.61
CA ASP B 13 -38.50 -16.26 8.11
C ASP B 13 -37.20 -15.64 8.61
N GLU B 14 -36.85 -15.89 9.86
CA GLU B 14 -35.63 -15.32 10.41
C GLU B 14 -34.40 -15.97 9.77
N VAL B 15 -34.48 -17.26 9.48
CA VAL B 15 -33.39 -17.95 8.80
C VAL B 15 -33.22 -17.39 7.40
N ASN B 16 -34.33 -17.13 6.70
CA ASN B 16 -34.24 -16.57 5.36
C ASN B 16 -33.59 -15.19 5.39
N SER B 17 -33.85 -14.42 6.45
CA SER B 17 -33.22 -13.11 6.59
C SER B 17 -31.71 -13.25 6.72
N LEU B 18 -31.26 -14.24 7.50
CA LEU B 18 -29.84 -14.48 7.63
C LEU B 18 -29.23 -14.85 6.29
N LYS B 19 -29.95 -15.63 5.49
CA LYS B 19 -29.41 -16.00 4.19
C LYS B 19 -29.16 -14.78 3.33
N GLU B 20 -30.10 -13.85 3.30
CA GLU B 20 -29.92 -12.67 2.47
C GLU B 20 -28.74 -11.83 2.93
N MET B 21 -28.58 -11.68 4.25
CA MET B 21 -27.48 -10.86 4.83
C MET B 21 -26.15 -11.53 4.57
N LEU B 22 -26.09 -12.86 4.65
CA LEU B 22 -24.85 -13.58 4.47
C LEU B 22 -24.43 -13.55 3.00
N VAL B 23 -25.39 -13.68 2.08
CA VAL B 23 -25.07 -13.62 0.68
C VAL B 23 -24.55 -12.24 0.31
N SER B 24 -25.18 -11.19 0.82
CA SER B 24 -24.76 -9.84 0.52
C SER B 24 -23.32 -9.60 0.99
N LEU B 25 -23.00 -10.07 2.20
CA LEU B 25 -21.65 -9.91 2.72
C LEU B 25 -20.64 -10.69 1.91
N ASP B 26 -20.99 -11.91 1.51
CA ASP B 26 -20.07 -12.72 0.74
C ASP B 26 -19.80 -12.09 -0.62
N GLN B 27 -20.83 -11.50 -1.23
CA GLN B 27 -20.68 -10.84 -2.50
C GLN B 27 -19.78 -9.61 -2.38
N LEU B 28 -19.91 -8.87 -1.29
CA LEU B 28 -19.09 -7.69 -1.07
C LEU B 28 -17.61 -8.03 -0.99
N VAL B 29 -17.29 -9.08 -0.24
CA VAL B 29 -15.91 -9.47 -0.07
C VAL B 29 -15.31 -9.97 -1.40
N LYS B 30 -16.07 -10.76 -2.15
CA LYS B 30 -15.59 -11.27 -3.44
C LYS B 30 -15.57 -10.22 -4.55
N THR B 31 -16.52 -9.28 -4.53
CA THR B 31 -16.65 -8.30 -5.60
C THR B 31 -15.78 -7.06 -5.42
N GLU B 32 -15.74 -6.50 -4.22
CA GLU B 32 -15.01 -5.25 -4.03
C GLU B 32 -13.65 -5.45 -3.39
N ILE B 33 -13.60 -6.15 -2.27
CA ILE B 33 -12.37 -6.19 -1.50
C ILE B 33 -11.31 -7.10 -2.10
N LYS B 34 -11.63 -8.36 -2.40
CA LYS B 34 -10.59 -9.21 -2.93
C LYS B 34 -9.86 -8.57 -4.12
N PRO B 35 -10.53 -8.12 -5.21
CA PRO B 35 -9.94 -7.43 -6.34
C PRO B 35 -9.03 -6.26 -5.97
N LYS B 36 -9.50 -5.38 -5.07
CA LYS B 36 -8.67 -4.24 -4.73
C LYS B 36 -7.41 -4.65 -3.98
N VAL B 37 -7.52 -5.65 -3.11
CA VAL B 37 -6.35 -6.10 -2.38
C VAL B 37 -5.31 -6.64 -3.34
N SER B 38 -5.75 -7.40 -4.35
CA SER B 38 -4.82 -7.93 -5.35
C SER B 38 -4.13 -6.82 -6.13
N LEU B 39 -4.87 -5.76 -6.50
CA LEU B 39 -4.27 -4.65 -7.23
C LEU B 39 -3.23 -3.92 -6.40
N ILE B 40 -3.51 -3.77 -5.10
CA ILE B 40 -2.57 -3.10 -4.21
C ILE B 40 -1.30 -3.94 -4.07
N ASN B 41 -1.44 -5.25 -3.90
CA ASN B 41 -0.25 -6.10 -3.78
C ASN B 41 0.69 -5.87 -4.94
N THR B 42 0.17 -5.84 -6.16
CA THR B 42 1.02 -5.62 -7.31
C THR B 42 1.65 -4.22 -7.27
N ALA B 43 0.86 -3.22 -6.93
CA ALA B 43 1.39 -1.85 -6.92
C ALA B 43 2.56 -1.69 -5.96
N VAL B 44 2.48 -2.28 -4.78
CA VAL B 44 3.55 -2.09 -3.80
C VAL B 44 4.72 -3.04 -4.00
N SER B 45 4.45 -4.27 -4.42
CA SER B 45 5.50 -5.27 -4.56
C SER B 45 6.22 -5.27 -5.90
N VAL B 46 5.57 -4.79 -6.95
CA VAL B 46 6.17 -4.80 -8.28
C VAL B 46 6.32 -3.42 -8.92
N SER B 47 5.22 -2.69 -9.03
CA SER B 47 5.25 -1.46 -9.83
C SER B 47 6.02 -0.32 -9.19
N ILE B 48 5.83 -0.06 -7.90
CA ILE B 48 6.57 1.02 -7.29
C ILE B 48 8.08 0.76 -7.30
N PRO B 49 8.58 -0.41 -6.86
CA PRO B 49 9.99 -0.76 -6.93
C PRO B 49 10.57 -0.56 -8.33
N ALA B 50 9.80 -0.87 -9.37
CA ALA B 50 10.27 -0.67 -10.73
C ALA B 50 10.46 0.80 -11.04
N GLN B 51 9.56 1.64 -10.54
CA GLN B 51 9.63 3.07 -10.82
C GLN B 51 10.82 3.71 -10.11
N ILE B 52 11.06 3.28 -8.87
CA ILE B 52 12.17 3.84 -8.10
C ILE B 52 13.49 3.40 -8.72
N SER B 53 13.59 2.15 -9.15
CA SER B 53 14.79 1.65 -9.79
C SER B 53 15.14 2.42 -11.05
N ASN B 54 14.13 2.71 -11.89
CA ASN B 54 14.39 3.45 -13.11
C ASN B 54 14.89 4.86 -12.81
N LEU B 55 14.35 5.47 -11.75
CA LEU B 55 14.81 6.79 -11.33
C LEU B 55 16.27 6.75 -10.95
N GLN B 56 16.64 5.76 -10.14
CA GLN B 56 18.00 5.65 -9.68
C GLN B 56 18.99 5.55 -10.83
N THR B 57 18.66 4.75 -11.82
CA THR B 57 19.57 4.56 -12.94
C THR B 57 19.78 5.84 -13.72
N LYS B 58 18.69 6.55 -14.04
CA LYS B 58 18.82 7.76 -14.83
C LYS B 58 19.58 8.87 -14.12
N VAL B 59 19.34 9.04 -12.82
CA VAL B 59 20.02 10.10 -12.09
C VAL B 59 21.50 9.81 -11.98
N LEU B 60 21.86 8.57 -11.65
CA LEU B 60 23.25 8.25 -11.49
C LEU B 60 24.02 8.38 -12.80
N GLN B 61 23.40 8.01 -13.92
CA GLN B 61 24.09 8.12 -15.20
C GLN B 61 24.38 9.58 -15.55
N LYS B 62 23.45 10.48 -15.26
CA LYS B 62 23.69 11.92 -15.52
C LYS B 62 24.88 12.38 -14.67
N LEU B 63 24.94 11.95 -13.39
CA LEU B 63 26.01 12.39 -12.52
C LEU B 63 27.36 11.93 -13.07
N VAL B 64 27.39 10.75 -13.70
CA VAL B 64 28.62 10.26 -14.31
C VAL B 64 29.07 11.19 -15.42
N TYR B 65 28.14 11.67 -16.24
CA TYR B 65 28.53 12.57 -17.31
C TYR B 65 29.07 13.88 -16.75
N LEU B 66 28.53 14.36 -15.63
CA LEU B 66 29.08 15.56 -15.03
C LEU B 66 30.51 15.32 -14.57
N GLU B 67 30.80 14.15 -14.01
CA GLU B 67 32.17 13.89 -13.59
C GLU B 67 33.12 13.95 -14.78
N GLU B 68 32.69 13.38 -15.91
CA GLU B 68 33.53 13.41 -17.10
C GLU B 68 33.70 14.82 -17.62
N SER B 69 32.63 15.61 -17.61
CA SER B 69 32.69 16.96 -18.14
C SER B 69 33.67 17.81 -17.36
N ILE B 70 33.57 17.78 -16.03
CA ILE B 70 34.43 18.66 -15.18
C ILE B 70 35.89 18.44 -15.55
N THR B 71 36.37 17.21 -15.41
CA THR B 71 37.81 16.91 -15.66
C THR B 71 38.22 17.36 -17.06
N LYS B 72 37.43 17.01 -18.09
CA LYS B 72 37.84 17.34 -19.49
C LYS B 72 37.75 18.84 -19.75
N GLN B 73 36.62 19.46 -19.42
CA GLN B 73 36.42 20.91 -19.73
C GLN B 73 37.43 21.75 -18.93
N CYS B 74 37.62 21.43 -17.65
CA CYS B 74 38.63 22.16 -16.84
C CYS B 74 40.03 21.80 -17.37
N THR B 75 40.27 20.51 -17.62
CA THR B 75 41.60 20.06 -18.09
N ASP B 99 15.73 -2.28 -28.24
CA ASP B 99 14.85 -1.66 -29.27
C ASP B 99 13.48 -2.30 -29.21
N THR B 100 12.95 -2.74 -30.36
CA THR B 100 11.58 -3.31 -30.41
C THR B 100 11.26 -4.51 -29.50
N THR B 101 12.28 -5.29 -29.12
CA THR B 101 12.07 -6.46 -28.23
C THR B 101 11.44 -6.52 -26.85
N ASP B 102 11.51 -5.41 -26.10
CA ASP B 102 10.92 -5.33 -24.78
C ASP B 102 9.57 -4.62 -24.78
N ASP B 103 9.08 -4.22 -25.96
CA ASP B 103 7.86 -3.43 -26.02
C ASP B 103 6.63 -4.18 -25.54
N ASP B 104 6.63 -5.49 -25.70
CA ASP B 104 5.48 -6.30 -25.32
C ASP B 104 5.60 -6.86 -23.91
N LYS B 105 6.59 -6.36 -23.16
CA LYS B 105 6.86 -6.88 -21.80
C LYS B 105 6.23 -6.01 -20.72
N VAL B 106 5.70 -6.62 -19.66
CA VAL B 106 5.09 -5.92 -18.55
C VAL B 106 6.16 -5.43 -17.57
N ASP B 107 7.15 -6.27 -17.35
CA ASP B 107 8.24 -6.02 -16.41
C ASP B 107 9.54 -6.47 -17.03
N THR B 108 10.46 -5.54 -17.25
CA THR B 108 11.69 -5.78 -17.98
C THR B 108 12.92 -5.96 -17.08
N THR B 109 12.70 -6.23 -15.80
CA THR B 109 13.81 -6.40 -14.86
C THR B 109 14.79 -7.50 -15.26
N ILE B 110 14.30 -8.65 -15.75
CA ILE B 110 15.22 -9.73 -16.13
C ILE B 110 15.02 -10.19 -17.58
N LYS B 111 16.05 -10.84 -18.12
CA LYS B 111 16.01 -11.40 -19.46
C LYS B 111 16.52 -12.85 -19.43
N PRO B 112 16.19 -13.68 -20.44
CA PRO B 112 16.80 -14.97 -20.70
C PRO B 112 18.30 -14.82 -20.84
N VAL B 113 19.05 -15.87 -20.50
CA VAL B 113 20.51 -15.78 -20.47
C VAL B 113 21.15 -15.57 -21.83
N GLU B 114 22.01 -14.54 -21.89
CA GLU B 114 22.81 -14.26 -23.11
C GLU B 114 24.24 -14.61 -22.74
N TYR B 115 24.78 -15.70 -23.29
CA TYR B 115 26.07 -16.26 -22.91
C TYR B 115 27.20 -15.28 -23.19
N TYR B 116 28.21 -15.27 -22.31
CA TYR B 116 29.36 -14.39 -22.46
C TYR B 116 30.24 -14.90 -23.59
N LYS B 117 30.86 -13.98 -24.33
CA LYS B 117 31.76 -14.36 -25.41
C LYS B 117 33.15 -13.80 -25.16
N PRO B 118 34.21 -14.48 -25.62
CA PRO B 118 35.61 -14.12 -25.47
C PRO B 118 36.02 -13.00 -26.42
N ASP B 119 35.41 -11.85 -26.25
CA ASP B 119 35.67 -10.74 -27.14
C ASP B 119 37.00 -10.10 -26.80
N GLY B 120 37.97 -10.30 -27.68
CA GLY B 120 39.34 -9.81 -27.47
C GLY B 120 40.27 -10.78 -26.70
N CYS B 121 39.80 -12.02 -26.44
CA CYS B 121 40.56 -13.04 -25.70
C CYS B 121 40.99 -14.15 -26.67
N ASN B 122 41.27 -13.74 -27.89
CA ASN B 122 41.74 -14.62 -28.97
C ASN B 122 43.25 -14.46 -29.23
N LYS B 123 43.98 -13.85 -28.26
CA LYS B 123 45.41 -13.57 -28.31
C LYS B 123 46.21 -14.73 -27.76
N THR B 124 47.48 -14.78 -28.11
CA THR B 124 48.38 -15.80 -27.58
C THR B 124 48.49 -15.67 -26.06
N ASN B 125 48.38 -16.79 -25.36
CA ASN B 125 48.49 -16.86 -23.90
C ASN B 125 47.50 -15.95 -23.18
N ASP B 126 46.27 -15.88 -23.68
CA ASP B 126 45.26 -15.04 -23.05
C ASP B 126 44.02 -15.91 -22.85
N HIS B 127 43.75 -16.29 -21.60
CA HIS B 127 42.72 -17.29 -21.30
C HIS B 127 41.40 -16.71 -20.81
N PHE B 128 40.34 -17.03 -21.52
CA PHE B 128 39.00 -16.58 -21.19
C PHE B 128 38.33 -17.53 -20.21
N THR B 129 37.86 -17.01 -19.10
CA THR B 129 37.25 -17.86 -18.08
C THR B 129 36.07 -17.19 -17.38
N MET B 130 35.37 -17.97 -16.57
CA MET B 130 34.29 -17.44 -15.75
C MET B 130 34.43 -17.92 -14.32
N GLN B 131 34.14 -17.04 -13.37
CA GLN B 131 34.24 -17.39 -11.95
C GLN B 131 33.03 -16.85 -11.21
N PRO B 132 32.60 -17.49 -10.11
CA PRO B 132 31.53 -17.03 -9.25
C PRO B 132 32.01 -15.85 -8.42
N GLY B 133 31.09 -15.00 -7.99
CA GLY B 133 31.43 -13.90 -7.10
C GLY B 133 31.59 -14.40 -5.68
N VAL B 134 31.95 -13.51 -4.77
CA VAL B 134 32.24 -13.90 -3.39
C VAL B 134 31.03 -13.86 -2.48
N ASN B 135 29.95 -13.29 -2.97
CA ASN B 135 28.75 -13.14 -2.18
C ASN B 135 27.73 -14.21 -2.51
N PHE B 136 26.91 -14.53 -1.52
CA PHE B 136 25.81 -15.48 -1.69
C PHE B 136 24.64 -14.92 -0.90
N TYR B 137 23.80 -14.15 -1.58
CA TYR B 137 22.79 -13.33 -0.94
C TYR B 137 21.49 -14.06 -0.68
N THR B 138 20.82 -13.72 0.40
CA THR B 138 19.51 -14.31 0.68
C THR B 138 18.41 -13.74 -0.23
N VAL B 139 17.52 -14.63 -0.67
CA VAL B 139 16.33 -14.24 -1.41
C VAL B 139 15.09 -14.71 -0.64
N PRO B 140 14.59 -13.89 0.29
CA PRO B 140 13.57 -14.22 1.25
C PRO B 140 12.22 -14.30 0.59
N ASN B 141 11.31 -15.05 1.20
CA ASN B 141 9.93 -15.11 0.76
C ASN B 141 9.76 -15.56 -0.69
N LEU B 142 10.52 -16.57 -1.11
CA LEU B 142 10.33 -17.12 -2.45
C LEU B 142 8.94 -17.76 -2.49
N GLY B 143 8.55 -18.32 -1.34
CA GLY B 143 7.25 -18.93 -1.13
C GLY B 143 7.03 -19.03 0.38
N PRO B 144 5.78 -19.39 0.78
CA PRO B 144 5.42 -19.45 2.18
C PRO B 144 6.04 -20.62 2.95
N SER B 145 6.00 -20.54 4.27
CA SER B 145 6.53 -21.60 5.12
C SER B 145 5.72 -21.73 6.42
N SER B 146 6.22 -22.52 7.35
CA SER B 146 5.55 -22.74 8.63
C SER B 146 6.52 -23.15 9.74
N SER B 147 6.03 -23.10 10.99
CA SER B 147 6.82 -23.48 12.16
C SER B 147 6.57 -24.87 12.74
N SER B 148 5.49 -25.52 12.33
CA SER B 148 5.15 -26.81 12.93
C SER B 148 6.25 -27.83 12.73
N ALA B 149 6.60 -28.53 13.81
CA ALA B 149 7.65 -29.54 13.76
C ALA B 149 7.15 -30.84 13.18
N ASP B 150 5.85 -30.92 12.94
CA ASP B 150 5.25 -32.12 12.39
C ASP B 150 5.20 -32.06 10.88
N GLU B 151 5.67 -30.94 10.31
CA GLU B 151 5.64 -30.77 8.87
C GLU B 151 7.06 -30.72 8.32
N CYS B 152 7.24 -31.28 7.11
CA CYS B 152 8.51 -31.31 6.39
C CYS B 152 8.32 -30.80 4.97
N TYR B 153 9.17 -29.87 4.55
CA TYR B 153 9.08 -29.31 3.21
C TYR B 153 10.13 -29.96 2.32
N THR B 154 9.68 -30.60 1.26
CA THR B 154 10.60 -31.30 0.38
C THR B 154 10.22 -31.24 -1.09
N ASN B 155 11.05 -31.89 -1.90
CA ASN B 155 10.86 -32.00 -3.34
C ASN B 155 10.48 -30.70 -4.04
N PRO B 156 11.30 -29.65 -3.94
CA PRO B 156 11.09 -28.38 -4.58
C PRO B 156 11.26 -28.50 -6.07
N SER B 157 10.48 -27.72 -6.80
CA SER B 157 10.60 -27.62 -8.25
C SER B 157 10.56 -26.16 -8.60
N PHE B 158 11.63 -25.67 -9.21
CA PHE B 158 11.77 -24.24 -9.46
C PHE B 158 12.19 -23.94 -10.89
N SER B 159 11.50 -23.00 -11.52
CA SER B 159 11.83 -22.59 -12.88
C SER B 159 11.59 -21.12 -13.13
N ILE B 160 12.53 -20.49 -13.84
CA ILE B 160 12.42 -19.07 -14.17
C ILE B 160 12.16 -18.88 -15.65
N GLY B 161 11.11 -18.14 -15.97
CA GLY B 161 10.71 -17.88 -17.34
C GLY B 161 11.26 -16.55 -17.81
N SER B 162 10.52 -15.87 -18.68
CA SER B 162 11.01 -14.61 -19.24
C SER B 162 10.83 -13.42 -18.31
N SER B 163 10.02 -13.59 -17.26
CA SER B 163 9.73 -12.52 -16.32
C SER B 163 9.26 -13.07 -14.99
N ILE B 164 8.54 -14.18 -15.07
CA ILE B 164 7.91 -14.81 -13.92
C ILE B 164 8.63 -16.06 -13.51
N TYR B 165 8.37 -16.51 -12.29
CA TYR B 165 8.92 -17.77 -11.84
C TYR B 165 7.82 -18.66 -11.31
N MET B 166 8.05 -19.96 -11.39
CA MET B 166 7.19 -20.95 -10.80
C MET B 166 7.92 -21.70 -9.73
N PHE B 167 7.26 -21.90 -8.59
CA PHE B 167 7.84 -22.68 -7.48
C PHE B 167 6.77 -23.63 -6.93
N SER B 168 7.16 -24.82 -6.49
CA SER B 168 6.21 -25.80 -5.93
C SER B 168 6.90 -26.58 -4.82
N GLN B 169 6.23 -26.81 -3.69
CA GLN B 169 6.88 -27.48 -2.54
C GLN B 169 5.91 -28.48 -1.96
N GLU B 170 6.37 -29.71 -1.71
CA GLU B 170 5.50 -30.69 -1.07
C GLU B 170 5.62 -30.60 0.43
N ILE B 171 4.48 -30.70 1.13
CA ILE B 171 4.49 -30.66 2.61
C ILE B 171 4.05 -32.03 3.13
N ARG B 172 4.97 -32.79 3.72
CA ARG B 172 4.70 -34.14 4.20
C ARG B 172 4.71 -34.22 5.71
N LYS B 173 3.98 -35.19 6.24
CA LYS B 173 3.88 -35.37 7.67
C LYS B 173 5.04 -36.17 8.24
N THR B 174 5.69 -35.59 9.24
CA THR B 174 6.77 -36.18 10.04
C THR B 174 8.03 -36.69 9.31
N ASP B 175 7.87 -37.71 8.45
CA ASP B 175 9.01 -38.48 7.96
C ASP B 175 9.75 -38.00 6.69
N CYS B 176 9.31 -36.88 6.08
CA CYS B 176 9.92 -36.22 4.88
C CYS B 176 9.91 -37.03 3.57
N THR B 177 10.31 -38.30 3.61
CA THR B 177 10.41 -39.11 2.40
C THR B 177 9.29 -40.13 2.23
N THR B 178 8.86 -40.72 3.34
CA THR B 178 7.85 -41.77 3.30
C THR B 178 6.56 -41.37 3.98
N GLY B 179 6.46 -40.10 4.36
CA GLY B 179 5.30 -39.62 5.08
C GLY B 179 4.14 -39.29 4.14
N GLU B 180 2.98 -39.05 4.73
CA GLU B 180 1.79 -38.70 3.97
C GLU B 180 1.88 -37.28 3.43
N ILE B 181 1.33 -37.05 2.25
CA ILE B 181 1.32 -35.70 1.72
C ILE B 181 0.16 -34.95 2.32
N LEU B 182 0.46 -33.83 2.95
CA LEU B 182 -0.57 -33.02 3.56
C LEU B 182 -1.03 -31.98 2.57
N SER B 183 -0.10 -31.52 1.73
CA SER B 183 -0.45 -30.44 0.77
C SER B 183 0.67 -30.16 -0.23
N ILE B 184 0.32 -29.73 -1.44
CA ILE B 184 1.34 -29.29 -2.43
C ILE B 184 1.04 -27.83 -2.71
N GLN B 185 2.03 -26.94 -2.65
CA GLN B 185 1.72 -25.49 -2.79
C GLN B 185 2.45 -24.91 -4.00
N ILE B 186 1.73 -24.23 -4.88
CA ILE B 186 2.35 -23.64 -6.10
C ILE B 186 2.36 -22.11 -5.95
N VAL B 187 3.52 -21.47 -6.15
CA VAL B 187 3.64 -20.01 -5.91
C VAL B 187 4.12 -19.31 -7.18
N LEU B 188 3.19 -18.71 -7.92
CA LEU B 188 3.53 -17.95 -9.12
C LEU B 188 3.93 -16.54 -8.69
N GLY B 189 5.05 -16.07 -9.18
CA GLY B 189 5.49 -14.74 -8.80
C GLY B 189 6.44 -14.13 -9.81
N ARG B 190 6.97 -12.97 -9.47
CA ARG B 190 7.85 -12.25 -10.37
C ARG B 190 9.21 -11.97 -9.76
N ILE B 191 10.25 -11.84 -10.59
CA ILE B 191 11.56 -11.45 -10.09
C ILE B 191 11.73 -9.93 -10.26
N VAL B 192 12.00 -9.24 -9.16
CA VAL B 192 12.07 -7.79 -9.17
C VAL B 192 13.33 -7.22 -8.49
N ASP B 193 13.57 -5.93 -8.73
CA ASP B 193 14.65 -5.16 -8.11
C ASP B 193 14.14 -4.31 -6.96
N LYS B 194 14.51 -4.64 -5.73
CA LYS B 194 14.01 -3.94 -4.56
C LYS B 194 15.06 -3.07 -3.86
N GLY B 195 16.16 -2.76 -4.55
CA GLY B 195 17.18 -1.90 -3.96
C GLY B 195 18.18 -2.65 -3.09
N GLN B 196 18.21 -3.97 -3.24
CA GLN B 196 19.13 -4.82 -2.50
C GLN B 196 20.31 -5.16 -3.37
N GLN B 197 21.26 -5.94 -2.84
CA GLN B 197 22.49 -6.26 -3.60
C GLN B 197 22.20 -7.25 -4.74
N GLY B 198 21.14 -8.06 -4.63
CA GLY B 198 20.78 -9.01 -5.67
C GLY B 198 19.28 -8.92 -5.96
N PRO B 199 18.76 -9.75 -6.87
CA PRO B 199 17.37 -9.84 -7.27
C PRO B 199 16.55 -10.41 -6.13
N GLN B 200 15.27 -10.05 -6.06
CA GLN B 200 14.38 -10.52 -5.01
C GLN B 200 13.07 -11.06 -5.57
N ALA B 201 12.45 -11.98 -4.84
CA ALA B 201 11.18 -12.58 -5.26
C ALA B 201 9.97 -11.73 -4.85
N SER B 202 8.92 -11.79 -5.65
CA SER B 202 7.65 -11.12 -5.35
C SER B 202 6.43 -11.97 -5.73
N PRO B 203 5.89 -12.77 -4.82
CA PRO B 203 4.74 -13.65 -5.01
C PRO B 203 3.49 -12.89 -5.43
N LEU B 204 2.77 -13.43 -6.42
CA LEU B 204 1.53 -12.83 -6.90
C LEU B 204 0.32 -13.73 -6.64
N LEU B 205 0.52 -15.03 -6.81
CA LEU B 205 -0.55 -16.02 -6.69
C LEU B 205 -0.10 -17.29 -5.98
N VAL B 206 -0.76 -17.65 -4.88
CA VAL B 206 -0.42 -18.92 -4.17
C VAL B 206 -1.61 -19.88 -4.28
N TRP B 207 -1.37 -21.16 -4.61
CA TRP B 207 -2.49 -22.11 -4.83
C TRP B 207 -2.17 -23.46 -4.19
N SER B 208 -3.19 -24.20 -3.76
CA SER B 208 -2.99 -25.52 -3.11
C SER B 208 -3.72 -26.61 -3.90
N VAL B 209 -2.99 -27.54 -4.50
CA VAL B 209 -3.54 -28.60 -5.33
C VAL B 209 -4.54 -29.43 -4.52
N PRO B 210 -5.77 -29.63 -5.00
CA PRO B 210 -6.81 -30.39 -4.34
C PRO B 210 -6.48 -31.87 -4.35
N ASN B 211 -6.95 -32.59 -3.33
CA ASN B 211 -6.75 -34.03 -3.23
C ASN B 211 -5.29 -34.47 -3.44
N PRO B 212 -4.33 -33.93 -2.68
CA PRO B 212 -2.90 -34.18 -2.80
C PRO B 212 -2.53 -35.63 -2.52
N LYS B 213 -3.41 -36.32 -1.82
CA LYS B 213 -3.19 -37.69 -1.41
C LYS B 213 -3.12 -38.69 -2.56
N ILE B 214 -3.62 -38.30 -3.74
CA ILE B 214 -3.61 -39.22 -4.88
C ILE B 214 -2.59 -38.81 -5.93
N ILE B 215 -1.62 -37.99 -5.54
CA ILE B 215 -0.59 -37.56 -6.48
C ILE B 215 0.75 -38.24 -6.24
N ASN B 216 1.33 -38.77 -7.32
CA ASN B 216 2.64 -39.40 -7.24
C ASN B 216 3.71 -38.31 -7.21
N SER B 217 3.60 -37.36 -8.14
CA SER B 217 4.51 -36.21 -8.15
C SER B 217 4.02 -35.10 -9.09
N CYS B 218 4.47 -33.87 -8.85
CA CYS B 218 4.22 -32.69 -9.68
C CYS B 218 5.53 -31.99 -10.06
N ALA B 219 5.52 -31.31 -11.20
CA ALA B 219 6.66 -30.50 -11.61
C ALA B 219 6.19 -29.26 -12.36
N VAL B 220 7.02 -28.21 -12.39
CA VAL B 220 6.60 -26.97 -13.02
C VAL B 220 7.36 -26.66 -14.30
N ALA B 221 6.80 -25.76 -15.09
CA ALA B 221 7.40 -25.22 -16.31
C ALA B 221 6.94 -23.76 -16.46
N ALA B 222 7.71 -22.93 -17.14
CA ALA B 222 7.27 -21.54 -17.32
C ALA B 222 7.71 -20.95 -18.64
N GLY B 223 6.90 -20.05 -19.18
CA GLY B 223 7.19 -19.34 -20.43
C GLY B 223 7.01 -17.84 -20.27
N ASP B 224 6.21 -17.25 -21.17
CA ASP B 224 5.97 -15.80 -21.18
C ASP B 224 4.66 -15.45 -20.46
N GLU B 225 4.79 -15.07 -19.20
CA GLU B 225 3.65 -14.72 -18.34
C GLU B 225 2.65 -15.87 -18.12
N THR B 226 3.03 -17.08 -18.51
CA THR B 226 2.20 -18.26 -18.29
C THR B 226 3.00 -19.36 -17.60
N GLY B 227 2.43 -19.94 -16.56
CA GLY B 227 3.05 -21.06 -15.87
C GLY B 227 2.27 -22.33 -16.08
N TRP B 228 2.95 -23.47 -16.03
CA TRP B 228 2.29 -24.76 -16.17
C TRP B 228 2.70 -25.72 -15.08
N VAL B 229 1.78 -26.56 -14.65
CA VAL B 229 2.08 -27.64 -13.72
C VAL B 229 1.55 -28.97 -14.21
N LEU B 230 2.41 -29.99 -14.24
CA LEU B 230 1.98 -31.32 -14.64
C LEU B 230 2.12 -32.27 -13.47
N CYS B 231 1.02 -32.95 -13.10
CA CYS B 231 0.96 -33.88 -11.96
C CYS B 231 0.54 -35.27 -12.42
N SER B 232 1.26 -36.27 -11.95
CA SER B 232 0.92 -37.66 -12.22
C SER B 232 0.11 -38.19 -11.06
N VAL B 233 -1.03 -38.83 -11.35
CA VAL B 233 -1.90 -39.33 -10.30
C VAL B 233 -2.06 -40.82 -10.33
N THR B 234 -2.56 -41.34 -9.21
CA THR B 234 -2.68 -42.77 -9.00
C THR B 234 -4.12 -43.25 -8.87
N LEU B 235 -4.27 -44.54 -8.62
CA LEU B 235 -5.55 -45.22 -8.46
C LEU B 235 -6.03 -45.12 -7.03
N THR B 236 -7.34 -45.24 -6.85
CA THR B 236 -7.90 -45.29 -5.53
C THR B 236 -8.66 -46.59 -5.32
N ALA B 237 -8.87 -46.98 -4.05
CA ALA B 237 -9.58 -48.18 -3.65
C ALA B 237 -11.09 -47.91 -3.61
N GLU B 241 -9.36 -43.68 -0.30
CA GLU B 241 -8.01 -44.09 0.07
C GLU B 241 -7.23 -44.52 -1.20
N PRO B 242 -6.01 -43.95 -1.48
CA PRO B 242 -5.15 -44.24 -2.63
C PRO B 242 -4.48 -45.60 -2.55
N ILE B 243 -4.10 -46.13 -3.71
CA ILE B 243 -3.30 -47.33 -3.80
C ILE B 243 -1.89 -46.93 -4.23
N PRO B 244 -0.89 -47.01 -3.34
CA PRO B 244 0.46 -46.51 -3.54
C PRO B 244 1.19 -46.81 -4.85
N HIS B 245 1.74 -45.75 -5.43
CA HIS B 245 2.50 -45.79 -6.68
C HIS B 245 1.96 -46.71 -7.85
N MET B 246 0.76 -46.32 -8.25
CA MET B 246 0.01 -47.03 -9.29
C MET B 246 -0.17 -45.85 -10.23
N PHE B 247 -0.54 -46.09 -11.47
CA PHE B 247 -0.70 -45.00 -12.44
C PHE B 247 -2.10 -44.89 -13.04
N ASP B 248 -2.63 -43.66 -13.06
CA ASP B 248 -3.95 -43.39 -13.66
C ASP B 248 -4.06 -42.03 -14.37
N GLY B 249 -3.16 -41.76 -15.28
CA GLY B 249 -3.22 -40.53 -16.06
C GLY B 249 -2.60 -39.33 -15.37
N PHE B 250 -2.83 -38.15 -15.94
CA PHE B 250 -2.20 -36.92 -15.48
C PHE B 250 -3.19 -35.76 -15.34
N TRP B 251 -2.82 -34.76 -14.54
CA TRP B 251 -3.51 -33.48 -14.51
C TRP B 251 -2.60 -32.37 -14.96
N LEU B 252 -3.14 -31.44 -15.74
CA LEU B 252 -2.36 -30.29 -16.18
C LEU B 252 -3.03 -29.01 -15.69
N TYR B 253 -2.26 -28.10 -15.11
CA TYR B 253 -2.84 -26.85 -14.63
C TYR B 253 -2.19 -25.65 -15.30
N LYS B 254 -3.00 -24.67 -15.67
CA LYS B 254 -2.50 -23.45 -16.30
C LYS B 254 -2.62 -22.25 -15.37
N PHE B 255 -1.51 -21.58 -15.12
CA PHE B 255 -1.47 -20.43 -14.21
C PHE B 255 -1.17 -19.13 -14.93
N GLU B 256 -2.01 -18.12 -14.71
CA GLU B 256 -1.78 -16.80 -15.29
C GLU B 256 -1.96 -15.74 -14.20
N PRO B 257 -1.27 -14.58 -14.28
CA PRO B 257 -1.43 -13.44 -13.39
C PRO B 257 -2.85 -12.91 -13.35
N ASP B 258 -3.34 -12.61 -12.15
CA ASP B 258 -4.67 -12.04 -11.94
C ASP B 258 -5.75 -12.82 -12.67
N THR B 259 -5.62 -14.12 -12.69
CA THR B 259 -6.52 -15.00 -13.42
C THR B 259 -6.76 -16.28 -12.63
N GLU B 260 -7.89 -16.94 -12.88
CA GLU B 260 -8.18 -18.22 -12.23
C GLU B 260 -7.34 -19.35 -12.85
N VAL B 261 -7.11 -20.40 -12.07
CA VAL B 261 -6.34 -21.55 -12.54
C VAL B 261 -7.22 -22.51 -13.32
N VAL B 262 -6.77 -22.91 -14.50
CA VAL B 262 -7.53 -23.82 -15.34
C VAL B 262 -6.97 -25.22 -15.31
N ALA B 263 -7.81 -26.20 -14.96
CA ALA B 263 -7.34 -27.57 -14.85
C ALA B 263 -7.82 -28.43 -16.00
N TYR B 264 -6.97 -29.35 -16.44
CA TYR B 264 -7.33 -30.30 -17.48
C TYR B 264 -7.04 -31.73 -17.02
N ARG B 265 -7.93 -32.65 -17.35
CA ARG B 265 -7.67 -34.07 -17.06
C ARG B 265 -7.17 -34.76 -18.31
N ILE B 266 -6.02 -35.41 -18.23
CA ILE B 266 -5.49 -36.14 -19.37
C ILE B 266 -5.53 -37.63 -19.06
N THR B 267 -6.54 -38.30 -19.57
CA THR B 267 -6.70 -39.72 -19.30
C THR B 267 -7.33 -40.44 -20.47
N GLY B 268 -7.68 -41.70 -20.29
CA GLY B 268 -8.29 -42.45 -21.36
C GLY B 268 -7.35 -42.57 -22.54
N PHE B 269 -7.79 -42.08 -23.69
CA PHE B 269 -7.00 -42.16 -24.91
C PHE B 269 -6.26 -40.86 -25.19
N ALA B 270 -6.25 -39.97 -24.20
CA ALA B 270 -5.58 -38.69 -24.33
C ALA B 270 -4.08 -38.84 -24.16
N TYR B 271 -3.63 -40.01 -23.74
CA TYR B 271 -2.19 -40.21 -23.63
C TYR B 271 -1.80 -41.56 -24.18
N LEU B 272 -0.56 -41.63 -24.66
CA LEU B 272 0.02 -42.85 -25.21
C LEU B 272 1.45 -42.99 -24.75
N LEU B 273 1.74 -44.05 -24.02
CA LEU B 273 3.11 -44.23 -23.58
C LEU B 273 3.78 -45.28 -24.45
N ASP B 274 5.07 -45.07 -24.69
CA ASP B 274 5.89 -45.96 -25.50
C ASP B 274 5.89 -47.39 -24.96
N LYS B 275 6.19 -47.51 -23.68
CA LYS B 275 6.22 -48.81 -23.02
C LYS B 275 5.04 -48.87 -22.08
N VAL B 276 4.68 -50.06 -21.63
CA VAL B 276 3.60 -50.15 -20.67
C VAL B 276 4.15 -49.85 -19.29
N TYR B 277 3.60 -48.83 -18.63
CA TYR B 277 4.04 -48.45 -17.31
C TYR B 277 3.05 -48.82 -16.23
N ASP B 278 3.58 -49.32 -15.12
CA ASP B 278 2.76 -49.61 -13.96
C ASP B 278 2.77 -48.42 -13.03
N SER B 279 3.86 -47.68 -13.03
CA SER B 279 4.02 -46.52 -12.15
C SER B 279 4.79 -45.39 -12.81
N VAL B 280 4.20 -44.21 -12.86
CA VAL B 280 4.81 -43.05 -13.52
C VAL B 280 4.98 -41.84 -12.61
N PHE B 281 6.19 -41.29 -12.63
CA PHE B 281 6.53 -40.08 -11.89
C PHE B 281 7.02 -39.00 -12.83
N ILE B 282 6.75 -37.74 -12.48
CA ILE B 282 7.25 -36.61 -13.23
C ILE B 282 8.56 -36.14 -12.61
N GLY B 283 9.58 -35.94 -13.44
CA GLY B 283 10.89 -35.55 -12.95
C GLY B 283 10.84 -34.23 -12.19
N LYS B 284 11.43 -34.26 -11.00
CA LYS B 284 11.46 -33.15 -10.06
C LYS B 284 11.97 -31.83 -10.62
N GLY B 285 12.96 -31.86 -11.50
CA GLY B 285 13.59 -30.64 -11.95
C GLY B 285 12.72 -29.71 -12.78
N GLY B 286 11.65 -30.22 -13.37
CA GLY B 286 10.77 -29.36 -14.17
C GLY B 286 10.99 -29.51 -15.66
N GLY B 287 10.15 -28.79 -16.42
CA GLY B 287 10.13 -28.86 -17.87
C GLY B 287 10.20 -27.49 -18.53
N ILE B 288 10.02 -27.49 -19.85
CA ILE B 288 10.09 -26.27 -20.66
C ILE B 288 8.90 -26.12 -21.58
N GLN B 289 8.67 -24.91 -22.08
CA GLN B 289 7.67 -24.70 -23.12
C GLN B 289 8.30 -24.19 -24.40
N ARG B 290 8.01 -24.88 -25.50
CA ARG B 290 8.52 -24.50 -26.81
C ARG B 290 7.37 -24.39 -27.78
N GLY B 291 7.06 -23.17 -28.22
CA GLY B 291 5.91 -23.01 -29.08
C GLY B 291 4.65 -23.42 -28.32
N ASN B 292 3.92 -24.36 -28.89
CA ASN B 292 2.66 -24.84 -28.32
C ASN B 292 2.78 -26.19 -27.61
N ASP B 293 4.00 -26.65 -27.35
CA ASP B 293 4.19 -27.94 -26.67
C ASP B 293 5.00 -27.80 -25.38
N LEU B 294 4.78 -28.72 -24.44
CA LEU B 294 5.58 -28.74 -23.22
C LEU B 294 6.45 -29.97 -23.17
N TYR B 295 7.65 -29.85 -22.63
CA TYR B 295 8.51 -31.01 -22.49
C TYR B 295 8.94 -31.23 -21.05
N PHE B 296 8.68 -32.44 -20.58
CA PHE B 296 9.03 -32.86 -19.24
C PHE B 296 9.82 -34.15 -19.27
N GLN B 297 10.57 -34.40 -18.22
CA GLN B 297 11.24 -35.68 -18.07
C GLN B 297 10.38 -36.54 -17.17
N MET B 298 10.31 -37.84 -17.46
CA MET B 298 9.56 -38.75 -16.60
C MET B 298 10.37 -39.99 -16.35
N PHE B 299 10.00 -40.73 -15.33
CA PHE B 299 10.61 -42.01 -15.09
C PHE B 299 9.58 -42.91 -14.47
N GLY B 300 9.80 -44.20 -14.54
CA GLY B 300 8.84 -45.09 -13.94
C GLY B 300 9.17 -46.55 -14.11
N LEU B 301 8.25 -47.38 -13.65
CA LEU B 301 8.41 -48.82 -13.66
C LEU B 301 7.66 -49.39 -14.85
N SER B 302 8.40 -50.03 -15.76
CA SER B 302 7.82 -50.54 -17.01
C SER B 302 8.01 -52.03 -17.20
N ARG B 303 7.11 -52.60 -18.00
CA ARG B 303 7.16 -54.02 -18.30
C ARG B 303 8.19 -54.32 -19.38
N ASN B 304 8.86 -55.47 -19.26
CA ASN B 304 9.89 -55.86 -20.21
C ASN B 304 9.83 -57.31 -20.62
N ARG B 305 9.92 -57.57 -21.92
CA ARG B 305 9.90 -58.93 -22.42
C ARG B 305 11.17 -59.29 -23.22
N GLN B 306 12.19 -58.45 -23.15
CA GLN B 306 13.43 -58.68 -23.88
C GLN B 306 14.63 -58.78 -22.94
N SER B 307 15.69 -59.44 -23.39
CA SER B 307 16.90 -59.47 -22.60
C SER B 307 17.56 -58.11 -22.65
N ILE B 308 18.43 -57.80 -21.70
CA ILE B 308 19.10 -56.51 -21.73
C ILE B 308 20.60 -56.63 -21.57
N LYS B 309 21.30 -55.58 -21.97
CA LYS B 309 22.72 -55.41 -21.73
C LYS B 309 22.91 -54.02 -21.17
N ALA B 310 22.90 -53.89 -19.86
CA ALA B 310 22.89 -52.58 -19.24
C ALA B 310 24.18 -51.84 -19.50
N LEU B 311 24.06 -50.52 -19.64
CA LEU B 311 25.24 -49.67 -19.75
C LEU B 311 26.08 -49.86 -18.49
N CYS B 312 27.38 -50.13 -18.66
CA CYS B 312 28.25 -50.48 -17.54
C CYS B 312 29.64 -49.87 -17.73
N GLU B 313 29.76 -48.58 -17.41
CA GLU B 313 31.00 -47.84 -17.57
C GLU B 313 31.67 -47.56 -16.23
N HIS B 314 32.87 -48.06 -16.05
CA HIS B 314 33.63 -47.90 -14.80
C HIS B 314 35.12 -47.94 -15.07
N GLY B 315 35.92 -47.69 -14.03
CA GLY B 315 37.37 -47.64 -14.16
C GLY B 315 38.05 -48.98 -13.93
N SER B 316 39.33 -48.92 -13.56
CA SER B 316 40.16 -50.12 -13.42
C SER B 316 39.93 -50.84 -12.07
N CYS B 317 38.74 -51.41 -11.93
CA CYS B 317 38.28 -52.11 -10.72
C CYS B 317 39.10 -53.36 -10.44
N LEU B 318 39.49 -54.06 -11.49
CA LEU B 318 40.26 -55.29 -11.35
C LEU B 318 41.38 -55.33 -12.38
N GLY B 323 33.37 -59.98 -15.90
CA GLY B 323 32.14 -60.73 -16.06
C GLY B 323 31.13 -60.40 -14.97
N GLY B 324 31.57 -60.47 -13.70
CA GLY B 324 30.75 -60.21 -12.52
C GLY B 324 30.17 -58.80 -12.51
N TYR B 325 30.91 -57.84 -13.04
CA TYR B 325 30.42 -56.48 -13.04
C TYR B 325 29.28 -56.30 -14.02
N GLN B 326 29.29 -57.01 -15.14
CA GLN B 326 28.19 -56.85 -16.08
C GLN B 326 26.92 -57.39 -15.46
N VAL B 327 27.05 -58.47 -14.70
CA VAL B 327 25.88 -59.05 -14.07
C VAL B 327 25.30 -58.07 -13.07
N LEU B 328 26.17 -57.44 -12.28
CA LEU B 328 25.70 -56.44 -11.32
C LEU B 328 25.04 -55.23 -12.02
N CYS B 329 25.60 -54.77 -13.16
CA CYS B 329 25.05 -53.66 -13.95
C CYS B 329 23.67 -53.99 -14.51
N ASP B 330 23.43 -55.27 -14.83
CA ASP B 330 22.11 -55.66 -15.32
C ASP B 330 21.11 -55.71 -14.19
N ARG B 331 21.51 -56.24 -13.02
CA ARG B 331 20.59 -56.39 -11.88
C ARG B 331 20.33 -55.02 -11.22
N ALA B 332 21.20 -54.05 -11.45
CA ALA B 332 21.05 -52.71 -10.92
C ALA B 332 19.90 -51.94 -11.53
N VAL B 333 19.38 -52.37 -12.68
CA VAL B 333 18.27 -51.64 -13.31
C VAL B 333 16.94 -52.39 -13.22
N MET B 334 16.96 -53.56 -12.58
CA MET B 334 15.78 -54.41 -12.44
C MET B 334 15.06 -54.13 -11.13
N SER B 335 13.74 -54.21 -11.15
CA SER B 335 12.96 -54.03 -9.94
C SER B 335 12.85 -55.34 -9.18
N PHE B 336 13.40 -55.39 -7.97
CA PHE B 336 13.38 -56.65 -7.17
C PHE B 336 14.11 -57.76 -7.93
N GLY B 337 15.07 -57.40 -8.80
CA GLY B 337 15.88 -58.39 -9.50
C GLY B 337 15.14 -59.10 -10.64
N SER B 338 13.92 -58.67 -10.94
CA SER B 338 13.15 -59.32 -12.00
C SER B 338 13.51 -59.02 -13.45
N GLU B 339 13.74 -60.04 -14.26
CA GLU B 339 14.13 -59.67 -15.66
C GLU B 339 13.01 -58.88 -16.32
N GLU B 340 11.74 -59.25 -16.08
CA GLU B 340 10.60 -58.55 -16.63
C GLU B 340 10.05 -57.20 -16.18
N SER B 341 10.72 -56.54 -15.25
CA SER B 341 10.23 -55.24 -14.79
C SER B 341 11.37 -54.30 -14.50
N LEU B 342 11.52 -53.28 -15.34
CA LEU B 342 12.68 -52.39 -15.27
C LEU B 342 12.30 -50.99 -14.82
N ILE B 343 13.25 -50.28 -14.23
CA ILE B 343 13.02 -48.88 -13.90
C ILE B 343 13.81 -48.02 -14.86
N SER B 344 13.10 -47.18 -15.63
CA SER B 344 13.73 -46.44 -16.73
C SER B 344 13.24 -45.01 -16.89
N ASN B 345 14.01 -44.25 -17.67
CA ASN B 345 13.73 -42.86 -18.00
C ASN B 345 13.05 -42.73 -19.36
N ALA B 346 12.30 -41.64 -19.53
CA ALA B 346 11.67 -41.34 -20.81
C ALA B 346 11.41 -39.85 -20.99
N TYR B 347 11.26 -39.41 -22.24
CA TYR B 347 10.84 -38.05 -22.51
C TYR B 347 9.32 -38.00 -22.52
N LEU B 348 8.73 -36.96 -21.97
CA LEU B 348 7.28 -36.79 -22.00
C LEU B 348 6.89 -35.48 -22.71
N LYS B 349 6.14 -35.59 -23.80
CA LYS B 349 5.72 -34.41 -24.53
C LYS B 349 4.22 -34.15 -24.38
N VAL B 350 3.87 -32.92 -24.03
CA VAL B 350 2.46 -32.53 -23.94
C VAL B 350 2.13 -31.74 -25.19
N ASN B 351 1.30 -32.30 -26.04
CA ASN B 351 0.98 -31.73 -27.35
C ASN B 351 -0.19 -30.78 -27.35
N ASP B 352 -0.03 -29.68 -28.09
CA ASP B 352 -1.11 -28.74 -28.38
C ASP B 352 -1.84 -28.17 -27.17
N VAL B 353 -1.12 -27.50 -26.28
CA VAL B 353 -1.77 -27.03 -25.06
C VAL B 353 -2.81 -25.93 -25.29
N ALA B 354 -2.64 -25.11 -26.33
CA ALA B 354 -3.54 -24.00 -26.62
C ALA B 354 -4.96 -24.45 -27.00
N SER B 355 -5.13 -25.70 -27.42
CA SER B 355 -6.44 -26.13 -27.89
C SER B 355 -7.42 -26.37 -26.75
N GLY B 356 -6.90 -26.52 -25.54
CA GLY B 356 -7.76 -26.80 -24.39
C GLY B 356 -7.97 -28.30 -24.22
N LYS B 357 -7.45 -29.09 -25.15
CA LYS B 357 -7.57 -30.54 -25.11
C LYS B 357 -6.22 -31.20 -25.40
N PRO B 358 -5.25 -31.08 -24.49
CA PRO B 358 -3.87 -31.53 -24.63
C PRO B 358 -3.79 -33.04 -24.59
N THR B 359 -2.76 -33.57 -25.24
CA THR B 359 -2.49 -35.00 -25.18
C THR B 359 -1.03 -35.28 -24.81
N ILE B 360 -0.75 -36.47 -24.31
CA ILE B 360 0.63 -36.81 -23.94
C ILE B 360 1.22 -38.02 -24.65
N ILE B 361 2.40 -37.83 -25.22
CA ILE B 361 3.13 -38.90 -25.91
C ILE B 361 4.56 -39.05 -25.35
N SER B 362 4.96 -40.27 -24.97
CA SER B 362 6.31 -40.46 -24.44
C SER B 362 7.25 -41.23 -25.37
N GLN B 363 8.56 -41.11 -25.10
CA GLN B 363 9.59 -41.90 -25.80
C GLN B 363 10.67 -42.37 -24.81
N THR B 364 10.81 -43.69 -24.68
CA THR B 364 11.65 -44.29 -23.64
C THR B 364 13.09 -44.58 -24.03
N PHE B 365 14.01 -44.35 -23.08
CA PHE B 365 15.43 -44.65 -23.28
C PHE B 365 15.66 -46.14 -23.06
N PRO B 366 16.48 -46.81 -23.86
CA PRO B 366 16.84 -48.21 -23.71
C PRO B 366 17.76 -48.36 -22.51
N PRO B 367 17.79 -49.53 -21.86
CA PRO B 367 18.64 -49.88 -20.73
C PRO B 367 20.11 -49.91 -21.12
N SER B 368 20.37 -50.00 -22.43
CA SER B 368 21.73 -50.04 -22.95
C SER B 368 22.38 -48.67 -23.04
N ASP B 369 21.60 -47.62 -22.86
CA ASP B 369 22.15 -46.26 -22.94
C ASP B 369 21.78 -45.43 -21.72
N SER B 370 21.52 -46.10 -20.61
CA SER B 370 21.16 -45.39 -19.41
C SER B 370 21.40 -46.21 -18.17
N TYR B 371 20.98 -45.66 -17.05
CA TYR B 371 21.10 -46.28 -15.75
C TYR B 371 19.74 -46.32 -15.12
N LYS B 372 19.64 -46.86 -13.93
CA LYS B 372 18.36 -46.95 -13.25
C LYS B 372 17.65 -45.60 -13.35
N GLY B 373 16.37 -45.62 -13.72
CA GLY B 373 15.59 -44.40 -13.89
C GLY B 373 15.60 -43.51 -12.66
N SER B 374 15.53 -42.20 -12.90
CA SER B 374 15.64 -41.21 -11.82
C SER B 374 15.05 -39.85 -12.16
N ASN B 375 14.99 -38.98 -11.14
CA ASN B 375 14.56 -37.59 -11.33
C ASN B 375 15.53 -36.84 -12.22
N GLY B 376 14.99 -36.12 -13.19
CA GLY B 376 15.82 -35.34 -14.10
C GLY B 376 15.20 -33.98 -14.39
N ARG B 377 15.77 -33.29 -15.37
CA ARG B 377 15.35 -31.95 -15.78
C ARG B 377 15.55 -31.69 -17.27
N ILE B 378 14.62 -30.96 -17.89
CA ILE B 378 14.77 -30.55 -19.29
C ILE B 378 15.24 -29.10 -19.38
N TYR B 379 16.27 -28.88 -20.19
CA TYR B 379 16.87 -27.57 -20.38
C TYR B 379 16.67 -27.06 -21.79
N THR B 380 16.60 -25.75 -21.93
CA THR B 380 16.65 -25.13 -23.24
C THR B 380 17.99 -24.43 -23.37
N ILE B 381 18.76 -24.79 -24.38
CA ILE B 381 20.09 -24.22 -24.55
C ILE B 381 20.18 -23.60 -25.93
N GLY B 382 19.73 -22.35 -26.05
CA GLY B 382 19.62 -21.72 -27.35
C GLY B 382 18.62 -22.50 -28.20
N GLU B 383 19.03 -22.89 -29.40
CA GLU B 383 18.19 -23.64 -30.32
C GLU B 383 18.17 -25.15 -29.99
N ARG B 384 19.04 -25.56 -29.09
CA ARG B 384 19.23 -26.96 -28.74
C ARG B 384 18.63 -27.26 -27.37
N TYR B 385 18.59 -28.52 -27.01
CA TYR B 385 18.03 -28.92 -25.72
C TYR B 385 19.03 -29.74 -24.92
N GLY B 386 18.85 -29.77 -23.61
CA GLY B 386 19.69 -30.63 -22.78
C GLY B 386 18.86 -31.41 -21.78
N ILE B 387 19.43 -32.49 -21.27
CA ILE B 387 18.77 -33.29 -20.25
C ILE B 387 19.70 -33.66 -19.10
N TYR B 388 19.22 -33.48 -17.88
CA TYR B 388 19.98 -33.88 -16.70
C TYR B 388 19.32 -35.07 -16.03
N LEU B 389 20.12 -36.08 -15.71
CA LEU B 389 19.60 -37.24 -15.00
C LEU B 389 20.37 -37.42 -13.70
N ALA B 390 19.67 -37.38 -12.56
CA ALA B 390 20.33 -37.51 -11.28
C ALA B 390 20.84 -38.94 -11.11
N PRO B 391 21.94 -39.16 -10.37
CA PRO B 391 22.38 -40.46 -9.91
C PRO B 391 21.32 -41.07 -9.03
N SER B 392 21.18 -42.39 -9.10
CA SER B 392 20.21 -43.08 -8.26
C SER B 392 20.74 -44.46 -7.92
N SER B 393 21.80 -44.83 -8.61
CA SER B 393 22.41 -46.15 -8.47
C SER B 393 23.91 -46.03 -8.21
N TRP B 394 24.65 -47.07 -8.59
CA TRP B 394 26.09 -47.15 -8.34
C TRP B 394 26.95 -46.08 -9.04
N ASN B 395 26.49 -45.56 -10.18
CA ASN B 395 27.27 -44.55 -10.89
C ASN B 395 26.88 -43.15 -10.40
N ARG B 396 27.82 -42.48 -9.75
CA ARG B 396 27.55 -41.20 -9.11
C ARG B 396 28.13 -39.98 -9.86
N TYR B 397 28.57 -40.20 -11.09
CA TYR B 397 29.15 -39.12 -11.91
C TYR B 397 28.04 -38.32 -12.59
N LEU B 398 28.33 -37.09 -12.98
CA LEU B 398 27.36 -36.30 -13.73
C LEU B 398 26.92 -36.96 -15.01
N ARG B 399 25.59 -37.05 -15.20
CA ARG B 399 25.01 -37.59 -16.43
C ARG B 399 24.14 -36.52 -17.08
N PHE B 400 24.67 -35.92 -18.12
CA PHE B 400 24.00 -34.80 -18.77
C PHE B 400 24.21 -34.90 -20.27
N GLY B 401 23.16 -34.71 -21.05
CA GLY B 401 23.30 -34.81 -22.50
C GLY B 401 22.75 -33.62 -23.25
N LEU B 402 23.19 -33.51 -24.49
CA LEU B 402 22.75 -32.46 -25.41
C LEU B 402 22.08 -33.06 -26.64
N THR B 403 21.13 -32.34 -27.21
CA THR B 403 20.48 -32.83 -28.41
C THR B 403 19.88 -31.69 -29.26
N PRO B 404 19.88 -31.81 -30.60
CA PRO B 404 19.25 -30.89 -31.52
C PRO B 404 17.72 -30.93 -31.47
N ASP B 405 17.18 -32.02 -30.95
CA ASP B 405 15.72 -32.17 -30.84
C ASP B 405 15.39 -33.10 -29.71
N ILE B 406 14.19 -33.03 -29.19
CA ILE B 406 13.93 -33.91 -28.06
C ILE B 406 13.49 -35.28 -28.51
N SER B 407 14.49 -36.16 -28.58
CA SER B 407 14.35 -37.56 -28.97
C SER B 407 15.48 -38.35 -28.32
N VAL B 408 15.30 -39.66 -28.20
CA VAL B 408 16.30 -40.52 -27.62
C VAL B 408 17.52 -40.74 -28.50
N ARG B 409 17.29 -40.98 -29.79
CA ARG B 409 18.37 -41.34 -30.71
C ARG B 409 19.32 -40.20 -31.06
N SER B 410 18.93 -38.97 -30.76
CA SER B 410 19.77 -37.83 -31.09
C SER B 410 20.57 -37.30 -29.90
N THR B 411 20.46 -37.95 -28.74
CA THR B 411 21.15 -37.45 -27.55
C THR B 411 22.60 -37.88 -27.49
N THR B 412 23.47 -36.90 -27.25
CA THR B 412 24.90 -37.10 -27.08
C THR B 412 25.30 -36.76 -25.66
N TRP B 413 25.97 -37.66 -24.97
CA TRP B 413 26.28 -37.46 -23.57
C TRP B 413 27.63 -36.77 -23.36
N LEU B 414 27.71 -35.92 -22.33
CA LEU B 414 28.94 -35.22 -21.97
C LEU B 414 29.90 -36.16 -21.27
N LYS B 415 31.20 -35.83 -21.31
CA LYS B 415 32.24 -36.64 -20.69
C LYS B 415 32.83 -36.05 -19.42
N GLU B 416 32.16 -35.03 -18.87
CA GLU B 416 32.63 -34.40 -17.63
C GLU B 416 32.16 -35.22 -16.44
N LYS B 417 32.88 -35.14 -15.32
CA LYS B 417 32.52 -35.89 -14.13
C LYS B 417 31.92 -35.04 -13.02
N ASP B 418 32.39 -33.81 -12.89
CA ASP B 418 31.99 -32.91 -11.81
C ASP B 418 30.58 -32.38 -12.02
N PRO B 419 29.77 -32.31 -10.97
CA PRO B 419 29.92 -32.78 -9.61
C PRO B 419 29.74 -34.29 -9.46
N ILE B 420 30.33 -34.86 -8.43
CA ILE B 420 30.08 -36.25 -8.05
C ILE B 420 29.20 -36.24 -6.82
N MET B 421 28.11 -36.99 -6.85
CA MET B 421 27.20 -36.95 -5.71
C MET B 421 27.73 -37.83 -4.59
N LYS B 422 27.94 -37.21 -3.43
CA LYS B 422 28.53 -37.88 -2.26
C LYS B 422 27.60 -37.96 -1.05
N VAL B 423 26.35 -37.52 -1.20
CA VAL B 423 25.43 -37.49 -0.07
C VAL B 423 24.20 -38.31 -0.32
N LEU B 424 23.48 -38.66 0.74
CA LEU B 424 22.26 -39.42 0.65
C LEU B 424 22.44 -40.68 -0.16
N THR B 425 23.53 -41.38 0.09
CA THR B 425 23.85 -42.60 -0.64
C THR B 425 24.21 -43.74 0.28
N THR B 426 23.87 -44.94 -0.16
CA THR B 426 24.23 -46.18 0.53
C THR B 426 25.34 -46.98 -0.18
N CYS B 427 25.99 -46.37 -1.19
CA CYS B 427 27.05 -46.98 -1.98
C CYS B 427 28.38 -46.90 -1.24
N THR B 428 29.23 -47.91 -1.42
CA THR B 428 30.53 -47.96 -0.76
C THR B 428 31.69 -47.95 -1.74
N ASN B 429 31.41 -47.55 -2.98
CA ASN B 429 32.47 -47.52 -3.99
C ASN B 429 33.25 -46.21 -3.89
N THR B 430 34.26 -46.06 -4.73
CA THR B 430 35.11 -44.88 -4.67
C THR B 430 34.89 -43.94 -5.84
N ASP B 431 35.32 -42.69 -5.68
CA ASP B 431 35.12 -41.65 -6.69
C ASP B 431 36.06 -41.80 -7.87
N LYS B 432 37.03 -42.69 -7.75
CA LYS B 432 37.98 -42.91 -8.84
C LYS B 432 37.51 -43.99 -9.80
N ASP B 433 37.22 -45.19 -9.27
CA ASP B 433 36.87 -46.30 -10.14
C ASP B 433 35.37 -46.45 -10.34
N MET B 434 34.60 -46.05 -9.34
CA MET B 434 33.14 -46.13 -9.38
C MET B 434 32.63 -47.52 -9.78
N CYS B 435 33.10 -48.57 -9.09
CA CYS B 435 32.78 -49.97 -9.37
C CYS B 435 31.30 -50.31 -9.11
N PRO B 436 30.64 -51.06 -10.01
CA PRO B 436 29.29 -51.54 -9.90
C PRO B 436 29.02 -52.37 -8.65
N GLU B 437 27.84 -52.16 -8.08
CA GLU B 437 27.34 -52.87 -6.93
C GLU B 437 25.84 -52.62 -6.84
N ILE B 438 25.15 -53.28 -5.93
CA ILE B 438 23.74 -52.98 -5.75
C ILE B 438 23.57 -52.04 -4.54
N CYS B 439 23.17 -50.78 -4.81
CA CYS B 439 23.05 -49.71 -3.82
C CYS B 439 22.07 -48.67 -4.35
N ASN B 440 21.81 -47.64 -3.55
CA ASN B 440 20.92 -46.57 -4.03
C ASN B 440 21.33 -45.20 -3.56
N THR B 441 20.95 -44.20 -4.34
CA THR B 441 21.21 -42.80 -4.04
C THR B 441 19.92 -41.99 -4.19
N ARG B 442 19.64 -41.08 -3.26
CA ARG B 442 18.40 -40.32 -3.34
C ARG B 442 18.56 -38.80 -3.27
N GLY B 443 19.64 -38.27 -3.84
CA GLY B 443 19.87 -36.84 -3.85
C GLY B 443 19.52 -36.21 -5.19
N TYR B 444 19.84 -34.92 -5.34
CA TYR B 444 19.60 -34.17 -6.56
C TYR B 444 20.43 -32.89 -6.56
N GLN B 445 21.34 -32.79 -7.52
CA GLN B 445 22.25 -31.65 -7.65
C GLN B 445 22.45 -31.31 -9.10
N ASP B 446 21.64 -30.40 -9.65
CA ASP B 446 21.72 -30.18 -11.09
C ASP B 446 22.72 -29.10 -11.46
N ILE B 447 22.84 -28.81 -12.75
CA ILE B 447 23.80 -27.83 -13.22
C ILE B 447 23.10 -26.83 -14.11
N PHE B 448 23.74 -25.70 -14.37
CA PHE B 448 23.16 -24.78 -15.34
C PHE B 448 24.22 -24.35 -16.37
N PRO B 449 24.07 -24.74 -17.65
CA PRO B 449 24.97 -24.43 -18.76
C PRO B 449 25.15 -22.94 -18.96
N LEU B 450 26.39 -22.52 -19.15
CA LEU B 450 26.69 -21.12 -19.41
C LEU B 450 27.22 -20.90 -20.83
N SER B 451 27.08 -21.92 -21.67
CA SER B 451 27.50 -21.85 -23.07
C SER B 451 26.69 -22.82 -23.92
N GLU B 452 26.65 -22.60 -25.23
CA GLU B 452 25.82 -23.43 -26.13
C GLU B 452 26.18 -24.91 -26.13
N ASP B 453 27.45 -25.23 -25.95
CA ASP B 453 27.91 -26.61 -25.96
C ASP B 453 28.10 -27.16 -24.55
N SER B 454 27.65 -26.42 -23.56
CA SER B 454 27.84 -26.76 -22.15
C SER B 454 29.29 -27.06 -21.81
N SER B 455 30.22 -26.33 -22.43
CA SER B 455 31.62 -26.49 -22.08
C SER B 455 31.93 -25.75 -20.79
N PHE B 456 31.12 -24.73 -20.50
CA PHE B 456 31.17 -24.00 -19.24
C PHE B 456 29.87 -24.22 -18.49
N TYR B 457 29.94 -24.42 -17.18
CA TYR B 457 28.71 -24.53 -16.40
C TYR B 457 28.90 -24.23 -14.92
N THR B 458 27.79 -23.90 -14.26
CA THR B 458 27.81 -23.66 -12.82
C THR B 458 27.06 -24.72 -12.04
N TYR B 459 27.60 -25.06 -10.87
CA TYR B 459 27.01 -26.09 -10.01
C TYR B 459 27.32 -25.86 -8.54
N ILE B 460 26.57 -26.54 -7.66
CA ILE B 460 26.87 -26.52 -6.22
C ILE B 460 27.26 -27.90 -5.73
N GLY B 461 28.42 -27.98 -5.10
CA GLY B 461 28.95 -29.23 -4.59
C GLY B 461 28.63 -29.39 -3.12
N ILE B 462 28.36 -30.62 -2.69
CA ILE B 462 28.09 -30.92 -1.29
C ILE B 462 28.94 -32.08 -0.83
N THR B 463 29.67 -31.89 0.26
CA THR B 463 30.53 -32.92 0.83
C THR B 463 30.08 -33.20 2.26
N PRO B 464 29.83 -34.46 2.64
CA PRO B 464 29.39 -34.85 3.95
C PRO B 464 30.54 -34.73 4.94
N SER B 465 30.21 -34.50 6.20
CA SER B 465 31.20 -34.44 7.27
C SER B 465 30.61 -35.03 8.54
N ASN B 466 31.36 -34.96 9.63
CA ASN B 466 30.87 -35.48 10.91
C ASN B 466 29.94 -34.48 11.60
N GLU B 467 29.77 -33.30 11.00
CA GLU B 467 28.91 -32.25 11.52
C GLU B 467 28.05 -31.70 10.40
N GLY B 468 27.03 -32.46 10.01
CA GLY B 468 26.20 -32.11 8.88
C GLY B 468 26.99 -32.18 7.57
N THR B 469 26.95 -31.08 6.79
CA THR B 469 27.63 -31.04 5.49
C THR B 469 28.40 -29.75 5.26
N LYS B 470 29.27 -29.76 4.25
CA LYS B 470 29.98 -28.57 3.78
C LYS B 470 29.66 -28.39 2.30
N SER B 471 29.63 -27.15 1.81
CA SER B 471 29.30 -26.96 0.39
C SER B 471 29.96 -25.74 -0.23
N PHE B 472 29.97 -25.70 -1.56
CA PHE B 472 30.54 -24.58 -2.30
C PHE B 472 29.88 -24.35 -3.66
N VAL B 473 30.03 -23.13 -4.17
CA VAL B 473 29.58 -22.75 -5.50
C VAL B 473 30.75 -22.79 -6.45
N ALA B 474 30.57 -23.38 -7.62
CA ALA B 474 31.69 -23.43 -8.54
C ALA B 474 31.30 -23.26 -9.99
N VAL B 475 32.25 -22.77 -10.78
CA VAL B 475 32.11 -22.67 -12.22
C VAL B 475 33.26 -23.40 -12.89
N LYS B 476 32.92 -24.36 -13.74
CA LYS B 476 33.91 -25.15 -14.45
C LYS B 476 34.12 -24.58 -15.84
N ASP B 477 35.37 -24.34 -16.22
CA ASP B 477 35.61 -23.77 -17.55
C ASP B 477 35.88 -24.86 -18.58
N ASP B 478 36.17 -24.47 -19.81
CA ASP B 478 36.33 -25.43 -20.88
C ASP B 478 37.71 -26.05 -20.96
N ALA B 479 38.58 -25.71 -20.00
CA ALA B 479 39.91 -26.28 -19.91
C ALA B 479 39.93 -27.31 -18.79
N GLY B 480 38.79 -27.47 -18.13
CA GLY B 480 38.66 -28.39 -17.02
C GLY B 480 39.03 -27.81 -15.66
N HIS B 481 39.21 -26.49 -15.57
CA HIS B 481 39.58 -25.89 -14.28
C HIS B 481 38.32 -25.51 -13.52
N VAL B 482 38.38 -25.59 -12.20
CA VAL B 482 37.21 -25.23 -11.40
C VAL B 482 37.49 -24.13 -10.39
N ALA B 483 36.73 -23.05 -10.49
CA ALA B 483 36.81 -21.96 -9.53
C ALA B 483 35.72 -22.18 -8.50
N SER B 484 36.07 -22.13 -7.21
CA SER B 484 35.06 -22.42 -6.20
C SER B 484 35.16 -21.54 -4.96
N ILE B 485 33.99 -21.22 -4.41
CA ILE B 485 33.86 -20.43 -3.19
C ILE B 485 32.90 -21.07 -2.18
N THR B 486 33.35 -21.20 -0.92
CA THR B 486 32.56 -21.82 0.15
C THR B 486 31.31 -21.02 0.51
N ILE B 487 30.19 -21.71 0.72
CA ILE B 487 28.94 -21.03 1.08
C ILE B 487 28.25 -21.57 2.32
N LEU B 488 27.32 -20.77 2.84
CA LEU B 488 26.43 -21.15 3.93
C LEU B 488 27.15 -21.81 5.11
N PRO B 489 28.15 -21.15 5.70
CA PRO B 489 28.96 -21.66 6.80
C PRO B 489 28.17 -21.86 8.09
N ASN B 490 27.00 -21.22 8.17
CA ASN B 490 26.18 -21.31 9.38
C ASN B 490 25.00 -22.25 9.25
N TYR B 491 24.97 -23.08 8.21
CA TYR B 491 23.89 -24.06 8.08
C TYR B 491 24.40 -25.44 8.44
N TYR B 492 23.71 -26.10 9.35
CA TYR B 492 24.12 -27.44 9.73
C TYR B 492 24.24 -28.36 8.53
N SER B 493 23.21 -28.41 7.69
CA SER B 493 23.31 -29.27 6.51
C SER B 493 22.47 -28.83 5.33
N ILE B 494 23.01 -29.09 4.14
CA ILE B 494 22.32 -28.90 2.87
C ILE B 494 22.35 -30.23 2.13
N THR B 495 21.21 -30.68 1.62
CA THR B 495 21.18 -31.98 0.98
C THR B 495 20.96 -31.97 -0.54
N SER B 496 20.55 -30.84 -1.09
CA SER B 496 20.24 -30.77 -2.53
C SER B 496 20.36 -29.36 -3.06
N ALA B 497 20.41 -29.22 -4.38
CA ALA B 497 20.43 -27.89 -5.00
C ALA B 497 19.96 -27.88 -6.44
N THR B 498 19.16 -26.87 -6.80
CA THR B 498 18.76 -26.65 -8.19
C THR B 498 19.05 -25.21 -8.61
N ILE B 499 19.63 -25.05 -9.80
CA ILE B 499 20.05 -23.71 -10.26
C ILE B 499 19.34 -23.19 -11.51
N SER B 500 18.83 -21.96 -11.44
CA SER B 500 18.25 -21.27 -12.60
C SER B 500 18.91 -19.89 -12.76
N CYS B 501 19.39 -19.56 -13.97
CA CYS B 501 20.12 -18.31 -14.25
C CYS B 501 19.37 -17.42 -15.23
N PHE B 502 19.65 -16.13 -15.15
CA PHE B 502 19.04 -15.08 -15.96
C PHE B 502 19.93 -13.84 -16.03
N MET B 503 19.61 -12.90 -16.92
CA MET B 503 20.34 -11.64 -16.96
C MET B 503 19.68 -10.64 -16.01
N TYR B 504 20.50 -9.93 -15.25
CA TYR B 504 20.03 -8.91 -14.32
C TYR B 504 21.09 -7.82 -14.26
N LYS B 505 20.68 -6.57 -14.48
CA LYS B 505 21.62 -5.46 -14.52
C LYS B 505 22.79 -5.74 -15.48
N GLU B 506 22.45 -6.33 -16.63
CA GLU B 506 23.38 -6.68 -17.71
C GLU B 506 24.60 -7.56 -17.39
N GLU B 507 24.39 -8.56 -16.55
CA GLU B 507 25.37 -9.57 -16.23
C GLU B 507 24.65 -10.81 -15.77
N ILE B 508 25.25 -12.00 -15.85
CA ILE B 508 24.53 -13.18 -15.40
C ILE B 508 24.44 -13.40 -13.90
N TRP B 509 23.21 -13.56 -13.43
CA TRP B 509 22.89 -13.85 -12.04
C TRP B 509 22.18 -15.18 -11.96
N CYS B 510 22.39 -15.93 -10.87
CA CYS B 510 21.79 -17.24 -10.66
C CYS B 510 21.13 -17.35 -9.30
N ILE B 511 20.00 -18.03 -9.25
CA ILE B 511 19.32 -18.34 -8.00
C ILE B 511 19.36 -19.84 -7.74
N ALA B 512 19.83 -20.20 -6.57
CA ALA B 512 19.91 -21.58 -6.16
C ALA B 512 18.90 -21.87 -5.08
N VAL B 513 18.13 -22.92 -5.27
CA VAL B 513 17.13 -23.34 -4.29
C VAL B 513 17.56 -24.66 -3.68
N THR B 514 17.67 -24.68 -2.35
CA THR B 514 18.19 -25.85 -1.65
C THR B 514 17.29 -26.32 -0.51
N GLU B 515 17.42 -27.59 -0.15
CA GLU B 515 16.75 -28.15 1.02
C GLU B 515 17.75 -28.36 2.13
N GLY B 516 17.38 -28.03 3.37
CA GLY B 516 18.31 -28.24 4.46
C GLY B 516 17.81 -27.80 5.82
N ARG B 517 18.73 -27.74 6.77
CA ARG B 517 18.45 -27.37 8.16
C ARG B 517 19.46 -26.36 8.68
N LYS B 518 19.00 -25.36 9.42
CA LYS B 518 19.94 -24.45 10.05
C LYS B 518 20.65 -25.04 11.25
N GLN B 519 19.85 -25.60 12.17
CA GLN B 519 20.41 -26.25 13.38
C GLN B 519 20.05 -27.73 13.38
N LYS B 520 20.92 -28.58 13.93
CA LYS B 520 20.71 -30.02 13.91
C LYS B 520 19.30 -30.53 14.21
N GLU B 521 18.62 -29.88 15.15
CA GLU B 521 17.31 -30.33 15.59
C GLU B 521 16.15 -29.72 14.81
N ASN B 522 16.43 -28.94 13.79
CA ASN B 522 15.35 -28.32 13.03
C ASN B 522 14.73 -29.31 12.06
N PRO B 523 13.47 -29.12 11.67
CA PRO B 523 12.81 -29.81 10.59
C PRO B 523 13.37 -29.29 9.28
N GLN B 524 13.22 -30.06 8.21
CA GLN B 524 13.72 -29.64 6.91
C GLN B 524 12.88 -28.56 6.27
N ARG B 525 13.55 -27.53 5.76
CA ARG B 525 12.91 -26.41 5.08
C ARG B 525 13.64 -26.02 3.79
N ILE B 526 12.94 -25.30 2.92
CA ILE B 526 13.48 -24.88 1.64
C ILE B 526 13.97 -23.43 1.69
N TYR B 527 15.21 -23.21 1.23
CA TYR B 527 15.86 -21.91 1.27
C TYR B 527 16.31 -21.48 -0.12
N ALA B 528 16.46 -20.17 -0.34
CA ALA B 528 16.96 -19.70 -1.64
C ALA B 528 17.94 -18.56 -1.51
N HIS B 529 18.98 -18.62 -2.34
CA HIS B 529 20.05 -17.62 -2.36
C HIS B 529 20.49 -17.27 -3.78
N SER B 530 21.13 -16.12 -3.95
CA SER B 530 21.59 -15.71 -5.28
C SER B 530 23.06 -15.31 -5.34
N TYR B 531 23.64 -15.45 -6.53
CA TYR B 531 25.02 -15.08 -6.77
C TYR B 531 25.24 -14.64 -8.20
N ARG B 532 26.40 -14.03 -8.47
CA ARG B 532 26.71 -13.55 -9.80
C ARG B 532 27.88 -14.29 -10.43
N VAL B 533 27.87 -14.36 -11.76
CA VAL B 533 28.95 -14.97 -12.53
C VAL B 533 29.76 -13.89 -13.23
N GLN B 534 31.04 -13.83 -12.90
CA GLN B 534 31.93 -12.81 -13.40
C GLN B 534 32.63 -13.24 -14.68
N LYS B 535 32.83 -12.29 -15.58
CA LYS B 535 33.60 -12.53 -16.78
C LYS B 535 35.04 -12.11 -16.54
N MET B 536 35.98 -13.00 -16.82
CA MET B 536 37.39 -12.68 -16.60
C MET B 536 38.22 -13.14 -17.79
N CYS B 537 39.39 -12.51 -18.00
CA CYS B 537 40.30 -12.88 -19.08
C CYS B 537 41.71 -12.63 -18.56
N PHE B 538 42.50 -13.69 -18.49
CA PHE B 538 43.82 -13.64 -17.86
C PHE B 538 44.98 -13.74 -18.84
N ASN B 539 45.83 -12.72 -18.80
CA ASN B 539 47.02 -12.68 -19.64
C ASN B 539 48.14 -13.46 -18.93
N ILE B 540 48.49 -14.64 -19.48
CA ILE B 540 49.46 -15.58 -18.90
C ILE B 540 50.88 -15.14 -19.28
N LEU C 8 -39.99 -28.84 8.66
CA LEU C 8 -38.81 -28.92 9.56
C LEU C 8 -37.59 -29.35 8.76
N LYS C 9 -37.79 -30.19 7.73
CA LYS C 9 -36.66 -30.61 6.86
C LYS C 9 -36.10 -29.37 6.15
N ILE C 10 -36.99 -28.49 5.66
CA ILE C 10 -36.54 -27.25 4.97
C ILE C 10 -35.71 -26.42 5.97
N ILE C 11 -36.11 -26.42 7.24
CA ILE C 11 -35.32 -25.68 8.27
C ILE C 11 -33.96 -26.36 8.41
N GLN C 12 -33.95 -27.67 8.71
CA GLN C 12 -32.68 -28.41 8.83
C GLN C 12 -31.94 -28.29 7.49
N ASP C 13 -32.63 -27.85 6.45
CA ASP C 13 -31.98 -27.63 5.17
C ASP C 13 -31.48 -26.20 5.01
N GLU C 14 -32.27 -25.23 5.47
CA GLU C 14 -31.87 -23.84 5.33
C GLU C 14 -30.68 -23.53 6.24
N VAL C 15 -30.65 -24.13 7.42
CA VAL C 15 -29.53 -23.95 8.32
C VAL C 15 -28.27 -24.55 7.70
N ASN C 16 -28.39 -25.71 7.07
CA ASN C 16 -27.23 -26.33 6.43
C ASN C 16 -26.69 -25.45 5.31
N SER C 17 -27.59 -24.75 4.60
CA SER C 17 -27.17 -23.83 3.55
C SER C 17 -26.34 -22.69 4.13
N LEU C 18 -26.78 -22.16 5.28
CA LEU C 18 -26.03 -21.11 5.93
C LEU C 18 -24.65 -21.60 6.33
N LYS C 19 -24.56 -22.85 6.78
CA LYS C 19 -23.26 -23.38 7.17
C LYS C 19 -22.30 -23.38 6.00
N GLU C 20 -22.76 -23.82 4.83
CA GLU C 20 -21.87 -23.87 3.68
C GLU C 20 -21.41 -22.49 3.27
N MET C 21 -22.32 -21.51 3.29
CA MET C 21 -22.00 -20.11 2.89
C MET C 21 -21.04 -19.49 3.88
N LEU C 22 -21.21 -19.77 5.18
CA LEU C 22 -20.38 -19.19 6.21
C LEU C 22 -18.98 -19.79 6.16
N VAL C 23 -18.87 -21.09 5.92
CA VAL C 23 -17.58 -21.72 5.81
C VAL C 23 -16.81 -21.18 4.62
N SER C 24 -17.49 -21.03 3.48
CA SER C 24 -16.85 -20.51 2.29
C SER C 24 -16.29 -19.11 2.52
N LEU C 25 -17.08 -18.26 3.17
CA LEU C 25 -16.64 -16.90 3.46
C LEU C 25 -15.46 -16.89 4.42
N ASP C 26 -15.50 -17.73 5.44
CA ASP C 26 -14.42 -17.78 6.41
C ASP C 26 -13.13 -18.25 5.76
N GLN C 27 -13.23 -19.21 4.83
CA GLN C 27 -12.07 -19.71 4.12
C GLN C 27 -11.48 -18.63 3.23
N LEU C 28 -12.33 -17.83 2.59
CA LEU C 28 -11.86 -16.76 1.72
C LEU C 28 -11.04 -15.73 2.48
N VAL C 29 -11.54 -15.33 3.65
CA VAL C 29 -10.85 -14.33 4.43
C VAL C 29 -9.51 -14.86 4.95
N LYS C 30 -9.48 -16.10 5.42
CA LYS C 30 -8.24 -16.70 5.91
C LYS C 30 -7.24 -17.08 4.81
N THR C 31 -7.75 -17.49 3.65
CA THR C 31 -6.90 -17.98 2.57
C THR C 31 -6.36 -16.88 1.66
N GLU C 32 -7.20 -15.95 1.25
CA GLU C 32 -6.76 -14.94 0.29
C GLU C 32 -6.43 -13.61 0.93
N ILE C 33 -7.36 -13.08 1.72
CA ILE C 33 -7.20 -11.71 2.19
C ILE C 33 -6.17 -11.56 3.31
N LYS C 34 -6.27 -12.34 4.38
CA LYS C 34 -5.31 -12.16 5.44
C LYS C 34 -3.86 -12.19 4.93
N PRO C 35 -3.38 -13.22 4.20
CA PRO C 35 -2.06 -13.30 3.61
C PRO C 35 -1.66 -12.08 2.79
N LYS C 36 -2.55 -11.61 1.90
CA LYS C 36 -2.17 -10.47 1.09
C LYS C 36 -2.02 -9.20 1.92
N VAL C 37 -2.86 -9.03 2.92
CA VAL C 37 -2.76 -7.84 3.75
C VAL C 37 -1.43 -7.83 4.48
N SER C 38 -1.00 -9.00 4.98
CA SER C 38 0.29 -9.09 5.65
C SER C 38 1.45 -8.76 4.72
N LEU C 39 1.39 -9.23 3.46
CA LEU C 39 2.45 -8.94 2.50
C LEU C 39 2.54 -7.45 2.19
N ILE C 40 1.37 -6.80 2.09
CA ILE C 40 1.34 -5.38 1.81
C ILE C 40 1.92 -4.60 2.98
N ASN C 41 1.56 -4.96 4.21
CA ASN C 41 2.11 -4.26 5.38
C ASN C 41 3.62 -4.24 5.32
N THR C 42 4.25 -5.37 5.02
CA THR C 42 5.69 -5.40 4.94
C THR C 42 6.20 -4.52 3.80
N ALA C 43 5.56 -4.60 2.65
CA ALA C 43 6.03 -3.83 1.50
C ALA C 43 6.03 -2.33 1.78
N VAL C 44 5.00 -1.81 2.42
CA VAL C 44 4.93 -0.38 2.65
C VAL C 44 5.70 0.09 3.88
N SER C 45 5.72 -0.72 4.93
CA SER C 45 6.37 -0.32 6.17
C SER C 45 7.87 -0.64 6.25
N VAL C 46 8.33 -1.63 5.50
CA VAL C 46 9.73 -2.02 5.56
C VAL C 46 10.47 -1.92 4.23
N SER C 47 9.96 -2.58 3.20
CA SER C 47 10.73 -2.71 1.96
C SER C 47 10.84 -1.43 1.16
N ILE C 48 9.75 -0.69 0.97
CA ILE C 48 9.85 0.54 0.22
C ILE C 48 10.76 1.56 0.90
N PRO C 49 10.61 1.87 2.20
CA PRO C 49 11.50 2.75 2.94
C PRO C 49 12.96 2.36 2.78
N ALA C 50 13.26 1.06 2.75
CA ALA C 50 14.63 0.62 2.56
C ALA C 50 15.15 0.98 1.19
N GLN C 51 14.30 0.87 0.18
CA GLN C 51 14.71 1.15 -1.19
C GLN C 51 14.97 2.64 -1.39
N ILE C 52 14.11 3.47 -0.79
CA ILE C 52 14.26 4.91 -0.93
C ILE C 52 15.52 5.37 -0.19
N SER C 53 15.77 4.82 0.99
CA SER C 53 16.96 5.16 1.75
C SER C 53 18.25 4.84 1.00
N ASN C 54 18.30 3.67 0.35
CA ASN C 54 19.49 3.31 -0.40
C ASN C 54 19.72 4.26 -1.57
N LEU C 55 18.63 4.69 -2.21
CA LEU C 55 18.73 5.67 -3.29
C LEU C 55 19.33 6.96 -2.80
N GLN C 56 18.83 7.45 -1.67
CA GLN C 56 19.31 8.70 -1.12
C GLN C 56 20.80 8.67 -0.86
N THR C 57 21.28 7.59 -0.28
CA THR C 57 22.69 7.50 0.05
C THR C 57 23.57 7.53 -1.18
N LYS C 58 23.22 6.74 -2.20
CA LYS C 58 24.04 6.68 -3.40
C LYS C 58 24.08 8.00 -4.16
N VAL C 59 22.95 8.68 -4.27
CA VAL C 59 22.92 9.93 -5.01
C VAL C 59 23.72 10.99 -4.30
N LEU C 60 23.55 11.11 -2.98
CA LEU C 60 24.25 12.14 -2.26
C LEU C 60 25.76 11.92 -2.29
N GLN C 61 26.20 10.66 -2.23
CA GLN C 61 27.64 10.40 -2.26
C GLN C 61 28.25 10.81 -3.59
N LYS C 62 27.55 10.56 -4.70
CA LYS C 62 28.06 10.99 -6.02
C LYS C 62 28.19 12.52 -6.03
N LEU C 63 27.19 13.23 -5.49
CA LEU C 63 27.22 14.68 -5.51
C LEU C 63 28.43 15.19 -4.73
N VAL C 64 28.82 14.49 -3.66
CA VAL C 64 30.00 14.86 -2.90
C VAL C 64 31.24 14.77 -3.77
N TYR C 65 31.35 13.71 -4.57
CA TYR C 65 32.52 13.59 -5.42
C TYR C 65 32.57 14.70 -6.45
N LEU C 66 31.41 15.14 -6.96
CA LEU C 66 31.42 16.25 -7.89
C LEU C 66 31.93 17.52 -7.21
N GLU C 67 31.55 17.74 -5.95
CA GLU C 67 32.04 18.93 -5.27
C GLU C 67 33.56 18.90 -5.17
N GLU C 68 34.11 17.72 -4.85
CA GLU C 68 35.55 17.60 -4.75
C GLU C 68 36.22 17.80 -6.10
N SER C 69 35.63 17.25 -7.16
CA SER C 69 36.23 17.35 -8.47
C SER C 69 36.33 18.79 -8.93
N ILE C 70 35.23 19.53 -8.81
CA ILE C 70 35.19 20.94 -9.32
C ILE C 70 36.37 21.71 -8.72
N THR C 71 36.42 21.80 -7.39
CA THR C 71 37.48 22.61 -6.72
C THR C 71 38.87 22.16 -7.16
N LYS C 72 39.14 20.84 -7.16
CA LYS C 72 40.52 20.37 -7.48
C LYS C 72 40.83 20.56 -8.97
N GLN C 73 39.94 20.12 -9.85
CA GLN C 73 40.22 20.19 -11.32
C GLN C 73 40.31 21.66 -11.75
N CYS C 74 39.40 22.51 -11.27
CA CYS C 74 39.48 23.96 -11.60
C CYS C 74 40.72 24.55 -10.90
N THR C 75 40.92 24.20 -9.62
CA THR C 75 42.07 24.75 -8.86
N ASP C 99 31.44 -6.76 3.99
CA ASP C 99 31.76 -7.87 3.05
C ASP C 99 30.79 -9.03 3.28
N THR C 100 31.31 -10.24 3.43
CA THR C 100 30.43 -11.43 3.57
C THR C 100 29.40 -11.44 4.71
N THR C 101 29.65 -10.68 5.79
CA THR C 101 28.71 -10.61 6.93
C THR C 101 27.23 -10.23 6.93
N ASP C 102 26.82 -9.39 5.97
CA ASP C 102 25.43 -8.98 5.85
C ASP C 102 24.68 -9.76 4.78
N ASP C 103 25.33 -10.74 4.15
CA ASP C 103 24.71 -11.45 3.04
C ASP C 103 23.48 -12.26 3.44
N ASP C 104 23.46 -12.73 4.67
CA ASP C 104 22.37 -13.56 5.15
C ASP C 104 21.29 -12.75 5.85
N LYS C 105 21.38 -11.43 5.73
CA LYS C 105 20.44 -10.53 6.44
C LYS C 105 19.30 -10.07 5.53
N VAL C 106 18.08 -9.97 6.06
CA VAL C 106 16.92 -9.52 5.33
C VAL C 106 16.87 -7.99 5.26
N ASP C 107 17.22 -7.37 6.37
CA ASP C 107 17.20 -5.92 6.53
C ASP C 107 18.44 -5.48 7.28
N THR C 108 19.28 -4.69 6.63
CA THR C 108 20.59 -4.31 7.15
C THR C 108 20.63 -2.90 7.76
N THR C 109 19.46 -2.35 8.08
CA THR C 109 19.40 -1.00 8.65
C THR C 109 20.21 -0.84 9.95
N ILE C 110 20.16 -1.83 10.86
CA ILE C 110 20.90 -1.70 12.10
C ILE C 110 21.86 -2.88 12.35
N LYS C 111 22.83 -2.64 13.21
CA LYS C 111 23.79 -3.68 13.61
C LYS C 111 23.94 -3.70 15.14
N PRO C 112 24.42 -4.79 15.73
CA PRO C 112 24.86 -4.89 17.12
C PRO C 112 25.92 -3.83 17.39
N VAL C 113 26.00 -3.37 18.64
CA VAL C 113 26.89 -2.26 18.98
C VAL C 113 28.37 -2.59 18.83
N GLU C 114 29.06 -1.71 18.09
CA GLU C 114 30.54 -1.80 17.94
C GLU C 114 31.10 -0.62 18.72
N TYR C 115 31.74 -0.88 19.86
CA TYR C 115 32.18 0.13 20.80
C TYR C 115 33.21 1.06 20.17
N TYR C 116 33.16 2.35 20.54
CA TYR C 116 34.09 3.34 20.01
C TYR C 116 35.45 3.14 20.65
N LYS C 117 36.51 3.39 19.88
CA LYS C 117 37.87 3.26 20.39
C LYS C 117 38.60 4.59 20.29
N PRO C 118 39.54 4.88 21.19
CA PRO C 118 40.33 6.10 21.28
C PRO C 118 41.44 6.13 20.24
N ASP C 119 41.06 6.11 18.97
CA ASP C 119 42.03 6.06 17.91
C ASP C 119 42.67 7.42 17.71
N GLY C 120 43.93 7.53 18.10
CA GLY C 120 44.67 8.80 18.05
C GLY C 120 44.55 9.68 19.32
N CYS C 121 43.92 9.15 20.39
CA CYS C 121 43.70 9.87 21.65
C CYS C 121 44.60 9.27 22.74
N ASN C 122 45.76 8.83 22.31
CA ASN C 122 46.80 8.25 23.17
C ASN C 122 47.95 9.24 23.44
N LYS C 123 47.72 10.54 23.16
CA LYS C 123 48.68 11.63 23.30
C LYS C 123 48.62 12.23 24.69
N THR C 124 49.68 12.93 25.07
CA THR C 124 49.71 13.62 26.35
C THR C 124 48.62 14.69 26.40
N ASN C 125 47.88 14.72 27.51
CA ASN C 125 46.80 15.69 27.75
C ASN C 125 45.73 15.68 26.67
N ASP C 126 45.37 14.49 26.19
CA ASP C 126 44.34 14.39 25.16
C ASP C 126 43.32 13.36 25.65
N HIS C 127 42.14 13.83 26.05
CA HIS C 127 41.16 12.99 26.75
C HIS C 127 40.02 12.50 25.85
N PHE C 128 39.88 11.18 25.79
CA PHE C 128 38.84 10.54 25.00
C PHE C 128 37.57 10.39 25.81
N THR C 129 36.46 10.89 25.28
CA THR C 129 35.20 10.84 26.02
C THR C 129 34.00 10.60 25.11
N MET C 130 32.85 10.37 25.72
CA MET C 130 31.60 10.25 24.99
C MET C 130 30.52 11.11 25.62
N GLN C 131 29.71 11.74 24.79
CA GLN C 131 28.63 12.60 25.29
C GLN C 131 27.35 12.33 24.50
N PRO C 132 26.16 12.51 25.09
CA PRO C 132 24.89 12.41 24.43
C PRO C 132 24.67 13.61 23.52
N GLY C 133 23.86 13.44 22.49
CA GLY C 133 23.50 14.55 21.62
C GLY C 133 22.44 15.42 22.28
N VAL C 134 22.06 16.50 21.62
CA VAL C 134 21.12 17.46 22.21
C VAL C 134 19.67 17.16 21.91
N ASN C 135 19.44 16.22 21.01
CA ASN C 135 18.10 15.88 20.59
C ASN C 135 17.60 14.63 21.29
N PHE C 136 16.30 14.56 21.45
CA PHE C 136 15.64 13.39 22.02
C PHE C 136 14.36 13.18 21.23
N TYR C 137 14.45 12.36 20.19
CA TYR C 137 13.42 12.25 19.17
C TYR C 137 12.33 11.26 19.53
N THR C 138 11.11 11.54 19.11
CA THR C 138 10.01 10.59 19.32
C THR C 138 10.10 9.39 18.38
N VAL C 139 9.80 8.20 18.93
CA VAL C 139 9.67 6.99 18.14
C VAL C 139 8.26 6.44 18.30
N PRO C 140 7.31 6.88 17.46
CA PRO C 140 5.89 6.64 17.58
C PRO C 140 5.56 5.23 17.21
N ASN C 141 4.43 4.74 17.71
CA ASN C 141 3.92 3.43 17.33
C ASN C 141 4.89 2.28 17.57
N LEU C 142 5.58 2.28 18.71
CA LEU C 142 6.44 1.15 19.06
C LEU C 142 5.54 -0.06 19.26
N GLY C 143 4.34 0.21 19.79
CA GLY C 143 3.31 -0.78 20.01
C GLY C 143 1.98 -0.03 20.19
N PRO C 144 0.86 -0.80 20.21
CA PRO C 144 -0.46 -0.20 20.30
C PRO C 144 -0.80 0.40 21.66
N SER C 145 -1.84 1.22 21.71
CA SER C 145 -2.29 1.83 22.95
C SER C 145 -3.81 2.01 22.96
N SER C 146 -4.31 2.74 23.95
CA SER C 146 -5.75 2.98 24.10
C SER C 146 -6.06 4.26 24.87
N SER C 147 -7.32 4.70 24.81
CA SER C 147 -7.78 5.90 25.50
C SER C 147 -8.54 5.68 26.81
N SER C 148 -8.96 4.45 27.08
CA SER C 148 -9.78 4.22 28.27
C SER C 148 -9.05 4.59 29.54
N ALA C 149 -9.75 5.33 30.41
CA ALA C 149 -9.17 5.78 31.67
C ALA C 149 -9.17 4.68 32.71
N ASP C 150 -9.80 3.56 32.39
CA ASP C 150 -9.88 2.45 33.31
C ASP C 150 -8.73 1.49 33.09
N GLU C 151 -7.88 1.79 32.10
CA GLU C 151 -6.76 0.92 31.79
C GLU C 151 -5.44 1.62 32.10
N CYS C 152 -4.45 0.85 32.57
CA CYS C 152 -3.11 1.32 32.89
C CYS C 152 -2.07 0.43 32.21
N TYR C 153 -1.12 1.05 31.54
CA TYR C 153 -0.06 0.32 30.85
C TYR C 153 1.20 0.34 31.68
N THR C 154 1.68 -0.83 32.06
CA THR C 154 2.85 -0.91 32.91
C THR C 154 3.77 -2.08 32.60
N ASN C 155 4.84 -2.16 33.38
CA ASN C 155 5.82 -3.23 33.30
C ASN C 155 6.27 -3.57 31.88
N PRO C 156 6.82 -2.62 31.12
CA PRO C 156 7.33 -2.80 29.80
C PRO C 156 8.58 -3.65 29.82
N SER C 157 8.75 -4.45 28.78
CA SER C 157 9.96 -5.24 28.58
C SER C 157 10.36 -5.06 27.14
N PHE C 158 11.55 -4.53 26.92
CA PHE C 158 12.00 -4.18 25.58
C PHE C 158 13.40 -4.68 25.28
N SER C 159 13.57 -5.30 24.12
CA SER C 159 14.87 -5.80 23.70
C SER C 159 15.08 -5.71 22.20
N ILE C 160 16.28 -5.29 21.81
CA ILE C 160 16.62 -5.18 20.39
C ILE C 160 17.63 -6.23 19.99
N GLY C 161 17.30 -6.99 18.96
CA GLY C 161 18.15 -8.06 18.46
C GLY C 161 19.00 -7.57 17.30
N SER C 162 19.30 -8.46 16.36
CA SER C 162 20.17 -8.10 15.24
C SER C 162 19.47 -7.31 14.15
N SER C 163 18.14 -7.30 14.18
CA SER C 163 17.34 -6.62 13.16
C SER C 163 15.95 -6.29 13.68
N ILE C 164 15.45 -7.17 14.53
CA ILE C 164 14.10 -7.10 15.05
C ILE C 164 14.08 -6.67 16.49
N TYR C 165 12.93 -6.23 16.96
CA TYR C 165 12.79 -5.91 18.36
C TYR C 165 11.59 -6.63 18.94
N MET C 166 11.66 -6.88 20.24
CA MET C 166 10.56 -7.42 20.99
C MET C 166 10.09 -6.44 22.03
N PHE C 167 8.78 -6.27 22.13
CA PHE C 167 8.19 -5.37 23.15
C PHE C 167 6.99 -6.08 23.80
N SER C 168 6.76 -5.85 25.08
CA SER C 168 5.63 -6.48 25.80
C SER C 168 5.11 -5.50 26.85
N GLN C 169 3.80 -5.35 26.99
CA GLN C 169 3.23 -4.35 27.93
C GLN C 169 2.07 -4.98 28.65
N GLU C 170 2.02 -4.84 29.98
CA GLU C 170 0.88 -5.35 30.73
C GLU C 170 -0.19 -4.30 30.81
N ILE C 171 -1.45 -4.73 30.65
CA ILE C 171 -2.60 -3.78 30.76
C ILE C 171 -3.42 -4.17 31.99
N ARG C 172 -3.39 -3.35 33.03
CA ARG C 172 -4.08 -3.63 34.29
C ARG C 172 -5.25 -2.71 34.51
N LYS C 173 -6.23 -3.19 35.27
CA LYS C 173 -7.42 -2.42 35.55
C LYS C 173 -7.23 -1.44 36.70
N THR C 174 -7.54 -0.18 36.43
CA THR C 174 -7.56 0.93 37.38
C THR C 174 -6.26 1.26 38.17
N ASP C 175 -5.81 0.32 39.00
CA ASP C 175 -4.80 0.62 40.02
C ASP C 175 -3.31 0.51 39.65
N CYS C 176 -2.98 0.12 38.40
CA CYS C 176 -1.60 0.01 37.84
C CYS C 176 -0.68 -1.04 38.48
N THR C 177 -0.60 -1.09 39.81
CA THR C 177 0.32 -2.00 40.49
C THR C 177 -0.36 -3.20 41.12
N THR C 178 -1.56 -3.00 41.67
CA THR C 178 -2.26 -4.06 42.38
C THR C 178 -3.55 -4.46 41.69
N GLY C 179 -3.77 -3.94 40.49
CA GLY C 179 -5.00 -4.20 39.76
C GLY C 179 -4.95 -5.54 39.03
N GLU C 180 -6.10 -5.95 38.52
CA GLU C 180 -6.21 -7.19 37.76
C GLU C 180 -5.58 -7.05 36.39
N ILE C 181 -4.98 -8.13 35.90
CA ILE C 181 -4.43 -8.08 34.56
C ILE C 181 -5.53 -8.34 33.57
N LEU C 182 -5.71 -7.42 32.64
CA LEU C 182 -6.74 -7.55 31.64
C LEU C 182 -6.13 -8.21 30.42
N SER C 183 -4.86 -7.92 30.17
CA SER C 183 -4.21 -8.48 28.95
C SER C 183 -2.71 -8.20 28.91
N ILE C 184 -1.93 -9.09 28.28
CA ILE C 184 -0.48 -8.84 28.06
C ILE C 184 -0.30 -8.82 26.55
N GLN C 185 0.37 -7.80 26.00
CA GLN C 185 0.44 -7.70 24.52
C GLN C 185 1.90 -7.76 24.06
N ILE C 186 2.21 -8.64 23.11
CA ILE C 186 3.61 -8.79 22.61
C ILE C 186 3.66 -8.25 21.18
N VAL C 187 4.61 -7.35 20.88
CA VAL C 187 4.66 -6.69 19.55
C VAL C 187 6.01 -6.94 18.89
N LEU C 188 6.08 -7.91 17.98
CA LEU C 188 7.31 -8.20 17.24
C LEU C 188 7.37 -7.24 16.06
N GLY C 189 8.50 -6.59 15.89
CA GLY C 189 8.63 -5.65 14.78
C GLY C 189 10.07 -5.42 14.38
N ARG C 190 10.26 -4.49 13.46
CA ARG C 190 11.58 -4.20 12.93
C ARG C 190 11.98 -2.75 13.12
N ILE C 191 13.29 -2.48 13.22
CA ILE C 191 13.75 -1.09 13.27
C ILE C 191 14.16 -0.65 11.86
N VAL C 192 13.54 0.43 11.39
CA VAL C 192 13.75 0.89 10.02
C VAL C 192 14.08 2.39 9.91
N ASP C 193 14.55 2.77 8.72
CA ASP C 193 14.83 4.17 8.36
C ASP C 193 13.71 4.75 7.51
N LYS C 194 12.95 5.70 8.05
CA LYS C 194 11.80 6.26 7.35
C LYS C 194 12.01 7.71 6.89
N GLY C 195 13.26 8.16 6.85
CA GLY C 195 13.53 9.53 6.38
C GLY C 195 13.39 10.58 7.46
N GLN C 196 13.39 10.14 8.72
CA GLN C 196 13.29 11.03 9.86
C GLN C 196 14.66 11.25 10.45
N GLN C 197 14.74 12.05 11.52
CA GLN C 197 16.06 12.38 12.10
C GLN C 197 16.66 11.18 12.85
N GLY C 198 15.83 10.25 13.33
CA GLY C 198 16.31 9.06 14.03
C GLY C 198 15.62 7.82 13.48
N PRO C 199 15.91 6.64 14.04
CA PRO C 199 15.35 5.35 13.69
C PRO C 199 13.90 5.30 14.10
N GLN C 200 13.08 4.51 13.39
CA GLN C 200 11.66 4.38 13.69
C GLN C 200 11.22 2.93 13.77
N ALA C 201 10.17 2.67 14.54
CA ALA C 201 9.64 1.31 14.70
C ALA C 201 8.66 0.93 13.59
N SER C 202 8.63 -0.35 13.27
CA SER C 202 7.69 -0.90 12.29
C SER C 202 7.13 -2.27 12.70
N PRO C 203 5.99 -2.33 13.41
CA PRO C 203 5.34 -3.53 13.89
C PRO C 203 4.97 -4.49 12.77
N LEU C 204 5.23 -5.79 12.98
CA LEU C 204 4.90 -6.82 12.01
C LEU C 204 3.85 -7.79 12.54
N LEU C 205 3.97 -8.12 13.82
CA LEU C 205 3.10 -9.11 14.46
C LEU C 205 2.68 -8.69 15.87
N VAL C 206 1.39 -8.60 16.13
CA VAL C 206 0.91 -8.26 17.51
C VAL C 206 0.15 -9.47 18.06
N TRP C 207 0.41 -9.86 19.32
CA TRP C 207 -0.22 -11.08 19.88
C TRP C 207 -0.66 -10.84 21.32
N SER C 208 -1.71 -11.53 21.78
CA SER C 208 -2.24 -11.35 23.15
C SER C 208 -2.19 -12.69 23.91
N VAL C 209 -1.38 -12.78 24.95
CA VAL C 209 -1.19 -14.00 25.72
C VAL C 209 -2.53 -14.46 26.29
N PRO C 210 -2.95 -15.72 26.08
CA PRO C 210 -4.18 -16.28 26.58
C PRO C 210 -4.13 -16.47 28.08
N ASN C 211 -5.29 -16.38 28.73
CA ASN C 211 -5.40 -16.58 30.17
C ASN C 211 -4.39 -15.76 30.99
N PRO C 212 -4.32 -14.44 30.82
CA PRO C 212 -3.37 -13.54 31.46
C PRO C 212 -3.52 -13.51 32.97
N LYS C 213 -4.68 -13.91 33.45
CA LYS C 213 -5.01 -13.88 34.86
C LYS C 213 -4.19 -14.84 35.71
N ILE C 214 -3.53 -15.82 35.09
CA ILE C 214 -2.74 -16.79 35.86
C ILE C 214 -1.25 -16.58 35.66
N ILE C 215 -0.86 -15.40 35.20
CA ILE C 215 0.55 -15.11 35.00
C ILE C 215 1.13 -14.17 36.05
N ASN C 216 2.26 -14.57 36.62
CA ASN C 216 2.95 -13.75 37.61
C ASN C 216 3.70 -12.64 36.88
N SER C 217 4.46 -13.03 35.85
CA SER C 217 5.16 -12.05 35.02
C SER C 217 5.71 -12.68 33.73
N CYS C 218 5.94 -11.85 32.70
CA CYS C 218 6.55 -12.22 31.43
C CYS C 218 7.74 -11.30 31.11
N ALA C 219 8.69 -11.82 30.35
CA ALA C 219 9.81 -11.02 29.86
C ALA C 219 10.23 -11.48 28.48
N VAL C 220 10.89 -10.59 27.71
CA VAL C 220 11.26 -10.94 26.34
C VAL C 220 12.75 -11.09 26.15
N ALA C 221 13.11 -11.74 25.05
CA ALA C 221 14.49 -11.91 24.59
C ALA C 221 14.49 -11.92 23.06
N ALA C 222 15.58 -11.55 22.42
CA ALA C 222 15.60 -11.59 20.95
C ALA C 222 16.97 -11.92 20.40
N GLY C 223 16.98 -12.60 19.25
CA GLY C 223 18.21 -12.96 18.54
C GLY C 223 18.14 -12.57 17.07
N ASP C 224 18.40 -13.54 16.19
CA ASP C 224 18.41 -13.32 14.74
C ASP C 224 17.09 -13.72 14.10
N GLU C 225 16.23 -12.74 13.89
CA GLU C 225 14.89 -12.93 13.31
C GLU C 225 13.98 -13.85 14.14
N THR C 226 14.38 -14.16 15.37
CA THR C 226 13.57 -14.97 16.27
C THR C 226 13.41 -14.26 17.62
N GLY C 227 12.18 -14.19 18.10
CA GLY C 227 11.91 -13.63 19.42
C GLY C 227 11.45 -14.70 20.39
N TRP C 228 11.71 -14.48 21.67
CA TRP C 228 11.26 -15.42 22.69
C TRP C 228 10.57 -14.71 23.84
N VAL C 229 9.57 -15.36 24.42
CA VAL C 229 8.92 -14.86 25.61
C VAL C 229 8.82 -15.93 26.68
N LEU C 230 9.27 -15.61 27.90
CA LEU C 230 9.16 -16.55 29.00
C LEU C 230 8.24 -15.99 30.07
N CYS C 231 7.19 -16.75 30.43
CA CYS C 231 6.18 -16.35 31.41
C CYS C 231 6.11 -17.33 32.57
N SER C 232 6.09 -16.80 33.77
CA SER C 232 5.93 -17.61 34.97
C SER C 232 4.47 -17.64 35.36
N VAL C 233 3.93 -18.82 35.61
CA VAL C 233 2.51 -18.95 35.93
C VAL C 233 2.27 -19.50 37.31
N THR C 234 1.03 -19.32 37.77
CA THR C 234 0.64 -19.68 39.12
C THR C 234 -0.41 -20.78 39.17
N LEU C 235 -0.83 -21.10 40.38
CA LEU C 235 -1.83 -22.13 40.67
C LEU C 235 -3.22 -21.57 40.57
N THR C 236 -4.19 -22.44 40.33
CA THR C 236 -5.57 -22.04 40.34
C THR C 236 -6.35 -22.83 41.38
N ALA C 237 -7.51 -22.30 41.81
CA ALA C 237 -8.39 -22.91 42.79
C ALA C 237 -9.33 -23.91 42.11
N GLU C 241 -10.36 -19.39 38.89
CA GLU C 241 -9.85 -18.29 39.70
C GLU C 241 -8.43 -18.64 40.21
N PRO C 242 -7.39 -17.76 40.00
CA PRO C 242 -6.00 -17.93 40.42
C PRO C 242 -5.79 -17.77 41.91
N ILE C 243 -4.72 -18.37 42.41
CA ILE C 243 -4.28 -18.19 43.78
C ILE C 243 -3.03 -17.31 43.77
N PRO C 244 -3.11 -16.05 44.21
CA PRO C 244 -2.06 -15.05 44.11
C PRO C 244 -0.63 -15.42 44.47
N HIS C 245 0.29 -15.08 43.56
CA HIS C 245 1.72 -15.31 43.71
C HIS C 245 2.19 -16.70 44.31
N MET C 246 1.81 -17.72 43.56
CA MET C 246 2.07 -19.10 43.92
C MET C 246 2.82 -19.49 42.65
N PHE C 247 3.52 -20.60 42.66
CA PHE C 247 4.29 -21.01 41.47
C PHE C 247 3.91 -22.37 40.91
N ASP C 248 3.73 -22.43 39.59
CA ASP C 248 3.40 -23.69 38.89
C ASP C 248 4.04 -23.83 37.50
N GLY C 249 5.33 -23.65 37.41
CA GLY C 249 6.04 -23.83 36.14
C GLY C 249 6.01 -22.61 35.24
N PHE C 250 6.44 -22.80 34.00
CA PHE C 250 6.61 -21.71 33.05
C PHE C 250 6.02 -22.01 31.68
N TRP C 251 5.74 -20.97 30.91
CA TRP C 251 5.42 -21.08 29.49
C TRP C 251 6.46 -20.38 28.66
N LEU C 252 6.83 -21.00 27.54
CA LEU C 252 7.78 -20.38 26.63
C LEU C 252 7.12 -20.20 25.26
N TYR C 253 7.24 -19.02 24.67
CA TYR C 253 6.65 -18.80 23.36
C TYR C 253 7.71 -18.39 22.34
N LYS C 254 7.60 -18.94 21.14
CA LYS C 254 8.53 -18.62 20.05
C LYS C 254 7.87 -17.79 18.97
N PHE C 255 8.44 -16.63 18.67
CA PHE C 255 7.88 -15.71 17.68
C PHE C 255 8.77 -15.58 16.46
N GLU C 256 8.19 -15.76 15.27
CA GLU C 256 8.92 -15.58 14.02
C GLU C 256 8.08 -14.73 13.06
N PRO C 257 8.70 -13.95 12.15
CA PRO C 257 8.04 -13.19 11.11
C PRO C 257 7.18 -14.05 10.19
N ASP C 258 5.98 -13.58 9.88
CA ASP C 258 5.05 -14.25 8.98
C ASP C 258 4.86 -15.72 9.34
N THR C 259 4.82 -16.00 10.62
CA THR C 259 4.73 -17.36 11.12
C THR C 259 3.83 -17.41 12.35
N GLU C 260 3.25 -18.57 12.63
CA GLU C 260 2.43 -18.74 13.83
C GLU C 260 3.30 -18.83 15.08
N VAL C 261 2.73 -18.48 16.23
CA VAL C 261 3.44 -18.54 17.50
C VAL C 261 3.40 -19.94 18.08
N VAL C 262 4.55 -20.46 18.48
CA VAL C 262 4.63 -21.80 19.05
C VAL C 262 4.80 -21.76 20.55
N ALA C 263 3.90 -22.44 21.27
CA ALA C 263 3.95 -22.42 22.73
C ALA C 263 4.45 -23.73 23.29
N TYR C 264 5.23 -23.64 24.38
CA TYR C 264 5.71 -24.82 25.08
C TYR C 264 5.37 -24.73 26.57
N ARG C 265 4.97 -25.84 27.16
CA ARG C 265 4.76 -25.88 28.61
C ARG C 265 5.96 -26.48 29.29
N ILE C 266 6.54 -25.77 30.25
CA ILE C 266 7.68 -26.31 30.99
C ILE C 266 7.24 -26.56 32.43
N THR C 267 6.94 -27.81 32.73
CA THR C 267 6.48 -28.16 34.06
C THR C 267 6.91 -29.56 34.45
N GLY C 268 6.42 -30.05 35.57
CA GLY C 268 6.79 -31.38 36.00
C GLY C 268 8.27 -31.46 36.28
N PHE C 269 8.95 -32.36 35.57
CA PHE C 269 10.38 -32.57 35.76
C PHE C 269 11.19 -31.83 34.70
N ALA C 270 10.53 -30.96 33.95
CA ALA C 270 11.19 -30.19 32.92
C ALA C 270 11.97 -29.02 33.51
N TYR C 271 11.80 -28.77 34.80
CA TYR C 271 12.58 -27.71 35.41
C TYR C 271 13.10 -28.15 36.76
N LEU C 272 14.24 -27.57 37.13
CA LEU C 272 14.89 -27.83 38.41
C LEU C 272 15.41 -26.54 39.00
N LEU C 273 14.91 -26.17 40.16
CA LEU C 273 15.39 -24.95 40.77
C LEU C 273 16.37 -25.30 41.88
N ASP C 274 17.37 -24.45 42.03
CA ASP C 274 18.43 -24.61 43.04
C ASP C 274 17.85 -24.68 44.45
N LYS C 275 17.02 -23.70 44.78
CA LYS C 275 16.39 -23.64 46.08
C LYS C 275 14.92 -23.92 45.90
N VAL C 276 14.22 -24.25 46.97
CA VAL C 276 12.79 -24.45 46.83
C VAL C 276 12.09 -23.11 46.84
N TYR C 277 11.35 -22.82 45.77
CA TYR C 277 10.64 -21.56 45.66
C TYR C 277 9.15 -21.71 45.83
N ASP C 278 8.56 -20.78 46.57
CA ASP C 278 7.12 -20.74 46.72
C ASP C 278 6.53 -19.82 45.68
N SER C 279 7.29 -18.81 45.29
CA SER C 279 6.83 -17.82 44.31
C SER C 279 7.95 -17.35 43.40
N VAL C 280 7.75 -17.48 42.09
CA VAL C 280 8.76 -17.11 41.10
C VAL C 280 8.30 -16.08 40.09
N PHE C 281 9.12 -15.05 39.91
CA PHE C 281 8.89 -14.00 38.93
C PHE C 281 10.05 -13.92 37.95
N ILE C 282 9.74 -13.55 36.71
CA ILE C 282 10.76 -13.33 35.70
C ILE C 282 11.14 -11.86 35.69
N GLY C 283 12.44 -11.57 35.71
CA GLY C 283 12.92 -10.19 35.76
C GLY C 283 12.45 -9.38 34.57
N LYS C 284 11.88 -8.23 34.88
CA LYS C 284 11.29 -7.30 33.92
C LYS C 284 12.19 -6.91 32.75
N GLY C 285 13.48 -6.74 32.99
CA GLY C 285 14.36 -6.22 31.96
C GLY C 285 14.56 -7.11 30.75
N GLY C 286 14.30 -8.40 30.86
CA GLY C 286 14.47 -9.29 29.72
C GLY C 286 15.75 -10.11 29.78
N GLY C 287 15.89 -10.98 28.78
CA GLY C 287 17.01 -11.92 28.70
C GLY C 287 17.71 -11.90 27.35
N ILE C 288 18.62 -12.85 27.17
CA ILE C 288 19.42 -12.94 25.95
C ILE C 288 19.41 -14.35 25.38
N GLN C 289 19.80 -14.49 24.11
CA GLN C 289 20.01 -15.81 23.53
C GLN C 289 21.45 -16.00 23.10
N ARG C 290 22.05 -17.09 23.57
CA ARG C 290 23.42 -17.43 23.22
C ARG C 290 23.47 -18.84 22.69
N GLY C 291 23.76 -19.00 21.40
CA GLY C 291 23.73 -20.32 20.83
C GLY C 291 22.31 -20.89 20.93
N ASN C 292 22.19 -22.04 21.56
CA ASN C 292 20.92 -22.74 21.71
C ASN C 292 20.30 -22.60 23.11
N ASP C 293 20.80 -21.67 23.92
CA ASP C 293 20.24 -21.47 25.26
C ASP C 293 19.76 -20.04 25.49
N LEU C 294 18.80 -19.88 26.39
CA LEU C 294 18.34 -18.54 26.76
C LEU C 294 18.70 -18.22 28.19
N TYR C 295 19.05 -16.98 28.47
CA TYR C 295 19.35 -16.58 29.84
C TYR C 295 18.47 -15.44 30.31
N PHE C 296 17.81 -15.67 31.43
CA PHE C 296 16.94 -14.71 32.07
C PHE C 296 17.32 -14.52 33.52
N GLN C 297 16.94 -13.39 34.07
CA GLN C 297 17.10 -13.17 35.50
C GLN C 297 15.78 -13.48 36.16
N MET C 298 15.81 -14.08 37.34
CA MET C 298 14.58 -14.35 38.08
C MET C 298 14.75 -13.95 39.52
N PHE C 299 13.65 -13.80 40.21
CA PHE C 299 13.70 -13.57 41.63
C PHE C 299 12.48 -14.18 42.26
N GLY C 300 12.53 -14.43 43.54
CA GLY C 300 11.37 -15.02 44.17
C GLY C 300 11.55 -15.29 45.64
N LEU C 301 10.53 -15.91 46.21
CA LEU C 301 10.48 -16.21 47.63
C LEU C 301 10.87 -17.66 47.84
N SER C 302 11.97 -17.86 48.57
CA SER C 302 12.52 -19.21 48.77
C SER C 302 12.62 -19.62 50.23
N ARG C 303 12.63 -20.93 50.44
CA ARG C 303 12.73 -21.49 51.77
C ARG C 303 14.18 -21.49 52.25
N ASN C 304 14.37 -21.25 53.55
CA ASN C 304 15.71 -21.21 54.12
C ASN C 304 15.84 -21.91 55.46
N ARG C 305 16.87 -22.74 55.60
CA ARG C 305 17.10 -23.44 56.85
C ARG C 305 18.46 -23.12 57.48
N GLN C 306 19.13 -22.09 56.97
CA GLN C 306 20.45 -21.71 57.49
C GLN C 306 20.45 -20.28 58.02
N SER C 307 21.39 -19.97 58.91
CA SER C 307 21.52 -18.60 59.36
C SER C 307 22.12 -17.77 58.24
N ILE C 308 21.95 -16.46 58.30
CA ILE C 308 22.54 -15.62 57.26
C ILE C 308 23.33 -14.46 57.82
N LYS C 309 24.19 -13.90 56.98
CA LYS C 309 24.90 -12.67 57.26
C LYS C 309 24.74 -11.79 56.03
N ALA C 310 23.73 -10.94 56.03
CA ALA C 310 23.39 -10.19 54.84
C ALA C 310 24.47 -9.20 54.48
N LEU C 311 24.65 -9.00 53.18
CA LEU C 311 25.55 -7.97 52.70
C LEU C 311 25.08 -6.63 53.25
N CYS C 312 25.99 -5.86 53.86
CA CYS C 312 25.63 -4.63 54.56
C CYS C 312 26.70 -3.56 54.35
N GLU C 313 26.67 -2.91 53.18
CA GLU C 313 27.64 -1.89 52.83
C GLU C 313 27.05 -0.49 52.88
N HIS C 314 27.60 0.36 53.72
CA HIS C 314 27.12 1.73 53.91
C HIS C 314 28.25 2.64 54.35
N GLY C 315 27.96 3.94 54.44
CA GLY C 315 28.97 4.94 54.80
C GLY C 315 29.07 5.19 56.30
N SER C 316 29.58 6.37 56.65
CA SER C 316 29.86 6.73 58.04
C SER C 316 28.59 7.19 58.78
N CYS C 317 27.68 6.26 59.00
CA CYS C 317 26.38 6.47 59.65
C CYS C 317 26.54 6.89 61.10
N LEU C 318 27.51 6.32 61.78
CA LEU C 318 27.74 6.62 63.19
C LEU C 318 29.24 6.78 63.46
N GLY C 323 26.49 -2.57 65.24
CA GLY C 323 25.77 -3.78 65.58
C GLY C 323 24.32 -3.74 65.08
N GLY C 324 23.61 -2.64 65.39
CA GLY C 324 22.21 -2.44 65.02
C GLY C 324 22.00 -2.45 63.52
N TYR C 325 22.97 -1.97 62.77
CA TYR C 325 22.82 -1.94 61.32
C TYR C 325 22.89 -3.34 60.73
N GLN C 326 23.69 -4.23 61.30
CA GLN C 326 23.76 -5.57 60.74
C GLN C 326 22.43 -6.26 60.95
N VAL C 327 21.80 -6.00 62.09
CA VAL C 327 20.52 -6.63 62.37
C VAL C 327 19.49 -6.14 61.36
N LEU C 328 19.49 -4.84 61.08
CA LEU C 328 18.56 -4.31 60.09
C LEU C 328 18.83 -4.88 58.68
N CYS C 329 20.11 -5.05 58.30
CA CYS C 329 20.50 -5.62 57.01
C CYS C 329 20.04 -7.08 56.87
N ASP C 330 20.00 -7.81 57.98
CA ASP C 330 19.53 -9.19 57.93
C ASP C 330 18.01 -9.23 57.80
N ARG C 331 17.30 -8.37 58.53
CA ARG C 331 15.82 -8.36 58.52
C ARG C 331 15.30 -7.76 57.20
N ALA C 332 16.13 -6.99 56.50
CA ALA C 332 15.77 -6.39 55.23
C ALA C 332 15.62 -7.40 54.11
N VAL C 333 16.14 -8.61 54.26
CA VAL C 333 16.02 -9.60 53.19
C VAL C 333 15.04 -10.73 53.53
N MET C 334 14.42 -10.64 54.71
CA MET C 334 13.50 -11.66 55.19
C MET C 334 12.06 -11.29 54.85
N SER C 335 11.25 -12.29 54.54
CA SER C 335 9.84 -12.05 54.26
C SER C 335 9.04 -12.03 55.55
N PHE C 336 8.44 -10.89 55.87
CA PHE C 336 7.67 -10.76 57.14
C PHE C 336 8.59 -11.01 58.34
N GLY C 337 9.90 -10.76 58.19
CA GLY C 337 10.84 -10.88 59.30
C GLY C 337 11.19 -12.33 59.65
N SER C 338 10.70 -13.29 58.86
CA SER C 338 10.98 -14.69 59.16
C SER C 338 12.36 -15.25 58.83
N GLU C 339 13.02 -15.88 59.79
CA GLU C 339 14.39 -16.35 59.42
C GLU C 339 14.30 -17.37 58.28
N GLU C 340 13.28 -18.24 58.29
CA GLU C 340 13.08 -19.22 57.24
C GLU C 340 12.54 -18.96 55.84
N SER C 341 12.30 -17.70 55.49
CA SER C 341 11.78 -17.41 54.16
C SER C 341 12.37 -16.13 53.62
N LEU C 342 13.23 -16.25 52.61
CA LEU C 342 13.99 -15.11 52.10
C LEU C 342 13.56 -14.71 50.70
N ILE C 343 13.77 -13.45 50.36
CA ILE C 343 13.52 -13.02 48.99
C ILE C 343 14.85 -12.79 48.30
N SER C 344 15.10 -13.55 47.23
CA SER C 344 16.42 -13.56 46.59
C SER C 344 16.41 -13.62 45.08
N ASN C 345 17.57 -13.32 44.50
CA ASN C 345 17.80 -13.35 43.06
C ASN C 345 18.45 -14.65 42.61
N ALA C 346 18.24 -14.99 41.34
CA ALA C 346 18.87 -16.17 40.76
C ALA C 346 19.01 -16.05 39.24
N TYR C 347 19.94 -16.81 38.66
CA TYR C 347 20.04 -16.90 37.21
C TYR C 347 19.11 -18.00 36.73
N LEU C 348 18.43 -17.79 35.62
CA LEU C 348 17.57 -18.82 35.03
C LEU C 348 18.03 -19.18 33.61
N LYS C 349 18.39 -20.43 33.39
CA LYS C 349 18.83 -20.86 32.07
C LYS C 349 17.81 -21.78 31.41
N VAL C 350 17.45 -21.47 30.17
CA VAL C 350 16.55 -22.34 29.40
C VAL C 350 17.41 -23.13 28.44
N ASN C 351 17.49 -24.43 28.65
CA ASN C 351 18.37 -25.31 27.89
C ASN C 351 17.75 -25.90 26.64
N ASP C 352 18.54 -25.93 25.57
CA ASP C 352 18.20 -26.64 24.33
C ASP C 352 16.86 -26.25 23.70
N VAL C 353 16.70 -24.98 23.35
CA VAL C 353 15.39 -24.56 22.83
C VAL C 353 15.05 -25.15 21.46
N ALA C 354 16.05 -25.44 20.64
CA ALA C 354 15.84 -25.97 19.29
C ALA C 354 15.21 -27.36 19.27
N SER C 355 15.30 -28.10 20.37
CA SER C 355 14.80 -29.47 20.36
C SER C 355 13.28 -29.54 20.41
N GLY C 356 12.64 -28.45 20.83
CA GLY C 356 11.19 -28.44 20.96
C GLY C 356 10.76 -28.91 22.35
N LYS C 357 11.72 -29.34 23.15
CA LYS C 357 11.45 -29.81 24.51
C LYS C 357 12.44 -29.20 25.50
N PRO C 358 12.35 -27.88 25.75
CA PRO C 358 13.27 -27.10 26.56
C PRO C 358 13.13 -27.44 28.03
N THR C 359 14.21 -27.24 28.77
CA THR C 359 14.17 -27.41 30.22
C THR C 359 14.76 -26.20 30.93
N ILE C 360 14.42 -26.02 32.20
CA ILE C 360 14.95 -24.89 32.95
C ILE C 360 15.73 -25.24 34.20
N ILE C 361 16.93 -24.68 34.31
CA ILE C 361 17.80 -24.87 35.48
C ILE C 361 18.23 -23.53 36.08
N SER C 362 18.06 -23.35 37.40
CA SER C 362 18.46 -22.08 38.02
C SER C 362 19.69 -22.19 38.93
N GLN C 363 20.30 -21.04 39.23
CA GLN C 363 21.40 -20.94 40.20
C GLN C 363 21.25 -19.68 41.06
N THR C 364 21.09 -19.87 42.37
CA THR C 364 20.73 -18.78 43.29
C THR C 364 21.90 -18.06 43.94
N PHE C 365 21.76 -16.73 44.08
CA PHE C 365 22.76 -15.90 44.76
C PHE C 365 22.57 -16.01 46.27
N PRO C 366 23.63 -16.11 47.06
CA PRO C 366 23.58 -16.15 48.50
C PRO C 366 23.20 -14.77 49.03
N PRO C 367 22.59 -14.68 50.22
CA PRO C 367 22.20 -13.45 50.90
C PRO C 367 23.42 -12.63 51.32
N SER C 368 24.58 -13.28 51.36
CA SER C 368 25.82 -12.63 51.74
C SER C 368 26.45 -11.82 50.61
N ASP C 369 25.94 -11.98 49.40
CA ASP C 369 26.49 -11.24 48.26
C ASP C 369 25.41 -10.53 47.48
N SER C 370 24.31 -10.21 48.15
CA SER C 370 23.23 -9.52 47.48
C SER C 370 22.33 -8.81 48.45
N TYR C 371 21.26 -8.25 47.91
CA TYR C 371 20.26 -7.54 48.67
C TYR C 371 18.92 -8.15 48.36
N LYS C 372 17.87 -7.63 48.97
CA LYS C 372 16.54 -8.17 48.75
C LYS C 372 16.33 -8.36 47.25
N GLY C 373 15.81 -9.54 46.87
CA GLY C 373 15.60 -9.86 45.46
C GLY C 373 14.74 -8.84 44.73
N SER C 374 15.03 -8.66 43.44
CA SER C 374 14.38 -7.63 42.64
C SER C 374 14.41 -7.89 41.14
N ASN C 375 13.68 -7.05 40.39
CA ASN C 375 13.72 -7.09 38.93
C ASN C 375 15.09 -6.73 38.40
N GLY C 376 15.59 -7.52 37.47
CA GLY C 376 16.89 -7.25 36.87
C GLY C 376 16.89 -7.50 35.37
N ARG C 377 18.08 -7.50 34.78
CA ARG C 377 18.28 -7.69 33.35
C ARG C 377 19.59 -8.40 33.02
N ILE C 378 19.57 -9.26 31.99
CA ILE C 378 20.80 -9.90 31.51
C ILE C 378 21.32 -9.21 30.26
N TYR C 379 22.61 -8.89 30.26
CA TYR C 379 23.27 -8.20 29.17
C TYR C 379 24.30 -9.09 28.49
N THR C 380 24.51 -8.85 27.21
CA THR C 380 25.63 -9.46 26.51
C THR C 380 26.64 -8.36 26.22
N ILE C 381 27.86 -8.53 26.68
CA ILE C 381 28.88 -7.50 26.51
C ILE C 381 30.07 -8.12 25.81
N GLY C 382 30.02 -8.17 24.48
CA GLY C 382 31.04 -8.89 23.73
C GLY C 382 30.99 -10.37 24.10
N GLU C 383 32.13 -10.92 24.47
CA GLU C 383 32.24 -12.32 24.86
C GLU C 383 31.81 -12.56 26.31
N ARG C 384 31.61 -11.47 27.05
CA ARG C 384 31.29 -11.52 28.47
C ARG C 384 29.83 -11.19 28.71
N TYR C 385 29.38 -11.35 29.94
CA TYR C 385 28.00 -11.07 30.29
C TYR C 385 27.91 -10.07 31.42
N GLY C 386 26.77 -9.39 31.54
CA GLY C 386 26.56 -8.51 32.67
C GLY C 386 25.18 -8.71 33.27
N ILE C 387 25.01 -8.29 34.51
CA ILE C 387 23.72 -8.36 35.18
C ILE C 387 23.37 -7.07 35.91
N TYR C 388 22.15 -6.61 35.72
CA TYR C 388 21.66 -5.43 36.43
C TYR C 388 20.59 -5.83 37.44
N LEU C 389 20.73 -5.34 38.66
CA LEU C 389 19.73 -5.60 39.69
C LEU C 389 19.18 -4.28 40.20
N ALA C 390 17.87 -4.08 40.07
CA ALA C 390 17.27 -2.83 40.51
C ALA C 390 17.30 -2.76 42.04
N PRO C 391 17.38 -1.56 42.64
CA PRO C 391 17.16 -1.31 44.04
C PRO C 391 15.75 -1.73 44.41
N SER C 392 15.57 -2.23 45.62
CA SER C 392 14.24 -2.61 46.08
C SER C 392 14.15 -2.41 47.57
N SER C 393 15.31 -2.17 48.17
CA SER C 393 15.44 -2.01 49.61
C SER C 393 16.18 -0.72 49.96
N TRP C 394 16.82 -0.71 51.12
CA TRP C 394 17.50 0.47 51.64
C TRP C 394 18.70 0.96 50.81
N ASN C 395 19.35 0.07 50.06
CA ASN C 395 20.50 0.48 49.26
C ASN C 395 20.04 0.89 47.86
N ARG C 396 20.19 2.18 47.55
CA ARG C 396 19.66 2.74 46.31
C ARG C 396 20.73 3.04 45.25
N TYR C 397 21.94 2.54 45.47
CA TYR C 397 23.06 2.75 44.53
C TYR C 397 22.99 1.74 43.39
N LEU C 398 23.60 2.06 42.26
CA LEU C 398 23.67 1.12 41.15
C LEU C 398 24.32 -0.20 41.53
N ARG C 399 23.63 -1.31 41.21
CA ARG C 399 24.16 -2.65 41.45
C ARG C 399 24.24 -3.38 40.12
N PHE C 400 25.45 -3.48 39.59
CA PHE C 400 25.66 -4.05 38.27
C PHE C 400 26.94 -4.86 38.28
N GLY C 401 26.91 -6.06 37.72
CA GLY C 401 28.12 -6.88 37.72
C GLY C 401 28.49 -7.42 36.36
N LEU C 402 29.74 -7.84 36.25
CA LEU C 402 30.30 -8.44 35.04
C LEU C 402 30.77 -9.86 35.31
N THR C 403 30.70 -10.71 34.29
CA THR C 403 31.17 -12.07 34.45
C THR C 403 31.59 -12.70 33.12
N PRO C 404 32.62 -13.58 33.10
CA PRO C 404 33.04 -14.35 31.95
C PRO C 404 32.05 -15.45 31.55
N ASP C 405 31.18 -15.82 32.48
CA ASP C 405 30.18 -16.86 32.22
C ASP C 405 28.99 -16.66 33.12
N ILE C 406 27.85 -17.19 32.76
CA ILE C 406 26.72 -16.93 33.62
C ILE C 406 26.64 -17.92 34.77
N SER C 407 27.22 -17.49 35.88
CA SER C 407 27.28 -18.22 37.14
C SER C 407 27.40 -17.22 38.28
N VAL C 408 27.05 -17.65 39.49
CA VAL C 408 27.13 -16.80 40.65
C VAL C 408 28.54 -16.51 41.13
N ARG C 409 29.37 -17.55 41.17
CA ARG C 409 30.71 -17.44 41.73
C ARG C 409 31.70 -16.65 40.89
N SER C 410 31.36 -16.40 39.63
CA SER C 410 32.26 -15.67 38.75
C SER C 410 31.90 -14.20 38.60
N THR C 411 30.86 -13.74 39.30
CA THR C 411 30.42 -12.35 39.13
C THR C 411 31.22 -11.38 39.96
N THR C 412 31.68 -10.31 39.30
CA THR C 412 32.42 -9.22 39.92
C THR C 412 31.59 -7.95 39.85
N TRP C 413 31.38 -7.29 40.97
CA TRP C 413 30.51 -6.13 41.00
C TRP C 413 31.25 -4.82 40.75
N LEU C 414 30.60 -3.88 40.06
CA LEU C 414 31.16 -2.56 39.79
C LEU C 414 31.11 -1.69 41.03
N LYS C 415 31.99 -0.68 41.08
CA LYS C 415 32.06 0.24 42.22
C LYS C 415 31.50 1.63 41.94
N GLU C 416 30.78 1.77 40.83
CA GLU C 416 30.18 3.07 40.49
C GLU C 416 28.87 3.23 41.25
N LYS C 417 28.46 4.48 41.48
CA LYS C 417 27.22 4.74 42.21
C LYS C 417 26.08 5.24 41.33
N ASP C 418 26.41 6.01 40.31
CA ASP C 418 25.41 6.65 39.44
C ASP C 418 24.76 5.64 38.51
N PRO C 419 23.45 5.72 38.31
CA PRO C 419 22.44 6.55 38.94
C PRO C 419 22.05 6.08 40.33
N ILE C 420 21.55 6.99 41.14
CA ILE C 420 20.95 6.65 42.43
C ILE C 420 19.45 6.78 42.29
N MET C 421 18.71 5.75 42.68
CA MET C 421 17.27 5.81 42.50
C MET C 421 16.63 6.64 43.59
N LYS C 422 15.93 7.70 43.17
CA LYS C 422 15.31 8.66 44.10
C LYS C 422 13.79 8.71 44.02
N VAL C 423 13.18 7.84 43.23
CA VAL C 423 11.73 7.88 43.05
C VAL C 423 11.07 6.59 43.44
N LEU C 424 9.76 6.63 43.68
CA LEU C 424 8.99 5.46 44.03
C LEU C 424 9.60 4.73 45.21
N THR C 425 10.00 5.49 46.22
CA THR C 425 10.63 4.92 47.39
C THR C 425 10.02 5.43 48.68
N THR C 426 10.02 4.57 49.68
CA THR C 426 9.57 4.92 51.03
C THR C 426 10.72 5.05 52.05
N CYS C 427 11.98 5.07 51.56
CA CYS C 427 13.18 5.18 52.36
C CYS C 427 13.45 6.63 52.75
N THR C 428 14.00 6.85 53.94
CA THR C 428 14.29 8.20 54.41
C THR C 428 15.77 8.43 54.65
N ASN C 429 16.61 7.57 54.07
CA ASN C 429 18.05 7.72 54.24
C ASN C 429 18.60 8.73 53.24
N THR C 430 19.90 8.98 53.30
CA THR C 430 20.51 9.98 52.43
C THR C 430 21.37 9.35 51.36
N ASP C 431 21.66 10.12 50.31
CA ASP C 431 22.43 9.64 49.16
C ASP C 431 23.92 9.55 49.46
N LYS C 432 24.33 10.08 50.60
CA LYS C 432 25.74 10.03 50.98
C LYS C 432 26.07 8.78 51.78
N ASP C 433 25.35 8.56 52.89
CA ASP C 433 25.68 7.45 53.77
C ASP C 433 24.89 6.19 53.46
N MET C 434 23.68 6.36 52.95
CA MET C 434 22.80 5.25 52.60
C MET C 434 22.64 4.24 53.74
N CYS C 435 22.28 4.72 54.94
CA CYS C 435 22.15 3.91 56.16
C CYS C 435 20.99 2.89 56.08
N PRO C 436 21.20 1.64 56.52
CA PRO C 436 20.22 0.58 56.60
C PRO C 436 19.00 0.94 57.43
N GLU C 437 17.85 0.48 56.94
CA GLU C 437 16.56 0.64 57.58
C GLU C 437 15.59 -0.33 56.92
N ILE C 438 14.38 -0.45 57.44
CA ILE C 438 13.39 -1.28 56.76
C ILE C 438 12.45 -0.39 55.94
N CYS C 439 12.55 -0.49 54.60
CA CYS C 439 11.83 0.34 53.64
C CYS C 439 11.74 -0.40 52.31
N ASN C 440 11.08 0.20 51.33
CA ASN C 440 11.01 -0.45 50.02
C ASN C 440 11.05 0.53 48.87
N THR C 441 11.52 0.06 47.73
CA THR C 441 11.61 0.83 46.50
C THR C 441 11.02 0.02 45.34
N ARG C 442 10.23 0.65 44.48
CA ARG C 442 9.60 -0.09 43.39
C ARG C 442 9.81 0.50 42.00
N GLY C 443 10.98 1.08 41.76
CA GLY C 443 11.29 1.65 40.45
C GLY C 443 12.18 0.74 39.63
N TYR C 444 12.63 1.24 38.48
CA TYR C 444 13.51 0.52 37.57
C TYR C 444 14.17 1.49 36.60
N GLN C 445 15.49 1.59 36.67
CA GLN C 445 16.27 2.50 35.83
C GLN C 445 17.57 1.83 35.42
N ASP C 446 17.60 1.16 34.27
CA ASP C 446 18.78 0.38 33.95
C ASP C 446 19.81 1.19 33.17
N ILE C 447 20.92 0.55 32.81
CA ILE C 447 21.99 1.24 32.11
C ILE C 447 22.35 0.45 30.86
N PHE C 448 23.08 1.07 29.95
CA PHE C 448 23.57 0.32 28.81
C PHE C 448 25.08 0.56 28.61
N PRO C 449 25.93 -0.45 28.82
CA PRO C 449 27.39 -0.40 28.67
C PRO C 449 27.82 0.03 27.28
N LEU C 450 28.78 0.94 27.22
CA LEU C 450 29.33 1.39 25.95
C LEU C 450 30.78 0.95 25.76
N SER C 451 31.23 0.04 26.61
CA SER C 451 32.58 -0.51 26.52
C SER C 451 32.64 -1.91 27.13
N GLU C 452 33.65 -2.69 26.79
CA GLU C 452 33.75 -4.09 27.25
C GLU C 452 33.81 -4.25 28.77
N ASP C 453 34.42 -3.29 29.46
CA ASP C 453 34.56 -3.36 30.91
C ASP C 453 33.53 -2.50 31.62
N SER C 454 32.56 -1.99 30.88
CA SER C 454 31.55 -1.08 31.39
C SER C 454 32.15 0.10 32.12
N SER C 455 33.28 0.61 31.65
CA SER C 455 33.87 1.80 32.23
C SER C 455 33.14 3.04 31.74
N PHE C 456 32.52 2.92 30.56
CA PHE C 456 31.65 3.94 30.00
C PHE C 456 30.24 3.41 29.91
N TYR C 457 29.25 4.21 30.24
CA TYR C 457 27.86 3.77 30.07
C TYR C 457 26.87 4.91 29.98
N THR C 458 25.71 4.61 29.42
CA THR C 458 24.63 5.59 29.32
C THR C 458 23.43 5.23 30.20
N TYR C 459 22.82 6.26 30.79
CA TYR C 459 21.68 6.06 31.68
C TYR C 459 20.75 7.27 31.69
N ILE C 460 19.53 7.09 32.21
CA ILE C 460 18.60 8.20 32.41
C ILE C 460 18.31 8.40 33.89
N GLY C 461 18.54 9.62 34.35
CA GLY C 461 18.33 9.97 35.75
C GLY C 461 16.97 10.61 35.95
N ILE C 462 16.34 10.33 37.09
CA ILE C 462 15.05 10.92 37.43
C ILE C 462 15.09 11.51 38.83
N THR C 463 14.72 12.77 38.96
CA THR C 463 14.70 13.45 40.24
C THR C 463 13.28 13.93 40.52
N PRO C 464 12.69 13.63 41.68
CA PRO C 464 11.36 14.02 42.06
C PRO C 464 11.31 15.50 42.36
N SER C 465 10.15 16.11 42.17
CA SER C 465 9.95 17.52 42.50
C SER C 465 8.53 17.71 43.01
N ASN C 466 8.16 18.96 43.27
CA ASN C 466 6.80 19.25 43.74
C ASN C 466 5.80 19.29 42.59
N GLU C 467 6.29 19.13 41.37
CA GLU C 467 5.47 19.12 40.17
C GLU C 467 5.86 17.95 39.29
N GLY C 468 5.45 16.75 39.68
CA GLY C 468 5.85 15.54 38.99
C GLY C 468 7.35 15.28 39.16
N THR C 469 8.05 15.07 38.03
CA THR C 469 9.48 14.78 38.07
C THR C 469 10.28 15.56 37.03
N LYS C 470 11.61 15.56 37.20
CA LYS C 470 12.54 16.12 36.22
C LYS C 470 13.51 15.01 35.81
N SER C 471 14.01 15.04 34.58
CA SER C 471 14.93 13.97 34.16
C SER C 471 15.95 14.41 33.13
N PHE C 472 17.00 13.60 32.97
CA PHE C 472 18.05 13.87 32.00
C PHE C 472 18.72 12.60 31.46
N VAL C 473 19.34 12.75 30.29
CA VAL C 473 20.14 11.70 29.68
C VAL C 473 21.59 11.95 29.95
N ALA C 474 22.33 10.92 30.35
CA ALA C 474 23.73 11.15 30.64
C ALA C 474 24.63 10.01 30.23
N VAL C 475 25.89 10.36 29.95
CA VAL C 475 26.94 9.38 29.68
C VAL C 475 28.09 9.59 30.65
N LYS C 476 28.43 8.54 31.38
CA LYS C 476 29.51 8.60 32.35
C LYS C 476 30.78 8.05 31.74
N ASP C 477 31.89 8.79 31.82
CA ASP C 477 33.12 8.30 31.23
C ASP C 477 33.97 7.56 32.25
N ASP C 478 35.15 7.10 31.84
CA ASP C 478 35.97 6.28 32.69
C ASP C 478 36.83 7.07 33.67
N ALA C 479 36.65 8.39 33.70
CA ALA C 479 37.35 9.25 34.63
C ALA C 479 36.38 9.67 35.72
N GLY C 480 35.14 9.21 35.61
CA GLY C 480 34.10 9.54 36.56
C GLY C 480 33.34 10.83 36.24
N HIS C 481 33.52 11.39 35.04
CA HIS C 481 32.81 12.63 34.70
C HIS C 481 31.49 12.30 34.05
N VAL C 482 30.49 13.14 34.28
CA VAL C 482 29.19 12.88 33.66
C VAL C 482 28.70 14.03 32.80
N ALA C 483 28.42 13.72 31.54
CA ALA C 483 27.84 14.68 30.62
C ALA C 483 26.34 14.47 30.61
N SER C 484 25.56 15.54 30.79
CA SER C 484 24.12 15.35 30.87
C SER C 484 23.32 16.44 30.18
N ILE C 485 22.19 16.03 29.59
CA ILE C 485 21.26 16.91 28.91
C ILE C 485 19.80 16.67 29.35
N THR C 486 19.09 17.74 29.72
CA THR C 486 17.69 17.67 30.19
C THR C 486 16.73 17.19 29.10
N ILE C 487 15.81 16.31 29.45
CA ILE C 487 14.82 15.82 28.48
C ILE C 487 13.37 15.93 28.92
N LEU C 488 12.48 15.81 27.94
CA LEU C 488 11.04 15.73 28.14
C LEU C 488 10.50 16.80 29.09
N PRO C 489 10.73 18.09 28.81
CA PRO C 489 10.32 19.21 29.63
C PRO C 489 8.81 19.38 29.72
N ASN C 490 8.09 18.77 28.79
CA ASN C 490 6.64 18.90 28.75
C ASN C 490 5.89 17.68 29.29
N TYR C 491 6.59 16.78 29.97
CA TYR C 491 5.92 15.64 30.59
C TYR C 491 5.81 15.84 32.08
N TYR C 492 4.60 15.72 32.60
CA TYR C 492 4.41 15.87 34.02
C TYR C 492 5.32 14.95 34.82
N SER C 493 5.33 13.66 34.50
CA SER C 493 6.21 12.76 35.23
C SER C 493 6.66 11.54 34.45
N ILE C 494 7.88 11.11 34.74
CA ILE C 494 8.46 9.87 34.24
C ILE C 494 8.91 9.06 35.44
N THR C 495 8.55 7.78 35.50
CA THR C 495 8.88 7.00 36.67
C THR C 495 9.92 5.89 36.45
N SER C 496 10.23 5.56 35.20
CA SER C 496 11.16 4.47 34.91
C SER C 496 11.80 4.62 33.55
N ALA C 497 12.87 3.87 33.30
CA ALA C 497 13.51 3.89 31.98
C ALA C 497 14.34 2.64 31.70
N THR C 498 14.23 2.13 30.47
CA THR C 498 15.08 1.03 30.01
C THR C 498 15.75 1.38 28.68
N ILE C 499 17.05 1.11 28.58
CA ILE C 499 17.81 1.51 27.38
C ILE C 499 18.40 0.36 26.56
N SER C 500 18.16 0.39 25.25
CA SER C 500 18.78 -0.56 24.31
C SER C 500 19.46 0.21 23.18
N CYS C 501 20.74 -0.11 22.88
CA CYS C 501 21.55 0.61 21.88
C CYS C 501 21.95 -0.30 20.72
N PHE C 502 22.19 0.32 19.58
CA PHE C 502 22.56 -0.33 18.32
C PHE C 502 23.30 0.63 17.39
N MET C 503 23.89 0.10 16.32
CA MET C 503 24.51 0.98 15.32
C MET C 503 23.48 1.36 14.27
N TYR C 504 23.48 2.64 13.91
CA TYR C 504 22.58 3.16 12.89
C TYR C 504 23.31 4.28 12.16
N LYS C 505 23.36 4.20 10.83
CA LYS C 505 24.10 5.17 10.03
C LYS C 505 25.53 5.34 10.55
N GLU C 506 26.15 4.22 10.90
CA GLU C 506 27.53 4.13 11.40
C GLU C 506 27.94 4.96 12.62
N GLU C 507 27.05 5.05 13.60
CA GLU C 507 27.30 5.68 14.87
C GLU C 507 26.36 5.09 15.89
N ILE C 508 26.66 5.14 17.19
CA ILE C 508 25.74 4.56 18.14
C ILE C 508 24.49 5.37 18.48
N TRP C 509 23.35 4.72 18.32
CA TRP C 509 22.04 5.27 18.63
C TRP C 509 21.39 4.42 19.70
N CYS C 510 20.59 5.05 20.58
CA CYS C 510 19.91 4.36 21.68
C CYS C 510 18.43 4.70 21.73
N ILE C 511 17.62 3.71 22.06
CA ILE C 511 16.20 3.91 22.28
C ILE C 511 15.85 3.67 23.74
N ALA C 512 15.20 4.65 24.33
CA ALA C 512 14.78 4.57 25.71
C ALA C 512 13.28 4.42 25.80
N VAL C 513 12.83 3.44 26.56
CA VAL C 513 11.41 3.20 26.76
C VAL C 513 11.06 3.53 28.20
N THR C 514 10.09 4.42 28.38
CA THR C 514 9.74 4.91 29.71
C THR C 514 8.24 4.84 30.01
N GLU C 515 7.91 4.80 31.29
CA GLU C 515 6.52 4.87 31.75
C GLU C 515 6.26 6.24 32.34
N GLY C 516 5.10 6.83 32.04
CA GLY C 516 4.81 8.13 32.61
C GLY C 516 3.49 8.73 32.17
N ARG C 517 3.33 10.02 32.47
CA ARG C 517 2.12 10.78 32.17
C ARG C 517 2.46 12.12 31.56
N LYS C 518 1.70 12.54 30.54
CA LYS C 518 1.89 13.87 30.00
C LYS C 518 1.34 14.97 30.89
N GLN C 519 0.07 14.80 31.28
CA GLN C 519 -0.60 15.78 32.17
C GLN C 519 -0.98 15.10 33.49
N LYS C 520 -0.96 15.83 34.60
CA LYS C 520 -1.23 15.26 35.91
C LYS C 520 -2.40 14.28 36.01
N GLU C 521 -3.48 14.55 35.29
CA GLU C 521 -4.68 13.73 35.38
C GLU C 521 -4.73 12.58 34.39
N ASN C 522 -3.68 12.37 33.63
CA ASN C 522 -3.70 11.29 32.65
C ASN C 522 -3.43 9.95 33.32
N PRO C 523 -3.89 8.84 32.74
CA PRO C 523 -3.54 7.49 33.11
C PRO C 523 -2.11 7.23 32.65
N GLN C 524 -1.46 6.24 33.24
CA GLN C 524 -0.10 5.91 32.86
C GLN C 524 0.00 5.20 31.52
N ARG C 525 0.93 5.67 30.69
CA ARG C 525 1.18 5.09 29.37
C ARG C 525 2.67 4.93 29.08
N ILE C 526 2.99 4.09 28.11
CA ILE C 526 4.37 3.80 27.74
C ILE C 526 4.79 4.60 26.51
N TYR C 527 5.94 5.28 26.62
CA TYR C 527 6.46 6.15 25.57
C TYR C 527 7.86 5.73 25.16
N ALA C 528 8.28 6.08 23.93
CA ALA C 528 9.64 5.75 23.50
C ALA C 528 10.27 6.88 22.71
N HIS C 529 11.56 7.11 22.98
CA HIS C 529 12.35 8.16 22.34
C HIS C 529 13.76 7.69 22.00
N SER C 530 14.42 8.38 21.07
CA SER C 530 15.78 8.00 20.69
C SER C 530 16.78 9.15 20.72
N TYR C 531 18.04 8.79 20.90
CA TYR C 531 19.13 9.76 20.93
C TYR C 531 20.43 9.15 20.44
N ARG C 532 21.42 10.00 20.16
CA ARG C 532 22.70 9.54 19.67
C ARG C 532 23.84 9.79 20.65
N VAL C 533 24.86 8.93 20.58
CA VAL C 533 26.06 9.06 21.40
C VAL C 533 27.22 9.53 20.55
N GLN C 534 27.77 10.68 20.88
CA GLN C 534 28.82 11.31 20.12
C GLN C 534 30.20 10.90 20.61
N LYS C 535 31.13 10.75 19.68
CA LYS C 535 32.51 10.50 20.01
C LYS C 535 33.26 11.81 20.05
N MET C 536 33.97 12.08 21.14
CA MET C 536 34.70 13.34 21.27
C MET C 536 36.10 13.07 21.83
N CYS C 537 37.05 13.97 21.54
CA CYS C 537 38.41 13.85 22.06
C CYS C 537 38.92 15.28 22.27
N PHE C 538 39.23 15.60 23.52
CA PHE C 538 39.57 16.96 23.91
C PHE C 538 41.04 17.17 24.24
N ASN C 539 41.65 18.10 23.52
CA ASN C 539 43.04 18.47 23.75
C ASN C 539 43.11 19.50 24.88
N ILE C 540 43.62 19.08 26.05
CA ILE C 540 43.67 19.88 27.28
C ILE C 540 44.89 20.81 27.24
N LEU D 8 -34.70 -31.94 16.78
CA LEU D 8 -34.68 -30.54 17.28
C LEU D 8 -33.34 -30.27 17.97
N LYS D 9 -32.77 -31.30 18.61
CA LYS D 9 -31.43 -31.14 19.26
C LYS D 9 -30.40 -30.82 18.16
N ILE D 10 -30.47 -31.52 17.03
CA ILE D 10 -29.52 -31.27 15.91
C ILE D 10 -29.69 -29.81 15.45
N ILE D 11 -30.92 -29.31 15.46
CA ILE D 11 -31.16 -27.88 15.08
C ILE D 11 -30.49 -26.99 16.14
N GLN D 12 -30.86 -27.17 17.41
CA GLN D 12 -30.25 -26.38 18.49
C GLN D 12 -28.73 -26.64 18.47
N ASP D 13 -28.31 -27.67 17.74
CA ASP D 13 -26.88 -27.93 17.60
C ASP D 13 -26.30 -27.26 16.37
N GLU D 14 -27.04 -27.28 15.26
CA GLU D 14 -26.53 -26.68 14.04
C GLU D 14 -26.46 -25.16 14.17
N VAL D 15 -27.43 -24.57 14.87
CA VAL D 15 -27.41 -23.14 15.11
C VAL D 15 -26.21 -22.77 15.98
N ASN D 16 -25.92 -23.58 17.00
CA ASN D 16 -24.78 -23.31 17.85
C ASN D 16 -23.47 -23.37 17.06
N SER D 17 -23.41 -24.27 16.07
CA SER D 17 -22.23 -24.36 15.22
C SER D 17 -22.04 -23.07 14.42
N LEU D 18 -23.14 -22.53 13.90
CA LEU D 18 -23.07 -21.27 13.18
C LEU D 18 -22.58 -20.16 14.08
N LYS D 19 -23.01 -20.16 15.34
CA LYS D 19 -22.56 -19.12 16.26
C LYS D 19 -21.05 -19.15 16.42
N GLU D 20 -20.49 -20.34 16.60
CA GLU D 20 -19.05 -20.42 16.79
C GLU D 20 -18.29 -19.95 15.57
N MET D 21 -18.76 -20.32 14.38
CA MET D 21 -18.10 -19.94 13.09
C MET D 21 -18.21 -18.44 12.87
N LEU D 22 -19.35 -17.85 13.22
CA LEU D 22 -19.57 -16.43 13.00
C LEU D 22 -18.72 -15.61 13.98
N VAL D 23 -18.62 -16.06 15.22
CA VAL D 23 -17.80 -15.35 16.19
C VAL D 23 -16.34 -15.38 15.77
N SER D 24 -15.86 -16.54 15.33
CA SER D 24 -14.48 -16.67 14.91
C SER D 24 -14.16 -15.73 13.75
N LEU D 25 -15.07 -15.65 12.78
CA LEU D 25 -14.87 -14.77 11.64
C LEU D 25 -14.88 -13.31 12.06
N ASP D 26 -15.79 -12.94 12.95
CA ASP D 26 -15.87 -11.56 13.40
C ASP D 26 -14.62 -11.16 14.16
N GLN D 27 -14.07 -12.08 14.95
CA GLN D 27 -12.85 -11.82 15.69
C GLN D 27 -11.67 -11.64 14.75
N LEU D 28 -11.62 -12.43 13.69
CA LEU D 28 -10.53 -12.32 12.72
C LEU D 28 -10.50 -10.96 12.04
N VAL D 29 -11.67 -10.49 11.63
CA VAL D 29 -11.75 -9.21 10.95
C VAL D 29 -11.37 -8.06 11.89
N LYS D 30 -11.85 -8.10 13.13
CA LYS D 30 -11.53 -7.06 14.10
C LYS D 30 -10.10 -7.13 14.65
N THR D 31 -9.56 -8.34 14.78
CA THR D 31 -8.25 -8.52 15.39
C THR D 31 -7.09 -8.39 14.41
N GLU D 32 -7.19 -8.99 13.24
CA GLU D 32 -6.06 -8.98 12.31
C GLU D 32 -6.21 -7.97 11.20
N ILE D 33 -7.34 -7.99 10.50
CA ILE D 33 -7.45 -7.19 9.29
C ILE D 33 -7.66 -5.72 9.56
N LYS D 34 -8.65 -5.34 10.37
CA LYS D 34 -8.85 -3.92 10.58
C LYS D 34 -7.55 -3.20 10.97
N PRO D 35 -6.81 -3.59 12.03
CA PRO D 35 -5.54 -3.02 12.42
C PRO D 35 -4.52 -2.90 11.30
N LYS D 36 -4.33 -3.97 10.51
CA LYS D 36 -3.34 -3.87 9.46
C LYS D 36 -3.75 -2.88 8.37
N VAL D 37 -5.04 -2.83 8.06
CA VAL D 37 -5.48 -1.90 7.03
C VAL D 37 -5.22 -0.47 7.48
N SER D 38 -5.47 -0.18 8.76
CA SER D 38 -5.20 1.16 9.29
C SER D 38 -3.72 1.51 9.22
N LEU D 39 -2.83 0.56 9.53
CA LEU D 39 -1.40 0.81 9.46
C LEU D 39 -0.94 1.10 8.04
N ILE D 40 -1.52 0.38 7.08
CA ILE D 40 -1.17 0.58 5.68
C ILE D 40 -1.63 1.96 5.23
N ASN D 41 -2.85 2.36 5.58
CA ASN D 41 -3.32 3.67 5.19
C ASN D 41 -2.35 4.76 5.59
N THR D 42 -1.85 4.70 6.83
CA THR D 42 -0.89 5.70 7.26
C THR D 42 0.40 5.61 6.46
N ALA D 43 0.89 4.40 6.24
CA ALA D 43 2.16 4.25 5.53
C ALA D 43 2.11 4.84 4.13
N VAL D 44 1.02 4.64 3.40
CA VAL D 44 0.96 5.13 2.03
C VAL D 44 0.54 6.60 1.93
N SER D 45 -0.35 7.04 2.81
CA SER D 45 -0.87 8.40 2.74
C SER D 45 -0.04 9.45 3.48
N VAL D 46 0.72 9.04 4.48
CA VAL D 46 1.50 9.99 5.26
C VAL D 46 3.01 9.73 5.25
N SER D 47 3.41 8.53 5.64
CA SER D 47 4.84 8.27 5.86
C SER D 47 5.67 8.22 4.59
N ILE D 48 5.22 7.52 3.56
CA ILE D 48 6.00 7.47 2.34
C ILE D 48 6.15 8.85 1.70
N PRO D 49 5.08 9.64 1.49
CA PRO D 49 5.16 10.99 0.98
C PRO D 49 6.15 11.85 1.75
N ALA D 50 6.21 11.68 3.08
CA ALA D 50 7.16 12.44 3.87
C ALA D 50 8.58 12.07 3.54
N GLN D 51 8.83 10.79 3.31
CA GLN D 51 10.18 10.31 3.03
C GLN D 51 10.66 10.80 1.67
N ILE D 52 9.75 10.78 0.69
CA ILE D 52 10.11 11.22 -0.66
C ILE D 52 10.37 12.72 -0.66
N SER D 53 9.54 13.48 0.05
CA SER D 53 9.73 14.92 0.14
C SER D 53 11.08 15.30 0.75
N ASN D 54 11.49 14.60 1.81
CA ASN D 54 12.77 14.90 2.43
C ASN D 54 13.93 14.61 1.48
N LEU D 55 13.79 13.54 0.69
CA LEU D 55 14.80 13.21 -0.32
C LEU D 55 14.93 14.33 -1.32
N GLN D 56 13.80 14.81 -1.83
CA GLN D 56 13.81 15.84 -2.83
C GLN D 56 14.53 17.09 -2.35
N THR D 57 14.25 17.49 -1.13
CA THR D 57 14.86 18.70 -0.60
C THR D 57 16.37 18.58 -0.49
N LYS D 58 16.85 17.47 0.06
CA LYS D 58 18.29 17.31 0.24
C LYS D 58 19.06 17.23 -1.08
N VAL D 59 18.51 16.53 -2.06
CA VAL D 59 19.20 16.40 -3.33
C VAL D 59 19.26 17.74 -4.05
N LEU D 60 18.15 18.46 -4.09
CA LEU D 60 18.14 19.72 -4.79
C LEU D 60 19.07 20.74 -4.15
N GLN D 61 19.16 20.74 -2.82
CA GLN D 61 20.05 21.70 -2.16
C GLN D 61 21.51 21.42 -2.50
N LYS D 62 21.90 20.16 -2.58
CA LYS D 62 23.29 19.82 -2.96
C LYS D 62 23.55 20.34 -4.38
N LEU D 63 22.58 20.16 -5.30
CA LEU D 63 22.78 20.58 -6.67
C LEU D 63 22.98 22.09 -6.73
N VAL D 64 22.32 22.84 -5.85
CA VAL D 64 22.50 24.28 -5.79
C VAL D 64 23.93 24.63 -5.43
N TYR D 65 24.50 23.91 -4.47
CA TYR D 65 25.88 24.19 -4.09
C TYR D 65 26.83 23.89 -5.24
N LEU D 66 26.55 22.86 -6.03
CA LEU D 66 27.41 22.61 -7.18
C LEU D 66 27.33 23.76 -8.18
N GLU D 67 26.14 24.33 -8.38
CA GLU D 67 26.05 25.44 -9.31
C GLU D 67 26.91 26.61 -8.83
N GLU D 68 26.88 26.87 -7.52
CA GLU D 68 27.68 27.95 -6.98
C GLU D 68 29.16 27.66 -7.11
N SER D 69 29.56 26.41 -6.85
CA SER D 69 30.96 26.05 -6.90
C SER D 69 31.54 26.25 -8.29
N ILE D 70 30.84 25.74 -9.30
CA ILE D 70 31.37 25.79 -10.70
C ILE D 70 31.72 27.24 -11.04
N THR D 71 30.73 28.13 -10.99
CA THR D 71 30.95 29.55 -11.38
C THR D 71 32.11 30.17 -10.60
N LYS D 72 32.13 29.99 -9.27
CA LYS D 72 33.19 30.65 -8.45
C LYS D 72 34.55 30.02 -8.69
N GLN D 73 34.65 28.68 -8.61
CA GLN D 73 35.96 28.00 -8.74
C GLN D 73 36.52 28.20 -10.15
N CYS D 74 35.66 28.09 -11.17
CA CYS D 74 36.13 28.36 -12.56
C CYS D 74 36.42 29.85 -12.70
N THR D 75 35.51 30.70 -12.19
CA THR D 75 35.69 32.17 -12.31
N ASP D 99 15.67 23.49 15.89
CA ASP D 99 16.48 22.83 16.95
C ASP D 99 15.58 21.94 17.79
N THR D 100 15.65 22.06 19.11
CA THR D 100 14.86 21.18 20.01
C THR D 100 13.33 21.13 19.83
N THR D 101 12.74 22.20 19.28
CA THR D 101 11.28 22.24 19.05
C THR D 101 10.40 21.27 18.26
N ASP D 102 10.98 20.61 17.25
CA ASP D 102 10.26 19.64 16.45
C ASP D 102 10.53 18.20 16.87
N ASP D 103 11.32 18.01 17.93
CA ASP D 103 11.72 16.66 18.32
C ASP D 103 10.56 15.79 18.78
N ASP D 104 9.54 16.41 19.34
CA ASP D 104 8.40 15.68 19.86
C ASP D 104 7.27 15.56 18.85
N LYS D 105 7.56 15.92 17.60
CA LYS D 105 6.53 15.93 16.54
C LYS D 105 6.58 14.66 15.69
N VAL D 106 5.42 14.14 15.29
CA VAL D 106 5.32 12.96 14.46
C VAL D 106 5.51 13.32 12.98
N ASP D 107 4.93 14.44 12.60
CA ASP D 107 4.95 14.93 11.23
C ASP D 107 5.19 16.43 11.24
N THR D 108 6.30 16.86 10.66
CA THR D 108 6.76 18.24 10.73
C THR D 108 6.46 19.05 9.46
N THR D 109 5.55 18.56 8.62
CA THR D 109 5.21 19.25 7.38
C THR D 109 4.73 20.69 7.58
N ILE D 110 3.88 20.94 8.60
CA ILE D 110 3.39 22.30 8.81
C ILE D 110 3.66 22.81 10.23
N LYS D 111 3.63 24.13 10.37
CA LYS D 111 3.80 24.79 11.67
C LYS D 111 2.70 25.84 11.87
N PRO D 112 2.41 26.25 13.11
CA PRO D 112 1.60 27.41 13.47
C PRO D 112 2.16 28.65 12.79
N VAL D 113 1.30 29.61 12.50
CA VAL D 113 1.71 30.79 11.73
C VAL D 113 2.70 31.69 12.45
N GLU D 114 3.80 31.98 11.74
CA GLU D 114 4.83 32.93 12.24
C GLU D 114 4.70 34.17 11.36
N TYR D 115 4.18 35.26 11.90
CA TYR D 115 3.84 36.47 11.15
C TYR D 115 5.07 37.09 10.50
N TYR D 116 4.89 37.64 9.29
CA TYR D 116 5.98 38.27 8.56
C TYR D 116 6.32 39.60 9.21
N LYS D 117 7.60 39.97 9.20
CA LYS D 117 8.03 41.24 9.77
C LYS D 117 8.71 42.09 8.70
N PRO D 118 8.62 43.42 8.78
CA PRO D 118 9.19 44.38 7.85
C PRO D 118 10.68 44.56 8.05
N ASP D 119 11.42 43.49 7.84
CA ASP D 119 12.85 43.52 8.06
C ASP D 119 13.54 44.25 6.92
N GLY D 120 14.04 45.44 7.23
CA GLY D 120 14.67 46.31 6.23
C GLY D 120 13.71 47.26 5.47
N CYS D 121 12.43 47.31 5.90
CA CYS D 121 11.39 48.14 5.27
C CYS D 121 11.04 49.31 6.21
N ASN D 122 12.05 49.77 6.92
CA ASN D 122 11.96 50.90 7.85
C ASN D 122 12.57 52.18 7.27
N LYS D 123 12.79 52.21 5.94
CA LYS D 123 13.40 53.30 5.19
C LYS D 123 12.34 54.30 4.73
N THR D 124 12.78 55.50 4.41
CA THR D 124 11.89 56.52 3.88
C THR D 124 11.29 56.06 2.55
N ASN D 125 9.97 56.22 2.42
CA ASN D 125 9.23 55.85 1.20
C ASN D 125 9.40 54.39 0.80
N ASP D 126 9.42 53.49 1.79
CA ASP D 126 9.55 52.08 1.49
C ASP D 126 8.43 51.35 2.22
N HIS D 127 7.44 50.88 1.47
CA HIS D 127 6.20 50.35 2.06
C HIS D 127 6.13 48.83 2.11
N PHE D 128 5.95 48.31 3.31
CA PHE D 128 5.85 46.87 3.56
C PHE D 128 4.41 46.42 3.41
N THR D 129 4.19 45.42 2.56
CA THR D 129 2.83 44.95 2.32
C THR D 129 2.77 43.44 2.11
N MET D 130 1.55 42.91 2.05
CA MET D 130 1.34 41.51 1.74
C MET D 130 0.26 41.37 0.67
N GLN D 131 0.47 40.43 -0.24
CA GLN D 131 -0.49 40.20 -1.32
C GLN D 131 -0.70 38.70 -1.51
N PRO D 132 -1.87 38.25 -1.97
CA PRO D 132 -2.16 36.88 -2.30
C PRO D 132 -1.46 36.49 -3.60
N GLY D 133 -1.18 35.21 -3.77
CA GLY D 133 -0.61 34.72 -5.02
C GLY D 133 -1.69 34.61 -6.09
N VAL D 134 -1.29 34.22 -7.29
CA VAL D 134 -2.23 34.18 -8.41
C VAL D 134 -2.92 32.85 -8.57
N ASN D 135 -2.47 31.86 -7.83
CA ASN D 135 -3.02 30.52 -7.94
C ASN D 135 -4.00 30.24 -6.83
N PHE D 136 -4.95 29.37 -7.11
CA PHE D 136 -5.94 28.92 -6.14
C PHE D 136 -6.13 27.42 -6.38
N TYR D 137 -5.35 26.62 -5.67
CA TYR D 137 -5.22 25.20 -5.97
C TYR D 137 -6.27 24.34 -5.30
N THR D 138 -6.68 23.27 -5.96
CA THR D 138 -7.63 22.34 -5.35
C THR D 138 -6.97 21.47 -4.27
N VAL D 139 -7.72 21.26 -3.18
CA VAL D 139 -7.32 20.33 -2.13
C VAL D 139 -8.38 19.24 -2.00
N PRO D 140 -8.27 18.16 -2.77
CA PRO D 140 -9.27 17.13 -2.94
C PRO D 140 -9.34 16.25 -1.73
N ASN D 141 -10.48 15.61 -1.54
CA ASN D 141 -10.65 14.62 -0.48
C ASN D 141 -10.36 15.16 0.92
N LEU D 142 -10.82 16.37 1.23
CA LEU D 142 -10.67 16.89 2.59
C LEU D 142 -11.52 16.01 3.50
N GLY D 143 -12.65 15.55 2.95
CA GLY D 143 -13.57 14.66 3.62
C GLY D 143 -14.45 14.01 2.54
N PRO D 144 -15.25 12.99 2.95
CA PRO D 144 -16.07 12.25 2.01
C PRO D 144 -17.27 13.03 1.47
N SER D 145 -17.87 12.53 0.40
CA SER D 145 -19.04 13.15 -0.20
C SER D 145 -19.98 12.09 -0.81
N SER D 146 -20.97 12.55 -1.55
CA SER D 146 -21.95 11.66 -2.18
C SER D 146 -22.60 12.28 -3.41
N SER D 147 -23.29 11.44 -4.21
CA SER D 147 -23.98 11.88 -5.41
C SER D 147 -25.49 12.08 -5.29
N SER D 148 -26.10 11.59 -4.22
CA SER D 148 -27.56 11.67 -4.12
C SER D 148 -28.05 13.10 -4.15
N ALA D 149 -29.08 13.34 -4.96
CA ALA D 149 -29.65 14.67 -5.11
C ALA D 149 -30.58 15.01 -3.97
N ASP D 150 -30.84 14.03 -3.11
CA ASP D 150 -31.72 14.24 -1.98
C ASP D 150 -30.95 14.66 -0.76
N GLU D 151 -29.62 14.76 -0.89
CA GLU D 151 -28.78 15.13 0.23
C GLU D 151 -28.12 16.49 -0.03
N CYS D 152 -27.96 17.28 1.04
CA CYS D 152 -27.32 18.59 1.01
C CYS D 152 -26.25 18.68 2.09
N TYR D 153 -25.06 19.13 1.70
CA TYR D 153 -23.96 19.26 2.64
C TYR D 153 -23.82 20.71 3.06
N THR D 154 -23.94 20.96 4.35
CA THR D 154 -23.88 22.32 4.85
C THR D 154 -23.21 22.47 6.19
N ASN D 155 -23.15 23.71 6.66
CA ASN D 155 -22.59 24.07 7.95
C ASN D 155 -21.25 23.42 8.27
N PRO D 156 -20.22 23.62 7.45
CA PRO D 156 -18.89 23.11 7.64
C PRO D 156 -18.22 23.80 8.81
N SER D 157 -17.40 23.05 9.52
CA SER D 157 -16.59 23.58 10.60
C SER D 157 -15.19 23.03 10.42
N PHE D 158 -14.23 23.91 10.23
CA PHE D 158 -12.87 23.49 9.90
C PHE D 158 -11.82 24.19 10.75
N SER D 159 -10.89 23.41 11.28
CA SER D 159 -9.81 23.96 12.09
C SER D 159 -8.50 23.21 11.92
N ILE D 160 -7.41 23.95 11.83
CA ILE D 160 -6.08 23.35 11.68
C ILE D 160 -5.26 23.55 12.94
N GLY D 161 -4.74 22.45 13.46
CA GLY D 161 -3.95 22.45 14.68
C GLY D 161 -2.47 22.49 14.35
N SER D 162 -1.65 21.86 15.19
CA SER D 162 -0.20 21.91 14.99
C SER D 162 0.30 20.94 13.94
N SER D 163 -0.55 19.99 13.54
CA SER D 163 -0.18 18.97 12.56
C SER D 163 -1.41 18.37 11.90
N ILE D 164 -2.48 18.28 12.68
CA ILE D 164 -3.72 17.64 12.27
C ILE D 164 -4.80 18.65 12.00
N TYR D 165 -5.83 18.23 11.29
CA TYR D 165 -6.97 19.09 11.08
C TYR D 165 -8.24 18.37 11.48
N MET D 166 -9.23 19.16 11.86
CA MET D 166 -10.56 18.67 12.13
C MET D 166 -11.54 19.26 11.16
N PHE D 167 -12.42 18.41 10.63
CA PHE D 167 -13.48 18.87 9.70
C PHE D 167 -14.80 18.19 10.09
N SER D 168 -15.92 18.90 9.93
CA SER D 168 -17.25 18.34 10.27
C SER D 168 -18.28 18.89 9.30
N GLN D 169 -19.18 18.06 8.79
CA GLN D 169 -20.15 18.52 7.76
C GLN D 169 -21.51 17.95 8.09
N GLU D 170 -22.55 18.78 8.07
CA GLU D 170 -23.89 18.27 8.30
C GLU D 170 -24.51 17.83 7.00
N ILE D 171 -25.22 16.69 7.03
CA ILE D 171 -25.91 16.19 5.81
C ILE D 171 -27.42 16.24 6.06
N ARG D 172 -28.12 17.15 5.38
CA ARG D 172 -29.54 17.34 5.57
C ARG D 172 -30.35 16.89 4.38
N LYS D 173 -31.60 16.52 4.63
CA LYS D 173 -32.47 16.05 3.58
C LYS D 173 -33.14 17.18 2.81
N THR D 174 -32.98 17.15 1.49
CA THR D 174 -33.61 18.04 0.52
C THR D 174 -33.38 19.56 0.66
N ASP D 175 -33.85 20.15 1.77
CA ASP D 175 -33.99 21.61 1.87
C ASP D 175 -32.78 22.43 2.37
N CYS D 176 -31.65 21.78 2.71
CA CYS D 176 -30.37 22.40 3.16
C CYS D 176 -30.41 23.18 4.49
N THR D 177 -31.40 24.05 4.69
CA THR D 177 -31.46 24.89 5.88
C THR D 177 -32.50 24.44 6.90
N THR D 178 -33.64 23.97 6.41
CA THR D 178 -34.75 23.60 7.28
C THR D 178 -35.06 22.11 7.23
N GLY D 179 -34.21 21.35 6.55
CA GLY D 179 -34.42 19.92 6.38
C GLY D 179 -33.98 19.13 7.59
N GLU D 180 -34.35 17.86 7.61
CA GLU D 180 -33.96 16.96 8.69
C GLU D 180 -32.49 16.60 8.61
N ILE D 181 -31.85 16.43 9.76
CA ILE D 181 -30.47 16.01 9.74
C ILE D 181 -30.41 14.51 9.57
N LEU D 182 -29.70 14.07 8.55
CA LEU D 182 -29.57 12.65 8.29
C LEU D 182 -28.32 12.15 8.98
N SER D 183 -27.30 13.00 9.04
CA SER D 183 -26.02 12.56 9.64
C SER D 183 -25.03 13.71 9.81
N ILE D 184 -24.15 13.63 10.81
CA ILE D 184 -23.06 14.62 10.97
C ILE D 184 -21.77 13.82 10.87
N GLN D 185 -20.81 14.25 10.04
CA GLN D 185 -19.60 13.41 9.82
C GLN D 185 -18.36 14.18 10.25
N ILE D 186 -17.52 13.56 11.09
CA ILE D 186 -16.28 14.22 11.58
C ILE D 186 -15.07 13.52 10.95
N VAL D 187 -14.15 14.28 10.34
CA VAL D 187 -13.02 13.67 9.59
C VAL D 187 -11.70 14.19 10.16
N LEU D 188 -11.05 13.40 11.01
CA LEU D 188 -9.75 13.74 11.57
C LEU D 188 -8.69 13.33 10.56
N GLY D 189 -7.78 14.23 10.25
CA GLY D 189 -6.74 13.90 9.29
C GLY D 189 -5.51 14.76 9.44
N ARG D 190 -4.58 14.59 8.53
CA ARG D 190 -3.31 15.31 8.59
C ARG D 190 -3.05 16.13 7.33
N ILE D 191 -2.29 17.22 7.46
CA ILE D 191 -1.89 17.98 6.28
C ILE D 191 -0.50 17.53 5.84
N VAL D 192 -0.39 17.09 4.59
CA VAL D 192 0.85 16.52 4.07
C VAL D 192 1.31 17.11 2.73
N ASP D 193 2.57 16.83 2.39
CA ASP D 193 3.17 17.20 1.11
C ASP D 193 3.20 16.02 0.15
N LYS D 194 2.41 16.08 -0.92
CA LYS D 194 2.30 14.96 -1.86
C LYS D 194 2.95 15.24 -3.22
N GLY D 195 3.81 16.25 -3.30
CA GLY D 195 4.49 16.54 -4.56
C GLY D 195 3.68 17.41 -5.50
N GLN D 196 2.65 18.06 -4.96
CA GLN D 196 1.80 18.96 -5.73
C GLN D 196 2.22 20.39 -5.49
N GLN D 197 1.53 21.34 -6.12
CA GLN D 197 1.93 22.76 -6.01
C GLN D 197 1.59 23.32 -4.62
N GLY D 198 0.60 22.76 -3.92
CA GLY D 198 0.23 23.20 -2.59
C GLY D 198 0.08 22.00 -1.66
N PRO D 199 -0.30 22.23 -0.40
CA PRO D 199 -0.51 21.23 0.64
C PRO D 199 -1.74 20.42 0.31
N GLN D 200 -1.78 19.16 0.76
CA GLN D 200 -2.91 18.27 0.50
C GLN D 200 -3.41 17.59 1.77
N ALA D 201 -4.68 17.23 1.78
CA ALA D 201 -5.29 16.56 2.94
C ALA D 201 -5.07 15.04 2.92
N SER D 202 -4.98 14.46 4.10
CA SER D 202 -4.87 13.00 4.26
C SER D 202 -5.69 12.47 5.44
N PRO D 203 -6.95 12.07 5.23
CA PRO D 203 -7.86 11.55 6.24
C PRO D 203 -7.32 10.30 6.94
N LEU D 204 -7.46 10.26 8.27
CA LEU D 204 -7.03 9.12 9.06
C LEU D 204 -8.20 8.41 9.74
N LEU D 205 -9.16 9.20 10.21
CA LEU D 205 -10.31 8.69 10.96
C LEU D 205 -11.61 9.38 10.58
N VAL D 206 -12.61 8.63 10.13
CA VAL D 206 -13.94 9.22 9.82
C VAL D 206 -14.97 8.68 10.80
N TRP D 207 -15.82 9.54 11.37
CA TRP D 207 -16.78 9.09 12.41
C TRP D 207 -18.15 9.72 12.19
N SER D 208 -19.23 9.05 12.58
CA SER D 208 -20.61 9.57 12.39
C SER D 208 -21.31 9.69 13.75
N VAL D 209 -21.63 10.91 14.17
CA VAL D 209 -22.24 11.19 15.47
C VAL D 209 -23.57 10.43 15.57
N PRO D 210 -23.80 9.64 16.63
CA PRO D 210 -25.02 8.89 16.86
C PRO D 210 -26.17 9.81 17.19
N ASN D 211 -27.38 9.39 16.83
CA ASN D 211 -28.59 10.15 17.13
C ASN D 211 -28.51 11.63 16.73
N PRO D 212 -28.19 11.95 15.47
CA PRO D 212 -28.00 13.30 14.95
C PRO D 212 -29.27 14.15 15.02
N LYS D 213 -30.40 13.47 15.12
CA LYS D 213 -31.70 14.12 15.13
C LYS D 213 -31.95 14.99 16.36
N ILE D 214 -31.17 14.80 17.43
CA ILE D 214 -31.38 15.58 18.65
C ILE D 214 -30.28 16.60 18.86
N ILE D 215 -29.55 16.93 17.80
CA ILE D 215 -28.48 17.92 17.91
C ILE D 215 -28.84 19.25 17.29
N ASN D 216 -28.62 20.33 18.05
CA ASN D 216 -28.88 21.68 17.56
C ASN D 216 -27.72 22.09 16.65
N SER D 217 -26.49 21.89 17.14
CA SER D 217 -25.31 22.16 16.33
C SER D 217 -24.03 21.58 16.96
N CYS D 218 -23.00 21.34 16.14
CA CYS D 218 -21.67 20.89 16.55
C CYS D 218 -20.59 21.82 15.98
N ALA D 219 -19.46 21.89 16.68
CA ALA D 219 -18.30 22.63 16.19
C ALA D 219 -17.01 21.95 16.62
N VAL D 220 -15.92 22.20 15.89
CA VAL D 220 -14.67 21.52 16.20
C VAL D 220 -13.60 22.44 16.76
N ALA D 221 -12.60 21.84 17.37
CA ALA D 221 -11.40 22.51 17.88
C ALA D 221 -10.22 21.55 17.75
N ALA D 222 -9.00 22.06 17.65
CA ALA D 222 -7.85 21.14 17.55
C ALA D 222 -6.61 21.70 18.21
N GLY D 223 -5.79 20.81 18.74
CA GLY D 223 -4.52 21.15 19.37
C GLY D 223 -3.37 20.30 18.84
N ASP D 224 -2.64 19.67 19.76
CA ASP D 224 -1.48 18.84 19.41
C ASP D 224 -1.84 17.36 19.35
N GLU D 225 -2.11 16.88 18.15
CA GLU D 225 -2.51 15.48 17.89
C GLU D 225 -3.82 15.08 18.58
N THR D 226 -4.56 16.05 19.11
CA THR D 226 -5.85 15.79 19.73
C THR D 226 -6.92 16.71 19.14
N GLY D 227 -8.05 16.14 18.77
CA GLY D 227 -9.18 16.91 18.28
C GLY D 227 -10.33 16.89 19.27
N TRP D 228 -11.14 17.93 19.25
CA TRP D 228 -12.32 17.98 20.11
C TRP D 228 -13.56 18.39 19.35
N VAL D 229 -14.70 17.83 19.74
CA VAL D 229 -15.98 18.25 19.19
C VAL D 229 -16.99 18.55 20.28
N LEU D 230 -17.62 19.71 20.22
CA LEU D 230 -18.64 20.06 21.20
C LEU D 230 -19.98 20.20 20.49
N CYS D 231 -21.00 19.45 20.96
CA CYS D 231 -22.35 19.44 20.37
C CYS D 231 -23.39 19.83 21.40
N SER D 232 -24.28 20.71 21.00
CA SER D 232 -25.40 21.12 21.85
C SER D 232 -26.61 20.29 21.49
N VAL D 233 -27.27 19.71 22.48
CA VAL D 233 -28.41 18.84 22.23
C VAL D 233 -29.69 19.37 22.82
N THR D 234 -30.80 18.81 22.33
CA THR D 234 -32.13 19.26 22.69
C THR D 234 -32.94 18.21 23.45
N LEU D 235 -34.18 18.57 23.74
CA LEU D 235 -35.14 17.73 24.46
C LEU D 235 -35.86 16.81 23.51
N THR D 236 -36.37 15.71 24.05
CA THR D 236 -37.19 14.82 23.26
C THR D 236 -38.58 14.68 23.90
N ALA D 237 -39.56 14.25 23.10
CA ALA D 237 -40.94 14.04 23.52
C ALA D 237 -41.10 12.65 24.13
N GLU D 241 -38.75 11.18 19.22
CA GLU D 241 -38.94 12.36 18.40
C GLU D 241 -38.49 13.62 19.19
N PRO D 242 -37.59 14.49 18.63
CA PRO D 242 -37.06 15.72 19.23
C PRO D 242 -38.08 16.84 19.29
N ILE D 243 -37.87 17.77 20.21
CA ILE D 243 -38.64 18.99 20.30
C ILE D 243 -37.76 20.15 19.82
N PRO D 244 -38.01 20.72 18.64
CA PRO D 244 -37.17 21.71 17.98
C PRO D 244 -36.61 22.88 18.78
N HIS D 245 -35.30 23.07 18.63
CA HIS D 245 -34.54 24.14 19.28
C HIS D 245 -34.87 24.47 20.80
N MET D 246 -34.64 23.43 21.59
CA MET D 246 -34.91 23.45 23.01
C MET D 246 -33.50 23.10 23.47
N PHE D 247 -33.19 23.30 24.74
CA PHE D 247 -31.84 23.01 25.23
C PHE D 247 -31.79 21.99 26.37
N ASP D 248 -30.87 21.01 26.25
CA ASP D 248 -30.68 19.99 27.28
C ASP D 248 -29.22 19.56 27.46
N GLY D 249 -28.32 20.49 27.67
CA GLY D 249 -26.92 20.16 27.92
C GLY D 249 -26.11 19.93 26.66
N PHE D 250 -24.90 19.41 26.84
CA PHE D 250 -23.94 19.26 25.76
C PHE D 250 -23.27 17.88 25.74
N TRP D 251 -22.74 17.50 24.60
CA TRP D 251 -21.84 16.35 24.48
C TRP D 251 -20.47 16.78 24.04
N LEU D 252 -19.44 16.18 24.62
CA LEU D 252 -18.08 16.48 24.21
C LEU D 252 -17.41 15.21 23.73
N TYR D 253 -16.74 15.26 22.57
CA TYR D 253 -16.06 14.07 22.07
C TYR D 253 -14.57 14.32 21.89
N LYS D 254 -13.77 13.35 22.26
CA LYS D 254 -12.32 13.45 22.12
C LYS D 254 -11.79 12.51 21.04
N PHE D 255 -11.08 13.07 20.07
CA PHE D 255 -10.55 12.31 18.94
C PHE D 255 -9.04 12.23 18.95
N GLU D 256 -8.50 11.02 18.84
CA GLU D 256 -7.06 10.82 18.76
C GLU D 256 -6.74 9.86 17.62
N PRO D 257 -5.56 9.96 16.97
CA PRO D 257 -5.08 9.04 15.95
C PRO D 257 -4.99 7.60 16.44
N ASP D 258 -5.45 6.67 15.61
CA ASP D 258 -5.40 5.24 15.90
C ASP D 258 -5.95 4.91 17.27
N THR D 259 -7.00 5.60 17.65
CA THR D 259 -7.60 5.46 18.97
C THR D 259 -9.12 5.55 18.87
N GLU D 260 -9.82 4.97 19.85
CA GLU D 260 -11.28 5.07 19.88
C GLU D 260 -11.72 6.46 20.35
N VAL D 261 -12.93 6.86 19.95
CA VAL D 261 -13.48 8.16 20.34
C VAL D 261 -14.12 8.09 21.71
N VAL D 262 -13.76 9.04 22.58
CA VAL D 262 -14.30 9.06 23.93
C VAL D 262 -15.36 10.14 24.09
N ALA D 263 -16.55 9.74 24.54
CA ALA D 263 -17.65 10.69 24.68
C ALA D 263 -17.92 11.03 26.12
N TYR D 264 -18.27 12.30 26.37
CA TYR D 264 -18.65 12.75 27.70
C TYR D 264 -20.00 13.46 27.66
N ARG D 265 -20.83 13.22 28.66
CA ARG D 265 -22.09 13.96 28.77
C ARG D 265 -21.95 15.09 29.76
N ILE D 266 -22.25 16.31 29.34
CA ILE D 266 -22.18 17.44 30.25
C ILE D 266 -23.59 17.95 30.51
N THR D 267 -24.15 17.56 31.64
CA THR D 267 -25.51 17.96 31.97
C THR D 267 -25.69 18.12 33.46
N GLY D 268 -26.92 18.32 33.89
CA GLY D 268 -27.18 18.49 35.31
C GLY D 268 -26.48 19.71 35.84
N PHE D 269 -25.61 19.51 36.83
CA PHE D 269 -24.89 20.61 37.45
C PHE D 269 -23.48 20.76 36.89
N ALA D 270 -23.21 20.06 35.79
CA ALA D 270 -21.92 20.11 35.15
C ALA D 270 -21.76 21.38 34.32
N TYR D 271 -22.84 22.13 34.15
CA TYR D 271 -22.72 23.37 33.42
C TYR D 271 -23.49 24.48 34.12
N LEU D 272 -23.01 25.70 33.94
CA LEU D 272 -23.62 26.89 34.49
C LEU D 272 -23.62 28.01 33.47
N LEU D 273 -24.80 28.47 33.09
CA LEU D 273 -24.83 29.55 32.12
C LEU D 273 -25.13 30.85 32.84
N ASP D 274 -24.53 31.92 32.34
CA ASP D 274 -24.67 33.27 32.89
C ASP D 274 -26.14 33.71 32.92
N LYS D 275 -26.80 33.59 31.78
CA LYS D 275 -28.20 33.96 31.67
C LYS D 275 -28.99 32.69 31.50
N VAL D 276 -30.30 32.75 31.71
CA VAL D 276 -31.10 31.57 31.48
C VAL D 276 -31.39 31.44 30.00
N TYR D 277 -31.00 30.32 29.41
CA TYR D 277 -31.21 30.09 27.99
C TYR D 277 -32.28 29.07 27.73
N ASP D 278 -33.12 29.36 26.74
CA ASP D 278 -34.13 28.42 26.29
C ASP D 278 -33.59 27.60 25.15
N SER D 279 -32.70 28.20 24.37
CA SER D 279 -32.11 27.53 23.20
C SER D 279 -30.66 27.91 22.99
N VAL D 280 -29.78 26.92 22.93
CA VAL D 280 -28.35 27.14 22.78
C VAL D 280 -27.73 26.47 21.56
N PHE D 281 -26.97 27.24 20.80
CA PHE D 281 -26.24 26.76 19.64
C PHE D 281 -24.75 27.02 19.80
N ILE D 282 -23.94 26.13 19.24
CA ILE D 282 -22.50 26.31 19.23
C ILE D 282 -22.09 26.99 17.93
N GLY D 283 -21.27 28.04 18.04
CA GLY D 283 -20.87 28.81 16.86
C GLY D 283 -20.14 27.95 15.85
N LYS D 284 -20.61 28.06 14.61
CA LYS D 284 -20.13 27.29 13.47
C LYS D 284 -18.62 27.33 13.24
N GLY D 285 -17.98 28.47 13.47
CA GLY D 285 -16.58 28.62 13.13
C GLY D 285 -15.61 27.75 13.92
N GLY D 286 -16.01 27.27 15.08
CA GLY D 286 -15.11 26.43 15.88
C GLY D 286 -14.45 27.16 17.03
N GLY D 287 -13.68 26.41 17.80
CA GLY D 287 -13.04 26.91 19.01
C GLY D 287 -11.55 26.58 19.07
N ILE D 288 -10.95 26.86 20.21
CA ILE D 288 -9.51 26.66 20.42
C ILE D 288 -9.23 25.90 21.71
N GLN D 289 -8.02 25.35 21.83
CA GLN D 289 -7.58 24.77 23.08
C GLN D 289 -6.38 25.49 23.64
N ARG D 290 -6.49 25.91 24.90
CA ARG D 290 -5.40 26.60 25.58
C ARG D 290 -5.12 25.91 26.89
N GLY D 291 -3.96 25.27 27.00
CA GLY D 291 -3.67 24.52 28.20
C GLY D 291 -4.69 23.39 28.34
N ASN D 292 -5.38 23.37 29.47
CA ASN D 292 -6.36 22.33 29.77
C ASN D 292 -7.82 22.79 29.60
N ASP D 293 -8.04 23.92 28.93
CA ASP D 293 -9.40 24.41 28.72
C ASP D 293 -9.72 24.61 27.24
N LEU D 294 -11.00 24.52 26.89
CA LEU D 294 -11.42 24.79 25.52
C LEU D 294 -12.28 26.04 25.46
N TYR D 295 -12.14 26.82 24.40
CA TYR D 295 -12.97 27.99 24.24
C TYR D 295 -13.76 27.97 22.95
N PHE D 296 -15.07 28.13 23.09
CA PHE D 296 -15.99 28.16 21.98
C PHE D 296 -16.86 29.39 22.04
N GLN D 297 -17.41 29.78 20.91
CA GLN D 297 -18.39 30.85 20.89
C GLN D 297 -19.76 30.21 20.86
N MET D 298 -20.72 30.80 21.56
CA MET D 298 -22.09 30.28 21.53
C MET D 298 -23.05 31.42 21.34
N PHE D 299 -24.26 31.09 20.94
CA PHE D 299 -25.31 32.08 20.87
C PHE D 299 -26.61 31.40 21.17
N GLY D 300 -27.61 32.17 21.54
CA GLY D 300 -28.88 31.55 21.83
C GLY D 300 -29.94 32.52 22.28
N LEU D 301 -31.08 31.95 22.63
CA LEU D 301 -32.25 32.71 23.04
C LEU D 301 -32.33 32.72 24.55
N SER D 302 -32.24 33.92 25.13
CA SER D 302 -32.20 34.07 26.59
C SER D 302 -33.31 34.93 27.15
N ARG D 303 -33.61 34.69 28.42
CA ARG D 303 -34.65 35.44 29.11
C ARG D 303 -34.12 36.80 29.58
N ASN D 304 -34.98 37.81 29.53
CA ASN D 304 -34.59 39.16 29.93
C ASN D 304 -35.63 39.88 30.77
N ARG D 305 -35.19 40.49 31.87
CA ARG D 305 -36.09 41.24 32.72
C ARG D 305 -35.71 42.72 32.86
N GLN D 306 -34.78 43.18 32.03
CA GLN D 306 -34.32 44.57 32.10
C GLN D 306 -34.57 45.31 30.79
N SER D 307 -34.65 46.63 30.85
CA SER D 307 -34.77 47.40 29.62
C SER D 307 -33.44 47.37 28.90
N ILE D 308 -33.44 47.66 27.60
CA ILE D 308 -32.18 47.68 26.87
C ILE D 308 -32.00 48.93 26.05
N LYS D 309 -30.75 49.19 25.69
CA LYS D 309 -30.39 50.23 24.74
C LYS D 309 -29.44 49.60 23.74
N ALA D 310 -29.98 49.11 22.64
CA ALA D 310 -29.18 48.33 21.72
C ALA D 310 -28.12 49.18 21.05
N LEU D 311 -26.98 48.55 20.79
CA LEU D 311 -25.93 49.20 20.02
C LEU D 311 -26.50 49.58 18.66
N CYS D 312 -26.33 50.84 18.25
CA CYS D 312 -26.96 51.36 17.04
C CYS D 312 -26.02 52.31 16.30
N GLU D 313 -25.06 51.75 15.57
CA GLU D 313 -24.07 52.53 14.84
C GLU D 313 -24.32 52.52 13.34
N HIS D 314 -24.54 53.69 12.77
CA HIS D 314 -24.84 53.84 11.34
C HIS D 314 -24.38 55.20 10.84
N GLY D 315 -24.48 55.42 9.53
CA GLY D 315 -24.03 56.66 8.91
C GLY D 315 -25.10 57.73 8.83
N SER D 316 -24.93 58.65 7.89
CA SER D 316 -25.79 59.83 7.76
C SER D 316 -27.11 59.50 7.03
N CYS D 317 -27.95 58.70 7.68
CA CYS D 317 -29.23 58.22 7.17
C CYS D 317 -30.22 59.36 6.95
N LEU D 318 -30.21 60.33 7.84
CA LEU D 318 -31.12 61.47 7.76
C LEU D 318 -30.38 62.77 8.06
N GLY D 323 -34.49 59.22 16.34
CA GLY D 323 -35.34 58.57 17.32
C GLY D 323 -35.84 57.21 16.82
N GLY D 324 -36.41 57.20 15.60
CA GLY D 324 -36.97 56.00 14.97
C GLY D 324 -35.93 54.91 14.78
N TYR D 325 -34.69 55.29 14.52
CA TYR D 325 -33.66 54.28 14.31
C TYR D 325 -33.31 53.57 15.61
N GLN D 326 -33.36 54.26 16.74
CA GLN D 326 -33.03 53.58 17.99
C GLN D 326 -34.09 52.55 18.28
N VAL D 327 -35.34 52.87 17.96
CA VAL D 327 -36.42 51.93 18.21
C VAL D 327 -36.22 50.69 17.36
N LEU D 328 -35.86 50.89 16.09
CA LEU D 328 -35.61 49.74 15.22
C LEU D 328 -34.41 48.90 15.71
N CYS D 329 -33.33 49.54 16.21
CA CYS D 329 -32.16 48.86 16.74
C CYS D 329 -32.49 48.03 17.98
N ASP D 330 -33.46 48.48 18.77
CA ASP D 330 -33.87 47.72 19.95
C ASP D 330 -34.71 46.52 19.54
N ARG D 331 -35.62 46.70 18.58
CA ARG D 331 -36.53 45.61 18.14
C ARG D 331 -35.77 44.59 17.29
N ALA D 332 -34.62 44.97 16.73
CA ALA D 332 -33.80 44.09 15.93
C ALA D 332 -33.13 43.00 16.74
N VAL D 333 -33.05 43.13 18.06
CA VAL D 333 -32.40 42.09 18.87
C VAL D 333 -33.40 41.27 19.69
N MET D 334 -34.69 41.58 19.54
CA MET D 334 -35.75 40.92 20.29
C MET D 334 -36.33 39.76 19.50
N SER D 335 -36.71 38.69 20.19
CA SER D 335 -37.34 37.56 19.53
C SER D 335 -38.84 37.79 19.40
N PHE D 336 -39.33 37.87 18.17
CA PHE D 336 -40.78 38.14 17.94
C PHE D 336 -41.17 39.48 18.57
N GLY D 337 -40.21 40.41 18.69
CA GLY D 337 -40.50 41.75 19.18
C GLY D 337 -40.71 41.82 20.70
N SER D 338 -40.51 40.70 21.40
CA SER D 338 -40.72 40.69 22.84
C SER D 338 -39.68 41.34 23.74
N GLU D 339 -40.08 42.24 24.62
CA GLU D 339 -39.00 42.88 25.43
C GLU D 339 -38.28 41.80 26.26
N GLU D 340 -39.02 40.82 26.80
CA GLU D 340 -38.43 39.75 27.58
C GLU D 340 -37.65 38.55 27.04
N SER D 341 -37.39 38.51 25.74
CA SER D 341 -36.65 37.39 25.18
C SER D 341 -35.72 37.85 24.08
N LEU D 342 -34.41 37.81 24.35
CA LEU D 342 -33.43 38.37 23.43
C LEU D 342 -32.56 37.30 22.79
N ILE D 343 -32.03 37.59 21.62
CA ILE D 343 -31.07 36.68 21.00
C ILE D 343 -29.69 37.29 21.11
N SER D 344 -28.78 36.59 21.80
CA SER D 344 -27.47 37.15 22.13
C SER D 344 -26.31 36.18 22.03
N ASN D 345 -25.11 36.76 22.03
CA ASN D 345 -23.84 36.02 21.98
C ASN D 345 -23.24 35.84 23.37
N ALA D 346 -22.42 34.80 23.51
CA ALA D 346 -21.70 34.56 24.76
C ALA D 346 -20.42 33.76 24.53
N TYR D 347 -19.48 33.86 25.47
CA TYR D 347 -18.31 33.00 25.44
C TYR D 347 -18.63 31.71 26.18
N LEU D 348 -18.16 30.58 25.68
CA LEU D 348 -18.36 29.30 26.36
C LEU D 348 -17.01 28.65 26.69
N LYS D 349 -16.75 28.42 27.97
CA LYS D 349 -15.50 27.79 28.38
C LYS D 349 -15.72 26.38 28.90
N VAL D 350 -14.94 25.43 28.39
CA VAL D 350 -15.00 24.05 28.88
C VAL D 350 -13.81 23.85 29.79
N ASN D 351 -14.06 23.68 31.07
CA ASN D 351 -13.02 23.59 32.08
C ASN D 351 -12.51 22.20 32.35
N ASP D 352 -11.18 22.10 32.50
CA ASP D 352 -10.51 20.88 32.96
C ASP D 352 -10.81 19.62 32.14
N VAL D 353 -10.50 19.64 30.86
CA VAL D 353 -10.86 18.49 30.03
C VAL D 353 -10.08 17.22 30.36
N ALA D 354 -8.85 17.35 30.84
CA ALA D 354 -7.99 16.21 31.16
C ALA D 354 -8.52 15.34 32.30
N SER D 355 -9.40 15.88 33.14
CA SER D 355 -9.85 15.12 34.30
C SER D 355 -10.84 14.03 33.93
N GLY D 356 -11.44 14.13 32.75
CA GLY D 356 -12.44 13.15 32.34
C GLY D 356 -13.84 13.57 32.79
N LYS D 357 -13.92 14.65 33.56
CA LYS D 357 -15.18 15.17 34.06
C LYS D 357 -15.27 16.68 33.85
N PRO D 358 -15.38 17.14 32.60
CA PRO D 358 -15.35 18.54 32.19
C PRO D 358 -16.62 19.25 32.62
N THR D 359 -16.50 20.56 32.81
CA THR D 359 -17.67 21.39 33.10
C THR D 359 -17.72 22.61 32.19
N ILE D 360 -18.90 23.20 32.04
CA ILE D 360 -19.03 24.37 31.18
C ILE D 360 -19.56 25.62 31.86
N ILE D 361 -18.84 26.73 31.69
CA ILE D 361 -19.23 28.04 32.23
C ILE D 361 -19.27 29.10 31.13
N SER D 362 -20.38 29.84 31.04
CA SER D 362 -20.48 30.89 30.01
C SER D 362 -20.44 32.32 30.56
N GLN D 363 -20.16 33.28 29.66
CA GLN D 363 -20.23 34.71 29.98
C GLN D 363 -20.85 35.49 28.82
N THR D 364 -21.98 36.14 29.08
CA THR D 364 -22.80 36.76 28.02
C THR D 364 -22.50 38.22 27.73
N PHE D 365 -22.55 38.58 26.44
CA PHE D 365 -22.36 39.97 26.01
C PHE D 365 -23.67 40.74 26.20
N PRO D 366 -23.64 41.98 26.68
CA PRO D 366 -24.79 42.83 26.84
C PRO D 366 -25.29 43.27 25.47
N PRO D 367 -26.58 43.59 25.32
CA PRO D 367 -27.21 44.09 24.10
C PRO D 367 -26.70 45.46 23.71
N SER D 368 -26.07 46.15 24.67
CA SER D 368 -25.53 47.49 24.44
C SER D 368 -24.18 47.46 23.74
N ASP D 369 -23.57 46.29 23.63
CA ASP D 369 -22.26 46.19 22.98
C ASP D 369 -22.25 45.11 21.91
N SER D 370 -23.41 44.82 21.35
CA SER D 370 -23.49 43.81 20.32
C SER D 370 -24.72 43.97 19.48
N TYR D 371 -24.91 43.01 18.59
CA TYR D 371 -26.04 42.95 17.69
C TYR D 371 -26.70 41.61 17.86
N LYS D 372 -27.77 41.37 17.12
CA LYS D 372 -28.47 40.11 17.23
C LYS D 372 -27.47 38.96 17.21
N GLY D 373 -27.62 38.02 18.14
CA GLY D 373 -26.70 36.90 18.26
C GLY D 373 -26.54 36.10 16.97
N SER D 374 -25.35 35.56 16.76
CA SER D 374 -25.02 34.88 15.51
C SER D 374 -23.86 33.90 15.62
N ASN D 375 -23.64 33.14 14.54
CA ASN D 375 -22.49 32.24 14.45
C ASN D 375 -21.18 33.02 14.45
N GLY D 376 -20.24 32.57 15.25
CA GLY D 376 -18.94 33.22 15.32
C GLY D 376 -17.80 32.22 15.41
N ARG D 377 -16.61 32.72 15.70
CA ARG D 377 -15.39 31.93 15.79
C ARG D 377 -14.40 32.47 16.82
N ILE D 378 -13.70 31.57 17.53
CA ILE D 378 -12.64 31.99 18.45
C ILE D 378 -11.27 31.78 17.82
N TYR D 379 -10.44 32.82 17.90
CA TYR D 379 -9.10 32.82 17.32
C TYR D 379 -8.03 32.89 18.40
N THR D 380 -6.88 32.32 18.11
CA THR D 380 -5.71 32.52 18.94
C THR D 380 -4.74 33.38 18.16
N ILE D 381 -4.36 34.52 18.71
CA ILE D 381 -3.48 35.44 18.02
C ILE D 381 -2.26 35.70 18.88
N GLY D 382 -1.26 34.82 18.79
CA GLY D 382 -0.13 34.89 19.69
C GLY D 382 -0.61 34.68 21.12
N GLU D 383 -0.25 35.58 22.01
CA GLU D 383 -0.64 35.50 23.41
C GLU D 383 -2.06 36.03 23.66
N ARG D 384 -2.64 36.64 22.64
CA ARG D 384 -3.94 37.29 22.72
C ARG D 384 -5.00 36.46 22.01
N TYR D 385 -6.25 36.86 22.15
CA TYR D 385 -7.35 36.14 21.52
C TYR D 385 -8.18 37.07 20.65
N GLY D 386 -8.90 36.50 19.69
CA GLY D 386 -9.81 37.30 18.90
C GLY D 386 -11.16 36.61 18.75
N ILE D 387 -12.18 37.39 18.42
CA ILE D 387 -13.51 36.85 18.18
C ILE D 387 -14.15 37.40 16.92
N TYR D 388 -14.71 36.53 16.11
CA TYR D 388 -15.44 36.95 14.91
C TYR D 388 -16.92 36.68 15.09
N LEU D 389 -17.74 37.69 14.78
CA LEU D 389 -19.19 37.52 14.84
C LEU D 389 -19.78 37.81 13.47
N ALA D 390 -20.47 36.83 12.88
CA ALA D 390 -21.04 37.03 11.56
C ALA D 390 -22.21 38.02 11.65
N PRO D 391 -22.49 38.79 10.59
CA PRO D 391 -23.69 39.57 10.42
C PRO D 391 -24.89 38.66 10.45
N SER D 392 -26.00 39.13 11.00
CA SER D 392 -27.23 38.35 11.02
C SER D 392 -28.41 39.27 10.94
N SER D 393 -28.14 40.55 11.10
CA SER D 393 -29.16 41.59 11.13
C SER D 393 -28.83 42.71 10.15
N TRP D 394 -29.33 43.90 10.43
CA TRP D 394 -29.18 45.06 9.55
C TRP D 394 -27.74 45.55 9.35
N ASN D 395 -26.85 45.31 10.32
CA ASN D 395 -25.47 45.76 10.18
C ASN D 395 -24.63 44.67 9.52
N ARG D 396 -24.15 44.96 8.31
CA ARG D 396 -23.45 43.96 7.50
C ARG D 396 -21.94 44.17 7.42
N TYR D 397 -21.41 45.04 8.27
CA TYR D 397 -19.96 45.32 8.30
C TYR D 397 -19.23 44.28 9.14
N LEU D 398 -17.93 44.12 8.89
CA LEU D 398 -17.14 43.20 9.71
C LEU D 398 -17.18 43.55 11.19
N ARG D 399 -17.48 42.53 12.01
CA ARG D 399 -17.48 42.68 13.47
C ARG D 399 -16.48 41.72 14.06
N PHE D 400 -15.32 42.23 14.45
CA PHE D 400 -14.23 41.40 14.93
C PHE D 400 -13.53 42.12 16.07
N GLY D 401 -13.25 41.40 17.15
CA GLY D 401 -12.59 42.05 18.28
C GLY D 401 -11.36 41.32 18.77
N LEU D 402 -10.55 42.04 19.52
CA LEU D 402 -9.33 41.53 20.13
C LEU D 402 -9.40 41.63 21.65
N THR D 403 -8.74 40.71 22.34
CA THR D 403 -8.72 40.77 23.79
C THR D 403 -7.50 40.06 24.39
N PRO D 404 -6.94 40.55 25.52
CA PRO D 404 -5.87 39.93 26.26
C PRO D 404 -6.30 38.64 26.98
N ASP D 405 -7.60 38.49 27.18
CA ASP D 405 -8.13 37.30 27.85
C ASP D 405 -9.55 37.05 27.41
N ILE D 406 -10.03 35.84 27.55
CA ILE D 406 -11.38 35.63 27.06
C ILE D 406 -12.42 36.01 28.09
N SER D 407 -12.88 37.25 27.95
CA SER D 407 -13.89 37.86 28.79
C SER D 407 -14.60 38.95 27.98
N VAL D 408 -15.80 39.32 28.40
CA VAL D 408 -16.57 40.34 27.73
C VAL D 408 -16.03 41.75 27.91
N ARG D 409 -15.66 42.09 29.14
CA ARG D 409 -15.25 43.45 29.48
C ARG D 409 -13.89 43.86 28.93
N SER D 410 -13.11 42.92 28.46
CA SER D 410 -11.78 43.22 27.94
C SER D 410 -11.73 43.28 26.42
N THR D 411 -12.86 43.09 25.75
CA THR D 411 -12.86 43.05 24.29
C THR D 411 -12.89 44.44 23.67
N THR D 412 -11.98 44.66 22.73
CA THR D 412 -11.89 45.89 21.96
C THR D 412 -12.20 45.61 20.51
N TRP D 413 -13.14 46.35 19.92
CA TRP D 413 -13.57 46.05 18.57
C TRP D 413 -12.78 46.81 17.51
N LEU D 414 -12.54 46.17 16.36
CA LEU D 414 -11.83 46.78 15.24
C LEU D 414 -12.73 47.76 14.51
N LYS D 415 -12.12 48.72 13.81
CA LYS D 415 -12.86 49.74 13.07
C LYS D 415 -12.83 49.56 11.55
N GLU D 416 -12.41 48.38 11.10
CA GLU D 416 -12.37 48.09 9.66
C GLU D 416 -13.76 47.66 9.20
N LYS D 417 -14.06 47.86 7.92
CA LYS D 417 -15.36 47.48 7.38
C LYS D 417 -15.33 46.25 6.49
N ASP D 418 -14.24 46.07 5.75
CA ASP D 418 -14.12 44.98 4.78
C ASP D 418 -13.91 43.64 5.46
N PRO D 419 -14.56 42.58 4.99
CA PRO D 419 -15.59 42.47 3.97
C PRO D 419 -16.96 42.92 4.44
N ILE D 420 -17.80 43.32 3.50
CA ILE D 420 -19.21 43.59 3.77
C ILE D 420 -20.02 42.44 3.21
N MET D 421 -20.90 41.86 4.01
CA MET D 421 -21.64 40.71 3.52
C MET D 421 -22.79 41.15 2.65
N LYS D 422 -22.79 40.69 1.40
CA LYS D 422 -23.78 41.09 0.40
C LYS D 422 -24.67 39.94 -0.10
N VAL D 423 -24.53 38.76 0.48
CA VAL D 423 -25.28 37.60 0.01
C VAL D 423 -26.14 37.00 1.09
N LEU D 424 -27.12 36.20 0.69
CA LEU D 424 -28.01 35.53 1.61
C LEU D 424 -28.63 36.50 2.60
N THR D 425 -29.08 37.63 2.09
CA THR D 425 -29.66 38.67 2.93
C THR D 425 -30.98 39.16 2.38
N THR D 426 -31.86 39.55 3.30
CA THR D 426 -33.15 40.16 2.97
C THR D 426 -33.20 41.67 3.27
N CYS D 427 -32.04 42.29 3.57
CA CYS D 427 -31.91 43.70 3.89
C CYS D 427 -31.88 44.54 2.62
N THR D 428 -32.44 45.74 2.69
CA THR D 428 -32.48 46.63 1.53
C THR D 428 -31.71 47.92 1.76
N ASN D 429 -30.85 47.94 2.77
CA ASN D 429 -30.07 49.13 3.05
C ASN D 429 -28.84 49.19 2.16
N THR D 430 -28.05 50.25 2.29
CA THR D 430 -26.89 50.44 1.44
C THR D 430 -25.59 50.22 2.18
N ASP D 431 -24.51 50.00 1.43
CA ASP D 431 -23.19 49.71 2.00
C ASP D 431 -22.51 50.95 2.54
N LYS D 432 -23.09 52.11 2.27
CA LYS D 432 -22.51 53.37 2.75
C LYS D 432 -23.06 53.76 4.12
N ASP D 433 -24.39 53.85 4.23
CA ASP D 433 -24.99 54.33 5.46
C ASP D 433 -25.38 53.21 6.41
N MET D 434 -25.71 52.05 5.84
CA MET D 434 -26.11 50.88 6.62
C MET D 434 -27.21 51.18 7.65
N CYS D 435 -28.31 51.81 7.20
CA CYS D 435 -29.43 52.24 8.05
C CYS D 435 -30.20 51.06 8.68
N PRO D 436 -30.55 51.13 9.97
CA PRO D 436 -31.33 50.16 10.70
C PRO D 436 -32.70 49.89 10.10
N GLU D 437 -33.08 48.62 10.16
CA GLU D 437 -34.36 48.12 9.70
C GLU D 437 -34.56 46.73 10.27
N ILE D 438 -35.72 46.13 10.09
CA ILE D 438 -35.90 44.76 10.53
C ILE D 438 -35.74 43.81 9.33
N CYS D 439 -34.65 43.02 9.33
CA CYS D 439 -34.27 42.13 8.23
C CYS D 439 -33.37 41.03 8.79
N ASN D 440 -32.95 40.11 7.93
CA ASN D 440 -32.05 39.06 8.40
C ASN D 440 -31.02 38.65 7.37
N THR D 441 -29.90 38.15 7.85
CA THR D 441 -28.81 37.67 7.02
C THR D 441 -28.37 36.28 7.51
N ARG D 442 -28.12 35.35 6.60
CA ARG D 442 -27.74 34.00 7.02
C ARG D 442 -26.47 33.46 6.38
N GLY D 443 -25.49 34.33 6.14
CA GLY D 443 -24.22 33.90 5.56
C GLY D 443 -23.13 33.77 6.61
N TYR D 444 -21.90 33.53 6.15
CA TYR D 444 -20.73 33.40 7.00
C TYR D 444 -19.45 33.55 6.18
N GLN D 445 -18.68 34.59 6.47
CA GLN D 445 -17.45 34.89 5.75
C GLN D 445 -16.40 35.40 6.73
N ASP D 446 -15.56 34.51 7.26
CA ASP D 446 -14.66 34.95 8.31
C ASP D 446 -13.33 35.44 7.76
N ILE D 447 -12.43 35.85 8.66
CA ILE D 447 -11.15 36.38 8.24
C ILE D 447 -10.04 35.65 8.97
N PHE D 448 -8.81 35.79 8.51
CA PHE D 448 -7.71 35.22 9.26
C PHE D 448 -6.59 36.27 9.44
N PRO D 449 -6.33 36.73 10.67
CA PRO D 449 -5.31 37.71 11.02
C PRO D 449 -3.91 37.29 10.61
N LEU D 450 -3.17 38.21 10.02
CA LEU D 450 -1.80 37.94 9.62
C LEU D 450 -0.79 38.76 10.44
N SER D 451 -1.27 39.36 11.52
CA SER D 451 -0.43 40.14 12.42
C SER D 451 -1.02 40.16 13.83
N GLU D 452 -0.21 40.46 14.83
CA GLU D 452 -0.66 40.43 16.24
C GLU D 452 -1.82 41.37 16.55
N ASP D 453 -1.87 42.52 15.89
CA ASP D 453 -2.92 43.50 16.13
C ASP D 453 -4.01 43.44 15.08
N SER D 454 -3.98 42.41 14.25
CA SER D 454 -4.91 42.25 13.14
C SER D 454 -4.98 43.48 12.25
N SER D 455 -3.85 44.16 12.05
CA SER D 455 -3.81 45.28 11.14
C SER D 455 -3.74 44.79 9.70
N PHE D 456 -3.23 43.57 9.52
CA PHE D 456 -3.22 42.88 8.24
C PHE D 456 -4.08 41.64 8.34
N TYR D 457 -4.87 41.35 7.32
CA TYR D 457 -5.64 40.11 7.33
C TYR D 457 -6.07 39.66 5.94
N THR D 458 -6.38 38.37 5.84
CA THR D 458 -6.87 37.80 4.59
C THR D 458 -8.33 37.38 4.67
N TYR D 459 -9.06 37.59 3.57
CA TYR D 459 -10.48 37.26 3.51
C TYR D 459 -10.93 36.94 2.09
N ILE D 460 -12.11 36.31 1.97
CA ILE D 460 -12.72 36.08 0.66
C ILE D 460 -14.02 36.84 0.52
N GLY D 461 -14.11 37.64 -0.52
CA GLY D 461 -15.29 38.46 -0.78
C GLY D 461 -16.22 37.78 -1.76
N ILE D 462 -17.52 37.94 -1.57
CA ILE D 462 -18.52 37.38 -2.47
C ILE D 462 -19.52 38.45 -2.89
N THR D 463 -19.71 38.62 -4.18
CA THR D 463 -20.65 39.59 -4.71
C THR D 463 -21.69 38.87 -5.55
N PRO D 464 -22.99 39.08 -5.33
CA PRO D 464 -24.07 38.45 -6.04
C PRO D 464 -24.17 39.03 -7.44
N SER D 465 -24.68 38.24 -8.38
CA SER D 465 -24.91 38.69 -9.74
C SER D 465 -26.16 38.03 -10.28
N ASN D 466 -26.46 38.27 -11.56
CA ASN D 466 -27.64 37.66 -12.18
C ASN D 466 -27.36 36.22 -12.62
N GLU D 467 -26.12 35.77 -12.44
CA GLU D 467 -25.70 34.42 -12.78
C GLU D 467 -24.90 33.83 -11.64
N GLY D 468 -25.59 33.43 -10.58
CA GLY D 468 -24.94 32.96 -9.37
C GLY D 468 -24.17 34.08 -8.68
N THR D 469 -22.88 33.83 -8.39
CA THR D 469 -22.05 34.81 -7.69
C THR D 469 -20.67 34.97 -8.30
N LYS D 470 -19.97 36.04 -7.91
CA LYS D 470 -18.58 36.29 -8.27
C LYS D 470 -17.77 36.41 -6.97
N SER D 471 -16.50 36.02 -6.97
CA SER D 471 -15.73 36.12 -5.73
C SER D 471 -14.25 36.35 -5.95
N PHE D 472 -13.56 36.78 -4.89
CA PHE D 472 -12.12 37.02 -4.94
C PHE D 472 -11.43 36.82 -3.59
N VAL D 473 -10.12 36.58 -3.67
CA VAL D 473 -9.26 36.49 -2.49
C VAL D 473 -8.55 37.79 -2.28
N ALA D 474 -8.51 38.28 -1.06
CA ALA D 474 -7.84 39.55 -0.84
C ALA D 474 -7.08 39.63 0.46
N VAL D 475 -6.05 40.47 0.47
CA VAL D 475 -5.29 40.79 1.68
C VAL D 475 -5.31 42.29 1.90
N LYS D 476 -5.78 42.70 3.07
CA LYS D 476 -5.86 44.10 3.42
C LYS D 476 -4.65 44.49 4.25
N ASP D 477 -3.96 45.56 3.87
CA ASP D 477 -2.78 45.96 4.63
C ASP D 477 -3.13 46.99 5.69
N ASP D 478 -2.12 47.48 6.42
CA ASP D 478 -2.37 48.37 7.52
C ASP D 478 -2.52 49.83 7.11
N ALA D 479 -2.50 50.09 5.81
CA ALA D 479 -2.69 51.43 5.28
C ALA D 479 -4.10 51.52 4.70
N GLY D 480 -4.83 50.41 4.77
CA GLY D 480 -6.17 50.35 4.25
C GLY D 480 -6.26 49.95 2.77
N HIS D 481 -5.16 49.50 2.17
CA HIS D 481 -5.20 49.12 0.76
C HIS D 481 -5.55 47.65 0.63
N VAL D 482 -6.25 47.30 -0.44
CA VAL D 482 -6.61 45.90 -0.63
C VAL D 482 -6.12 45.33 -1.94
N ALA D 483 -5.35 44.25 -1.85
CA ALA D 483 -4.89 43.53 -3.03
C ALA D 483 -5.83 42.38 -3.25
N SER D 484 -6.34 42.22 -4.48
CA SER D 484 -7.31 41.16 -4.71
C SER D 484 -7.16 40.46 -6.04
N ILE D 485 -7.44 39.15 -6.04
CA ILE D 485 -7.41 38.30 -7.21
C ILE D 485 -8.67 37.45 -7.35
N THR D 486 -9.29 37.46 -8.54
CA THR D 486 -10.52 36.71 -8.83
C THR D 486 -10.32 35.20 -8.77
N ILE D 487 -11.27 34.49 -8.16
CA ILE D 487 -11.18 33.03 -8.07
C ILE D 487 -12.41 32.27 -8.55
N LEU D 488 -12.21 30.98 -8.78
CA LEU D 488 -13.28 30.04 -9.10
C LEU D 488 -14.23 30.54 -10.19
N PRO D 489 -13.73 30.89 -11.37
CA PRO D 489 -14.49 31.43 -12.49
C PRO D 489 -15.48 30.43 -13.07
N ASN D 490 -15.28 29.14 -12.79
CA ASN D 490 -16.13 28.10 -13.33
C ASN D 490 -17.15 27.55 -12.34
N TYR D 491 -17.34 28.23 -11.21
CA TYR D 491 -18.36 27.80 -10.26
C TYR D 491 -19.56 28.70 -10.34
N TYR D 492 -20.74 28.12 -10.52
CA TYR D 492 -21.94 28.91 -10.58
C TYR D 492 -22.10 29.80 -9.37
N SER D 493 -21.98 29.24 -8.17
CA SER D 493 -22.10 30.09 -6.99
C SER D 493 -21.35 29.58 -5.77
N ILE D 494 -20.87 30.54 -4.98
CA ILE D 494 -20.25 30.29 -3.68
C ILE D 494 -21.00 31.14 -2.66
N THR D 495 -21.40 30.55 -1.54
CA THR D 495 -22.19 31.30 -0.59
C THR D 495 -21.49 31.61 0.75
N SER D 496 -20.38 30.96 1.03
CA SER D 496 -19.69 31.15 2.31
C SER D 496 -18.22 30.81 2.22
N ALA D 497 -17.44 31.22 3.22
CA ALA D 497 -16.02 30.87 3.26
C ALA D 497 -15.43 30.95 4.66
N THR D 498 -14.59 29.96 5.00
CA THR D 498 -13.83 29.98 6.25
C THR D 498 -12.34 29.75 5.97
N ILE D 499 -11.49 30.55 6.60
CA ILE D 499 -10.04 30.47 6.32
C ILE D 499 -9.16 30.07 7.51
N SER D 500 -8.29 29.08 7.29
CA SER D 500 -7.29 28.68 8.28
C SER D 500 -5.89 28.69 7.64
N CYS D 501 -4.91 29.34 8.28
CA CYS D 501 -3.55 29.51 7.73
C CYS D 501 -2.50 28.82 8.60
N PHE D 502 -1.39 28.47 7.97
CA PHE D 502 -0.26 27.77 8.57
C PHE D 502 1.03 28.00 7.78
N MET D 503 2.17 27.62 8.35
CA MET D 503 3.42 27.69 7.60
C MET D 503 3.64 26.40 6.84
N TYR D 504 4.06 26.53 5.59
CA TYR D 504 4.36 25.39 4.73
C TYR D 504 5.49 25.78 3.81
N LYS D 505 6.54 24.97 3.77
CA LYS D 505 7.73 25.29 2.98
C LYS D 505 8.24 26.71 3.28
N GLU D 506 8.23 27.06 4.56
CA GLU D 506 8.69 28.34 5.10
C GLU D 506 8.08 29.64 4.54
N GLU D 507 6.79 29.63 4.29
CA GLU D 507 6.01 30.78 3.88
C GLU D 507 4.58 30.56 4.28
N ILE D 508 3.77 31.61 4.43
CA ILE D 508 2.38 31.36 4.82
C ILE D 508 1.44 30.89 3.71
N TRP D 509 0.78 29.77 3.99
CA TRP D 509 -0.21 29.17 3.12
C TRP D 509 -1.54 29.12 3.84
N CYS D 510 -2.65 29.27 3.10
CA CYS D 510 -4.00 29.26 3.67
C CYS D 510 -4.92 28.32 2.92
N ILE D 511 -5.78 27.64 3.66
CA ILE D 511 -6.81 26.80 3.08
C ILE D 511 -8.18 27.38 3.35
N ALA D 512 -8.95 27.55 2.28
CA ALA D 512 -10.29 28.08 2.37
C ALA D 512 -11.30 27.00 2.09
N VAL D 513 -12.28 26.87 2.97
CA VAL D 513 -13.35 25.90 2.80
C VAL D 513 -14.65 26.63 2.53
N THR D 514 -15.29 26.29 1.42
CA THR D 514 -16.49 27.00 0.99
C THR D 514 -17.66 26.08 0.65
N GLU D 515 -18.86 26.61 0.71
CA GLU D 515 -20.07 25.91 0.29
C GLU D 515 -20.54 26.47 -1.03
N GLY D 516 -20.96 25.61 -1.96
CA GLY D 516 -21.45 26.12 -3.23
C GLY D 516 -21.86 25.06 -4.23
N ARG D 517 -22.05 25.49 -5.47
CA ARG D 517 -22.48 24.64 -6.57
C ARG D 517 -21.65 24.88 -7.81
N LYS D 518 -21.28 23.81 -8.52
CA LYS D 518 -20.60 24.00 -9.79
C LYS D 518 -21.52 24.46 -10.91
N GLN D 519 -22.62 23.73 -11.08
CA GLN D 519 -23.62 24.07 -12.12
C GLN D 519 -24.95 24.42 -11.45
N LYS D 520 -25.72 25.33 -12.04
CA LYS D 520 -26.97 25.79 -11.45
C LYS D 520 -27.89 24.73 -10.84
N GLU D 521 -27.96 23.57 -11.48
CA GLU D 521 -28.87 22.51 -11.04
C GLU D 521 -28.26 21.53 -10.04
N ASN D 522 -27.04 21.77 -9.62
CA ASN D 522 -26.41 20.84 -8.68
C ASN D 522 -26.92 21.08 -7.27
N PRO D 523 -26.86 20.07 -6.40
CA PRO D 523 -27.08 20.16 -4.98
C PRO D 523 -25.87 20.84 -4.36
N GLN D 524 -26.03 21.41 -3.18
CA GLN D 524 -24.93 22.07 -2.51
C GLN D 524 -23.90 21.10 -1.93
N ARG D 525 -22.63 21.40 -2.19
CA ARG D 525 -21.51 20.60 -1.69
C ARG D 525 -20.38 21.46 -1.13
N ILE D 526 -19.52 20.85 -0.33
CA ILE D 526 -18.41 21.54 0.30
C ILE D 526 -17.11 21.31 -0.45
N TYR D 527 -16.41 22.41 -0.76
CA TYR D 527 -15.17 22.38 -1.54
C TYR D 527 -14.02 23.03 -0.78
N ALA D 528 -12.78 22.66 -1.11
CA ALA D 528 -11.63 23.30 -0.45
C ALA D 528 -10.50 23.59 -1.42
N HIS D 529 -9.88 24.75 -1.23
CA HIS D 529 -8.79 25.23 -2.07
C HIS D 529 -7.70 25.91 -1.25
N SER D 530 -6.49 26.01 -1.80
CA SER D 530 -5.39 26.66 -1.09
C SER D 530 -4.67 27.74 -1.89
N TYR D 531 -4.07 28.67 -1.17
CA TYR D 531 -3.31 29.75 -1.77
C TYR D 531 -2.19 30.22 -0.87
N ARG D 532 -1.26 31.01 -1.42
CA ARG D 532 -0.13 31.51 -0.65
C ARG D 532 -0.17 33.02 -0.47
N VAL D 533 0.42 33.48 0.63
CA VAL D 533 0.55 34.90 0.93
C VAL D 533 1.98 35.35 0.74
N GLN D 534 2.19 36.28 -0.17
CA GLN D 534 3.50 36.76 -0.54
C GLN D 534 3.94 37.95 0.30
N LYS D 535 5.22 38.00 0.61
CA LYS D 535 5.79 39.15 1.29
C LYS D 535 6.36 40.10 0.25
N MET D 536 5.99 41.36 0.31
CA MET D 536 6.49 42.33 -0.66
C MET D 536 6.89 43.62 0.05
N CYS D 537 7.80 44.39 -0.56
CA CYS D 537 8.23 45.68 -0.01
C CYS D 537 8.53 46.58 -1.20
N PHE D 538 7.79 47.68 -1.30
CA PHE D 538 7.84 48.56 -2.46
C PHE D 538 8.53 49.89 -2.20
N ASN D 539 9.57 50.15 -2.99
CA ASN D 539 10.30 51.41 -2.91
C ASN D 539 9.57 52.46 -3.77
N ILE D 540 8.94 53.44 -3.11
CA ILE D 540 8.10 54.47 -3.74
C ILE D 540 8.99 55.60 -4.27
C1 NAG E . 7.40 31.83 -41.01
C2 NAG E . 7.99 33.07 -41.78
C3 NAG E . 8.83 33.91 -40.77
C4 NAG E . 7.92 34.35 -39.60
C5 NAG E . 7.33 33.10 -38.91
C6 NAG E . 6.38 33.44 -37.77
C7 NAG E . 8.47 32.55 -44.15
C8 NAG E . 9.38 32.03 -45.21
N2 NAG E . 8.87 32.58 -42.87
O3 NAG E . 9.36 35.07 -41.44
O4 NAG E . 8.70 35.11 -38.67
O5 NAG E . 6.58 32.29 -39.90
O6 NAG E . 6.04 32.28 -37.01
O7 NAG E . 7.33 32.97 -44.46
C1 NAG F . 39.92 -11.13 -32.13
C2 NAG F . 41.02 -10.82 -33.22
C3 NAG F . 40.85 -9.35 -33.68
C4 NAG F . 39.43 -9.15 -34.25
C5 NAG F . 38.38 -9.51 -33.15
C6 NAG F . 36.95 -9.40 -33.65
C7 NAG F . 43.10 -12.10 -32.81
C8 NAG F . 44.43 -12.24 -32.15
N2 NAG F . 42.35 -11.00 -32.60
O3 NAG F . 41.82 -9.05 -34.69
O4 NAG F . 39.26 -7.80 -34.66
O5 NAG F . 38.59 -10.91 -32.70
O6 NAG F . 36.02 -9.50 -32.57
O7 NAG F . 42.68 -13.01 -33.56
C1 NAG G . 48.50 5.94 19.02
C2 NAG G . 50.07 6.16 18.95
C3 NAG G . 50.48 6.16 17.45
C4 NAG G . 50.06 4.82 16.80
C5 NAG G . 48.52 4.64 16.94
C6 NAG G . 48.03 3.32 16.37
C7 NAG G . 50.90 7.56 20.80
C8 NAG G . 51.20 8.90 21.38
N2 NAG G . 50.39 7.46 19.56
O3 NAG G . 51.90 6.32 17.34
O4 NAG G . 50.42 4.84 15.42
O5 NAG G . 48.15 4.68 18.37
O6 NAG G . 46.60 3.29 16.30
O7 NAG G . 51.12 6.53 21.47
C1 NAG H . 15.99 48.90 10.14
C2 NAG H . 17.04 50.06 10.38
C3 NAG H . 18.46 49.42 10.36
C4 NAG H . 18.56 48.33 11.45
C5 NAG H . 17.47 47.25 11.19
C6 NAG H . 17.46 46.16 12.25
C7 NAG H . 16.27 52.21 9.46
C8 NAG H . 16.15 53.18 8.33
N2 NAG H . 16.90 51.05 9.29
O3 NAG H . 19.44 50.44 10.60
O4 NAG H . 19.85 47.74 11.40
O5 NAG H . 16.13 47.88 11.18
O6 NAG H . 16.62 45.07 11.87
O7 NAG H . 15.78 52.50 10.57
#